data_7XQ8
#
_entry.id   7XQ8
#
_cell.length_a   1.00
_cell.length_b   1.00
_cell.length_c   1.00
_cell.angle_alpha   90.00
_cell.angle_beta   90.00
_cell.angle_gamma   90.00
#
_symmetry.space_group_name_H-M   'P 1'
#
loop_
_entity.id
_entity.type
_entity.pdbx_description
1 polymer 'Chimera of Heavy chain of VRC01 antibody Fab and Isoform 2 of Immunoglobulin heavy constant mu'
2 polymer 'Light chain of Fab fragments of the VRC01 antibody,Immunoglobulin kappa constant'
3 polymer 'B-cell antigen receptor complex-associated protein alpha chain'
4 polymer 'B-cell antigen receptor complex-associated protein beta chain'
5 non-polymer 2-acetamido-2-deoxy-beta-D-glucopyranose
#
loop_
_entity_poly.entity_id
_entity_poly.type
_entity_poly.pdbx_seq_one_letter_code
_entity_poly.pdbx_strand_id
1 'polypeptide(L)'
;MEFGLSWLFLVAILKGVQCQVQLVQSGGQMKKPGESMRISCRASGYEFIDCTLNWIRLAPGKRPEWMGWLKPRGGAVNYA
RPLQGRVTMTRDVYSDTAFLELRSLTVDDTAVYFCTRGKNCDYNWDFEHWGRGTPVIVSSGSASAPTLFPLVSCENSPSD
TSSVAVGCLAQDFLPDSITFSWKYKNNSDISSTRGFPSVLRGGKYAATSQVLLPSKDVMQGTDEHVVCKVQHPNGNKEKN
VPLPVIAELPPKVSVFVPPRDGFFGNPRKSKLICQATGFSPRQIQVSWLREGKQVGSGVTTDQVQAEAKESGPTTYKVTS
TLTIKESDWLGQSMFTCRVDHRGLTFQQNASSMCVPDQDTAIRVFAIPPSFASIFLTKSTKLTCLVTDLTTYDSVTISWT
RQNGEAVKTHTNISESHPNATFSAVGEASICEDDWNSGERFTCTVTHTDLPSPLKQTISRPKGVALHRPDVYLLPPAREQ
LNLRESATITCLVTGFSPADVFVQWMQRGQPLSPEKYVTSAPMPEPQAPGRYFAHSILTVSEEEWNTGETYTCVVAHEAL
PNRVTERTVDKSTEGEVSADEEGFENLWATASTFIVLFLLSLFYSTTVTLFKVK
;
C,v
2 'polypeptide(L)'
;MVLQTQVFISLLLWISGAYGGSDYKDDDDKGSPGDEVDAGEIVLTQSPGTLSLSPGETAIISCRTSQYGSLAWYQQRPGQ
APRLVIYSGSTRAAGIPDRFSGSRWGPDYNLTISNLESGDFGVYYCQQYEFFGQGTKVQVDIKRTVAAPSVFIFPPSDEQ
LKSGTASVVCLLNNFYPREAKVQWKVDNALQSGNSQESVTEQDSKDSTYSLSSTLTLSKADYEKHKVYACEVTHQGLSSP
VTKSFNRGEC
;
L,R
3 'polypeptide(L)'
;MPGGPGVLQALPATIFLLFLLSAVYLGPGCQALWMHKVPASLMVSLGEDAHFQCPHNSSNNANVTWWRVLHGNYTWPPEF
LGPGEDPNGTLIIQNVNKSHGGIYVCRVQEGNESYQQSCGTYLRVRQPPPRPFLDMGEGTKNRIITAEGIILLFCAVVPG
TLLLFRKRWQNEKLGLDAGDEYEDENLYEGLNLDDCSMYEDISRGLQGTYQDVGSLNIGDVQLEKPAAAWSHPQFEKGGG
SGGGSGGSAWSHPQFEK
;
A
4 'polypeptide(L)'
;MARLALSPVPSHWMVALLLLLSAEPVPAARSEDRYRNPKGSACSRIWQSPRFIARKRGFTVKMHCYMNSASGNVSWLWKQ
EMDENPQQLKLEKGRMEESQNESLATLTIQGIRFEDNGIYFCQQKCNNTSEVYQGCGTELRVMGFSTLAQLKQRNTLKDG
IIMIQTLLIILFIIVPIFLLLDKDDSKAGMEEDHTYEGLDIDQTATYEDIVTLRTGEVKWSVGEHPGQEAAAWSHPQFEK
GGGSGGGSGGSAWSHPQFEK
;
B
#
loop_
_chem_comp.id
_chem_comp.type
_chem_comp.name
_chem_comp.formula
NAG D-saccharide, beta linking 2-acetamido-2-deoxy-beta-D-glucopyranose 'C8 H15 N O6'
#
# COMPACT_ATOMS: atom_id res chain seq x y z
N GLN A 20 84.91 -43.32 17.05
CA GLN A 20 85.03 -43.50 18.50
C GLN A 20 84.27 -42.42 19.25
N VAL A 21 83.92 -41.34 18.54
CA VAL A 21 83.17 -40.23 19.14
C VAL A 21 81.73 -40.67 19.38
N GLN A 22 81.26 -40.48 20.62
CA GLN A 22 79.90 -40.85 20.98
C GLN A 22 79.40 -39.92 22.07
N LEU A 23 78.12 -39.58 22.01
CA LEU A 23 77.47 -38.71 23.00
C LEU A 23 76.46 -39.52 23.80
N VAL A 24 76.54 -39.42 25.12
CA VAL A 24 75.67 -40.15 26.03
C VAL A 24 74.83 -39.12 26.78
N GLN A 25 73.52 -39.29 26.74
CA GLN A 25 72.59 -38.39 27.42
C GLN A 25 71.94 -39.10 28.60
N SER A 26 71.33 -38.31 29.48
CA SER A 26 70.67 -38.84 30.65
C SER A 26 69.32 -39.42 30.26
N GLY A 27 68.61 -40.01 31.23
CA GLY A 27 67.32 -40.61 30.97
C GLY A 27 66.20 -39.57 30.88
N GLY A 28 65.03 -40.05 30.45
CA GLY A 28 63.89 -39.16 30.32
C GLY A 28 63.33 -38.76 31.67
N GLN A 29 62.67 -37.60 31.69
CA GLN A 29 62.08 -37.07 32.90
C GLN A 29 60.69 -36.54 32.60
N MET A 30 59.76 -36.76 33.53
CA MET A 30 58.39 -36.26 33.42
C MET A 30 58.24 -35.11 34.39
N LYS A 31 58.14 -33.89 33.85
CA LYS A 31 58.06 -32.68 34.65
C LYS A 31 56.65 -32.10 34.62
N LYS A 32 56.43 -31.11 35.48
CA LYS A 32 55.17 -30.40 35.59
C LYS A 32 55.40 -28.91 35.43
N PRO A 33 54.35 -28.14 35.11
CA PRO A 33 54.53 -26.69 34.95
C PRO A 33 55.06 -26.04 36.22
N GLY A 34 55.96 -25.09 36.05
CA GLY A 34 56.62 -24.41 37.15
C GLY A 34 57.91 -25.06 37.59
N GLU A 35 58.06 -26.38 37.39
CA GLU A 35 59.26 -27.08 37.80
C GLU A 35 60.37 -26.85 36.77
N SER A 36 61.53 -27.45 37.05
CA SER A 36 62.70 -27.33 36.18
C SER A 36 63.26 -28.72 35.88
N MET A 37 63.94 -28.82 34.74
CA MET A 37 64.53 -30.07 34.29
C MET A 37 66.04 -29.88 34.09
N ARG A 38 66.78 -30.98 34.29
CA ARG A 38 68.22 -30.98 34.13
C ARG A 38 68.61 -32.19 33.31
N ILE A 39 69.46 -31.97 32.30
CA ILE A 39 69.90 -33.03 31.40
C ILE A 39 71.42 -33.00 31.32
N SER A 40 72.03 -34.19 31.31
CA SER A 40 73.47 -34.34 31.21
C SER A 40 73.84 -34.92 29.85
N CYS A 41 74.99 -34.48 29.33
CA CYS A 41 75.48 -34.91 28.01
C CYS A 41 76.97 -35.20 28.14
N ARG A 42 77.31 -36.48 28.23
CA ARG A 42 78.71 -36.89 28.34
C ARG A 42 79.29 -37.16 26.96
N ALA A 43 80.48 -36.63 26.71
CA ALA A 43 81.18 -36.80 25.44
C ALA A 43 82.43 -37.63 25.64
N SER A 44 82.74 -38.50 24.68
CA SER A 44 83.90 -39.37 24.73
C SER A 44 84.43 -39.59 23.32
N GLY A 45 85.68 -40.03 23.24
CA GLY A 45 86.32 -40.28 21.97
C GLY A 45 87.01 -39.11 21.34
N TYR A 46 86.96 -37.93 21.97
CA TYR A 46 87.60 -36.74 21.43
C TYR A 46 87.84 -35.76 22.58
N GLU A 47 88.60 -34.71 22.28
CA GLU A 47 88.92 -33.70 23.27
C GLU A 47 87.70 -32.84 23.52
N PHE A 48 87.23 -32.80 24.77
CA PHE A 48 86.03 -32.04 25.10
C PHE A 48 86.24 -30.55 24.90
N ILE A 49 87.41 -30.04 25.25
CA ILE A 49 87.69 -28.61 25.19
C ILE A 49 87.95 -28.18 23.75
N ASP A 50 88.03 -29.14 22.84
CA ASP A 50 88.30 -28.84 21.44
C ASP A 50 87.04 -28.45 20.69
N CYS A 51 86.00 -29.29 20.73
CA CYS A 51 84.77 -29.03 20.01
C CYS A 51 83.73 -28.42 20.94
N THR A 52 82.78 -27.71 20.34
CA THR A 52 81.70 -27.07 21.09
C THR A 52 80.42 -27.89 20.98
N LEU A 53 79.67 -27.96 22.06
CA LEU A 53 78.44 -28.72 22.13
C LEU A 53 77.23 -27.80 22.03
N ASN A 54 76.19 -28.29 21.35
CA ASN A 54 74.96 -27.53 21.16
C ASN A 54 73.78 -28.38 21.62
N TRP A 55 72.71 -27.69 22.02
CA TRP A 55 71.50 -28.32 22.52
C TRP A 55 70.39 -28.12 21.49
N ILE A 56 69.74 -29.22 21.09
CA ILE A 56 68.66 -29.20 20.12
C ILE A 56 67.47 -29.95 20.70
N ARG A 57 66.29 -29.34 20.61
CA ARG A 57 65.04 -29.94 21.07
C ARG A 57 64.12 -30.13 19.88
N LEU A 58 63.57 -31.33 19.74
CA LEU A 58 62.71 -31.69 18.62
C LEU A 58 61.29 -31.91 19.14
N ALA A 59 60.42 -30.95 18.89
CA ALA A 59 59.01 -31.05 19.25
C ALA A 59 58.19 -31.57 18.07
N PRO A 60 57.34 -32.56 18.29
CA PRO A 60 56.52 -33.09 17.19
C PRO A 60 55.62 -32.02 16.59
N GLY A 61 55.48 -32.05 15.27
CA GLY A 61 54.67 -31.07 14.58
C GLY A 61 55.28 -29.69 14.52
N LYS A 62 56.58 -29.56 14.79
CA LYS A 62 57.26 -28.27 14.78
C LYS A 62 58.67 -28.45 14.26
N ARG A 63 59.25 -27.35 13.78
CA ARG A 63 60.61 -27.38 13.26
C ARG A 63 61.61 -27.55 14.40
N PRO A 64 62.78 -28.12 14.14
CA PRO A 64 63.79 -28.25 15.19
C PRO A 64 64.24 -26.88 15.70
N GLU A 65 64.50 -26.81 17.00
CA GLU A 65 64.91 -25.58 17.65
C GLU A 65 66.23 -25.80 18.36
N TRP A 66 67.19 -24.91 18.14
CA TRP A 66 68.49 -24.97 18.80
C TRP A 66 68.46 -24.09 20.04
N MET A 67 68.70 -24.70 21.21
CA MET A 67 68.65 -23.98 22.47
C MET A 67 69.91 -23.17 22.75
N GLY A 68 70.99 -23.41 22.01
CA GLY A 68 72.22 -22.66 22.22
C GLY A 68 73.42 -23.57 22.14
N TRP A 69 74.59 -22.94 22.09
CA TRP A 69 75.87 -23.64 22.05
C TRP A 69 76.69 -23.27 23.27
N LEU A 70 77.53 -24.22 23.69
CA LEU A 70 78.37 -24.05 24.87
C LEU A 70 79.81 -24.42 24.51
N LYS A 71 80.75 -23.60 24.99
CA LYS A 71 82.17 -23.85 24.76
C LYS A 71 82.77 -24.47 26.00
N PRO A 72 83.27 -25.71 25.94
CA PRO A 72 83.86 -26.31 27.14
C PRO A 72 85.06 -25.56 27.68
N ARG A 73 85.85 -24.93 26.82
CA ARG A 73 87.03 -24.18 27.25
C ARG A 73 86.59 -22.79 27.68
N GLY A 74 86.61 -22.54 29.00
CA GLY A 74 86.24 -21.27 29.55
C GLY A 74 84.79 -21.14 29.96
N GLY A 75 83.93 -22.08 29.55
CA GLY A 75 82.54 -22.03 29.92
C GLY A 75 81.70 -21.05 29.14
N ALA A 76 82.20 -20.52 28.03
CA ALA A 76 81.44 -19.57 27.23
C ALA A 76 80.22 -20.25 26.61
N VAL A 77 79.07 -19.57 26.72
CA VAL A 77 77.81 -20.08 26.20
C VAL A 77 77.09 -18.97 25.45
N ASN A 78 76.15 -19.37 24.60
CA ASN A 78 75.36 -18.41 23.83
C ASN A 78 73.98 -19.03 23.61
N TYR A 79 73.02 -18.65 24.44
CA TYR A 79 71.67 -19.19 24.36
C TYR A 79 70.83 -18.41 23.37
N ALA A 80 69.83 -19.07 22.81
CA ALA A 80 68.93 -18.42 21.86
C ALA A 80 68.10 -17.35 22.54
N ARG A 81 67.71 -16.34 21.76
CA ARG A 81 66.91 -15.23 22.26
C ARG A 81 65.59 -15.73 22.83
N PRO A 82 64.88 -16.62 22.12
CA PRO A 82 63.62 -17.14 22.66
C PRO A 82 63.77 -17.87 23.98
N LEU A 83 64.90 -18.55 24.21
CA LEU A 83 65.15 -19.26 25.45
C LEU A 83 66.06 -18.49 26.41
N GLN A 84 66.37 -17.23 26.11
CA GLN A 84 67.24 -16.45 26.97
C GLN A 84 66.55 -16.14 28.30
N GLY A 85 67.26 -16.39 29.40
CA GLY A 85 66.76 -16.15 30.74
C GLY A 85 66.17 -17.39 31.39
N ARG A 86 65.82 -18.40 30.60
CA ARG A 86 65.26 -19.64 31.12
C ARG A 86 66.16 -20.85 30.89
N VAL A 87 67.23 -20.71 30.12
CA VAL A 87 68.13 -21.81 29.82
C VAL A 87 69.47 -21.56 30.49
N THR A 88 70.02 -22.61 31.08
CA THR A 88 71.32 -22.55 31.76
C THR A 88 72.19 -23.69 31.24
N MET A 89 73.41 -23.37 30.84
CA MET A 89 74.35 -24.33 30.28
C MET A 89 75.57 -24.42 31.17
N THR A 90 75.91 -25.63 31.60
CA THR A 90 77.07 -25.89 32.43
C THR A 90 77.80 -27.12 31.89
N ARG A 91 79.08 -27.26 32.26
CA ARG A 91 79.88 -28.38 31.80
C ARG A 91 80.99 -28.64 32.81
N ASP A 92 81.53 -29.85 32.77
CA ASP A 92 82.63 -30.27 33.63
C ASP A 92 83.78 -30.72 32.72
N VAL A 93 84.89 -29.98 32.76
CA VAL A 93 86.03 -30.31 31.91
C VAL A 93 86.62 -31.65 32.31
N TYR A 94 86.77 -31.89 33.61
CA TYR A 94 87.34 -33.14 34.08
C TYR A 94 86.45 -34.34 33.73
N SER A 95 85.14 -34.19 33.91
CA SER A 95 84.21 -35.27 33.60
C SER A 95 83.81 -35.34 32.14
N ASP A 96 84.14 -34.31 31.35
CA ASP A 96 83.80 -34.26 29.93
C ASP A 96 82.30 -34.43 29.71
N THR A 97 81.49 -33.82 30.59
CA THR A 97 80.04 -33.89 30.51
C THR A 97 79.45 -32.49 30.58
N ALA A 98 78.43 -32.24 29.77
CA ALA A 98 77.74 -30.96 29.74
C ALA A 98 76.39 -31.07 30.44
N PHE A 99 75.87 -29.92 30.86
CA PHE A 99 74.60 -29.86 31.58
C PHE A 99 73.73 -28.79 30.96
N LEU A 100 72.41 -29.03 30.98
CA LEU A 100 71.43 -28.09 30.46
C LEU A 100 70.28 -28.00 31.44
N GLU A 101 69.99 -26.79 31.91
CA GLU A 101 68.91 -26.56 32.87
C GLU A 101 67.88 -25.63 32.27
N LEU A 102 66.61 -26.03 32.35
CA LEU A 102 65.50 -25.24 31.82
C LEU A 102 64.47 -25.05 32.93
N ARG A 103 64.40 -23.84 33.46
CA ARG A 103 63.46 -23.52 34.52
C ARG A 103 62.17 -22.95 33.95
N SER A 104 61.14 -22.89 34.79
CA SER A 104 59.81 -22.41 34.42
C SER A 104 59.28 -23.18 33.21
N LEU A 105 59.30 -24.50 33.34
CA LEU A 105 58.84 -25.37 32.27
C LEU A 105 57.33 -25.23 32.07
N THR A 106 56.91 -25.42 30.81
CA THR A 106 55.50 -25.30 30.45
C THR A 106 55.13 -26.46 29.54
N VAL A 107 53.86 -26.50 29.15
CA VAL A 107 53.36 -27.55 28.27
C VAL A 107 54.00 -27.47 26.88
N ASP A 108 54.29 -26.26 26.41
CA ASP A 108 54.90 -26.09 25.09
C ASP A 108 56.35 -26.54 25.06
N ASP A 109 56.99 -26.73 26.22
CA ASP A 109 58.37 -27.17 26.28
C ASP A 109 58.52 -28.68 26.20
N THR A 110 57.43 -29.43 26.12
CA THR A 110 57.50 -30.88 26.05
C THR A 110 58.07 -31.30 24.70
N ALA A 111 59.33 -31.74 24.70
CA ALA A 111 60.01 -32.15 23.48
C ALA A 111 61.16 -33.07 23.88
N VAL A 112 61.87 -33.59 22.88
CA VAL A 112 63.00 -34.47 23.09
C VAL A 112 64.27 -33.66 22.99
N TYR A 113 65.01 -33.56 24.10
CA TYR A 113 66.25 -32.79 24.14
C TYR A 113 67.42 -33.68 23.76
N PHE A 114 68.19 -33.26 22.77
CA PHE A 114 69.34 -34.00 22.28
C PHE A 114 70.56 -33.10 22.20
N CYS A 115 71.73 -33.71 22.40
CA CYS A 115 73.00 -33.01 22.33
C CYS A 115 73.71 -33.41 21.04
N THR A 116 74.18 -32.40 20.30
CA THR A 116 74.82 -32.62 19.01
C THR A 116 76.19 -31.97 19.01
N ARG A 117 77.11 -32.58 18.24
CA ARG A 117 78.46 -32.07 18.09
C ARG A 117 78.80 -32.01 16.61
N GLY A 118 79.61 -31.03 16.24
CA GLY A 118 79.97 -30.86 14.84
C GLY A 118 80.87 -31.97 14.34
N LYS A 119 80.82 -32.19 13.03
CA LYS A 119 81.68 -33.19 12.40
C LYS A 119 83.16 -32.82 12.56
N ASN A 120 83.48 -31.54 12.42
CA ASN A 120 84.84 -31.05 12.59
C ASN A 120 84.81 -29.83 13.49
N CYS A 121 85.96 -29.58 14.14
CA CYS A 121 86.07 -28.44 15.07
C CYS A 121 85.92 -27.10 14.36
N ASP A 122 86.15 -27.04 13.05
CA ASP A 122 86.05 -25.78 12.33
C ASP A 122 84.60 -25.36 12.11
N TYR A 123 83.69 -26.31 11.90
CA TYR A 123 82.29 -26.02 11.64
C TYR A 123 81.44 -26.77 12.66
N ASN A 124 80.86 -26.04 13.61
CA ASN A 124 80.00 -26.67 14.60
C ASN A 124 78.58 -26.86 14.07
N TRP A 125 78.25 -26.18 12.97
CA TRP A 125 76.92 -26.27 12.38
C TRP A 125 76.63 -27.64 11.76
N ASP A 126 77.65 -28.34 11.27
CA ASP A 126 77.48 -29.65 10.65
C ASP A 126 77.43 -30.71 11.75
N PHE A 127 76.28 -30.79 12.42
CA PHE A 127 76.09 -31.73 13.51
C PHE A 127 75.95 -33.15 12.98
N GLU A 128 77.05 -33.89 12.94
CA GLU A 128 77.04 -35.27 12.46
C GLU A 128 76.85 -36.27 13.60
N HIS A 129 77.39 -35.98 14.78
CA HIS A 129 77.26 -36.85 15.94
C HIS A 129 76.20 -36.28 16.88
N TRP A 130 75.17 -37.08 17.16
CA TRP A 130 74.09 -36.69 18.05
C TRP A 130 73.82 -37.79 19.05
N GLY A 131 73.38 -37.39 20.24
CA GLY A 131 73.06 -38.34 21.28
C GLY A 131 71.73 -39.03 21.06
N ARG A 132 71.45 -40.00 21.94
CA ARG A 132 70.19 -40.74 21.86
C ARG A 132 68.98 -39.88 22.18
N GLY A 133 69.15 -38.78 22.91
CA GLY A 133 68.04 -37.90 23.23
C GLY A 133 67.40 -38.24 24.56
N THR A 134 66.88 -37.21 25.21
CA THR A 134 66.20 -37.35 26.50
C THR A 134 64.80 -36.76 26.40
N PRO A 135 63.78 -37.56 26.08
CA PRO A 135 62.42 -37.01 25.98
C PRO A 135 61.95 -36.46 27.32
N VAL A 136 61.19 -35.37 27.26
CA VAL A 136 60.65 -34.71 28.44
C VAL A 136 59.16 -34.49 28.19
N ILE A 137 58.32 -35.09 29.04
CA ILE A 137 56.87 -34.96 28.95
C ILE A 137 56.40 -34.03 30.06
N VAL A 138 55.72 -32.96 29.68
CA VAL A 138 55.21 -31.99 30.64
C VAL A 138 53.69 -31.92 30.55
N SER A 139 53.00 -32.53 31.51
CA SER A 139 51.55 -32.54 31.58
C SER A 139 50.94 -33.10 30.30
N SER A 140 51.23 -34.36 30.00
CA SER A 140 50.73 -35.02 28.80
C SER A 140 49.20 -35.15 28.83
N GLY A 141 48.63 -35.47 29.98
CA GLY A 141 47.19 -35.63 30.12
C GLY A 141 46.41 -34.39 29.77
N SER A 142 45.28 -34.58 29.07
CA SER A 142 44.45 -33.44 28.69
C SER A 142 43.77 -32.83 29.91
N ALA A 143 43.79 -31.50 29.99
CA ALA A 143 43.20 -30.79 31.10
C ALA A 143 41.80 -30.28 30.75
N SER A 144 41.69 -29.54 29.66
CA SER A 144 40.40 -28.97 29.26
C SER A 144 39.48 -30.05 28.72
N ALA A 145 38.21 -29.98 29.12
CA ALA A 145 37.23 -30.93 28.64
C ALA A 145 36.81 -30.60 27.21
N PRO A 146 36.77 -31.59 26.33
CA PRO A 146 36.37 -31.33 24.95
C PRO A 146 34.91 -30.93 24.85
N THR A 147 34.62 -30.09 23.87
CA THR A 147 33.26 -29.65 23.59
C THR A 147 32.73 -30.36 22.36
N LEU A 148 31.60 -31.04 22.50
CA LEU A 148 31.05 -31.88 21.44
C LEU A 148 29.92 -31.14 20.72
N PHE A 149 30.04 -31.03 19.41
CA PHE A 149 29.01 -30.42 18.57
C PHE A 149 28.73 -31.36 17.40
N PRO A 150 27.50 -31.83 17.24
CA PRO A 150 27.20 -32.75 16.13
C PRO A 150 27.35 -32.07 14.78
N LEU A 151 27.74 -32.86 13.79
CA LEU A 151 27.92 -32.39 12.41
C LEU A 151 26.94 -33.13 11.51
N VAL A 152 26.16 -32.38 10.73
CA VAL A 152 25.16 -32.92 9.83
C VAL A 152 25.54 -32.55 8.40
N SER A 153 25.34 -33.48 7.47
CA SER A 153 25.65 -33.22 6.07
C SER A 153 24.82 -32.06 5.55
N CYS A 154 25.49 -31.13 4.87
CA CYS A 154 24.83 -29.93 4.37
C CYS A 154 24.30 -30.07 2.95
N GLU A 155 24.97 -30.86 2.10
CA GLU A 155 24.60 -31.01 0.71
C GLU A 155 24.04 -32.40 0.49
N ASN A 156 22.83 -32.48 -0.05
CA ASN A 156 22.20 -33.75 -0.40
C ASN A 156 22.74 -34.19 -1.77
N SER A 157 23.83 -34.95 -1.73
CA SER A 157 24.51 -35.38 -2.93
C SER A 157 23.60 -36.31 -3.74
N PRO A 158 23.31 -36.00 -5.00
CA PRO A 158 22.46 -36.88 -5.80
C PRO A 158 23.21 -37.90 -6.64
N SER A 159 24.53 -38.04 -6.44
CA SER A 159 25.36 -38.95 -7.22
C SER A 159 25.55 -40.24 -6.43
N ASP A 160 24.55 -41.11 -6.47
CA ASP A 160 24.60 -42.43 -5.83
C ASP A 160 24.98 -42.33 -4.36
N THR A 161 24.14 -41.64 -3.61
CA THR A 161 24.34 -41.47 -2.17
C THR A 161 23.71 -42.65 -1.45
N SER A 162 24.41 -43.79 -1.47
CA SER A 162 23.91 -45.00 -0.83
C SER A 162 24.24 -44.98 0.66
N SER A 163 25.06 -44.03 1.08
CA SER A 163 25.44 -43.90 2.48
C SER A 163 25.28 -42.45 2.91
N VAL A 164 24.75 -42.25 4.11
CA VAL A 164 24.55 -40.92 4.67
C VAL A 164 25.68 -40.65 5.66
N ALA A 165 26.37 -39.53 5.47
CA ALA A 165 27.52 -39.17 6.28
C ALA A 165 27.08 -38.26 7.43
N VAL A 166 27.33 -38.71 8.66
CA VAL A 166 27.04 -37.93 9.86
C VAL A 166 28.33 -37.79 10.65
N GLY A 167 28.48 -36.65 11.33
CA GLY A 167 29.71 -36.35 12.01
C GLY A 167 29.47 -35.78 13.40
N CYS A 168 30.54 -35.74 14.18
CA CYS A 168 30.55 -35.16 15.51
C CYS A 168 31.87 -34.45 15.71
N LEU A 169 31.81 -33.17 16.07
CA LEU A 169 33.01 -32.33 16.19
C LEU A 169 33.36 -32.12 17.65
N ALA A 170 34.61 -32.36 17.99
CA ALA A 170 35.12 -32.13 19.34
C ALA A 170 36.09 -30.95 19.31
N GLN A 171 35.84 -29.97 20.18
CA GLN A 171 36.66 -28.76 20.22
C GLN A 171 37.00 -28.42 21.67
N ASP A 172 37.88 -27.42 21.81
CA ASP A 172 38.34 -26.94 23.11
C ASP A 172 38.97 -28.05 23.95
N PHE A 173 39.75 -28.92 23.32
CA PHE A 173 40.43 -30.00 24.02
C PHE A 173 41.91 -29.69 24.19
N LEU A 174 42.40 -29.87 25.41
CA LEU A 174 43.80 -29.62 25.73
C LEU A 174 44.67 -30.78 25.25
N PRO A 175 45.97 -30.52 25.03
CA PRO A 175 46.90 -31.56 24.53
C PRO A 175 46.34 -32.35 23.36
N ASP A 176 46.52 -33.68 23.39
CA ASP A 176 45.99 -34.53 22.34
C ASP A 176 45.62 -35.91 22.88
N SER A 177 44.35 -36.09 23.26
CA SER A 177 43.89 -37.38 23.74
C SER A 177 42.37 -37.43 23.51
N ILE A 178 41.96 -38.11 22.44
CA ILE A 178 40.55 -38.22 22.08
C ILE A 178 40.30 -39.57 21.46
N THR A 179 39.24 -40.24 21.91
CA THR A 179 38.81 -41.52 21.35
C THR A 179 37.35 -41.40 20.98
N PHE A 180 37.03 -41.67 19.71
CA PHE A 180 35.69 -41.48 19.19
C PHE A 180 35.00 -42.83 19.00
N SER A 181 33.79 -42.94 19.53
CA SER A 181 32.98 -44.14 19.38
C SER A 181 31.55 -43.73 19.03
N TRP A 182 30.94 -44.50 18.13
CA TRP A 182 29.59 -44.23 17.67
C TRP A 182 28.71 -45.45 17.91
N LYS A 183 27.54 -45.21 18.51
CA LYS A 183 26.58 -46.27 18.80
C LYS A 183 25.18 -45.76 18.51
N TYR A 184 24.30 -46.69 18.15
CA TYR A 184 22.92 -46.34 17.85
C TYR A 184 22.11 -46.23 19.14
N LYS A 185 20.81 -45.93 18.98
CA LYS A 185 19.93 -45.85 20.14
C LYS A 185 19.75 -47.21 20.80
N ASN A 186 19.91 -48.29 20.05
CA ASN A 186 19.84 -49.64 20.58
C ASN A 186 21.17 -50.15 21.11
N ASN A 187 22.11 -49.25 21.41
CA ASN A 187 23.43 -49.55 21.94
C ASN A 187 24.29 -50.37 20.98
N SER A 188 23.91 -50.44 19.71
CA SER A 188 24.70 -51.18 18.73
C SER A 188 25.84 -50.31 18.22
N ASP A 189 27.06 -50.81 18.36
CA ASP A 189 28.24 -50.05 17.93
C ASP A 189 28.31 -49.97 16.41
N ILE A 190 28.75 -48.82 15.92
CA ILE A 190 28.90 -48.60 14.48
C ILE A 190 30.37 -48.79 14.12
N SER A 191 30.64 -49.70 13.19
CA SER A 191 32.00 -49.99 12.78
C SER A 191 32.46 -49.12 11.61
N SER A 192 31.52 -48.47 10.91
CA SER A 192 31.88 -47.63 9.77
C SER A 192 32.19 -46.21 10.21
N THR A 193 33.10 -46.05 11.16
CA THR A 193 33.48 -44.75 11.68
C THR A 193 34.84 -44.34 11.13
N ARG A 194 34.94 -43.09 10.69
CA ARG A 194 36.17 -42.53 10.13
C ARG A 194 36.43 -41.18 10.79
N GLY A 195 37.46 -41.12 11.62
CA GLY A 195 37.81 -39.90 12.30
C GLY A 195 38.86 -39.09 11.56
N PHE A 196 39.01 -37.83 11.96
CA PHE A 196 39.96 -36.93 11.35
C PHE A 196 41.10 -36.61 12.32
N PRO A 197 42.28 -36.25 11.82
CA PRO A 197 43.39 -35.92 12.71
C PRO A 197 43.10 -34.68 13.54
N SER A 198 43.69 -34.65 14.73
CA SER A 198 43.49 -33.52 15.62
C SER A 198 44.14 -32.26 15.05
N VAL A 199 43.44 -31.14 15.17
CA VAL A 199 43.91 -29.84 14.69
C VAL A 199 43.89 -28.86 15.85
N LEU A 200 45.01 -28.17 16.06
CA LEU A 200 45.13 -27.21 17.14
C LEU A 200 44.80 -25.81 16.63
N ARG A 201 43.85 -25.14 17.27
CA ARG A 201 43.44 -23.79 16.88
C ARG A 201 43.28 -22.96 18.16
N GLY A 202 44.00 -21.85 18.24
CA GLY A 202 43.92 -20.98 19.39
C GLY A 202 44.36 -21.62 20.69
N GLY A 203 45.38 -22.48 20.63
CA GLY A 203 45.87 -23.14 21.81
C GLY A 203 45.09 -24.34 22.27
N LYS A 204 44.03 -24.71 21.55
CA LYS A 204 43.21 -25.86 21.89
C LYS A 204 43.09 -26.78 20.68
N TYR A 205 43.08 -28.08 20.94
CA TYR A 205 42.99 -29.07 19.90
C TYR A 205 41.53 -29.34 19.52
N ALA A 206 41.30 -29.49 18.21
CA ALA A 206 39.98 -29.77 17.68
C ALA A 206 40.03 -31.02 16.83
N ALA A 207 39.10 -31.94 17.07
CA ALA A 207 39.05 -33.20 16.33
C ALA A 207 37.61 -33.44 15.88
N THR A 208 37.47 -34.18 14.78
CA THR A 208 36.16 -34.51 14.24
C THR A 208 36.12 -36.00 13.91
N SER A 209 34.93 -36.58 14.09
CA SER A 209 34.69 -37.98 13.78
C SER A 209 33.49 -38.09 12.85
N GLN A 210 33.61 -38.94 11.84
CA GLN A 210 32.56 -39.13 10.85
C GLN A 210 32.22 -40.61 10.73
N VAL A 211 30.93 -40.89 10.50
CA VAL A 211 30.44 -42.24 10.36
C VAL A 211 29.48 -42.27 9.17
N LEU A 212 29.57 -43.31 8.35
CA LEU A 212 28.71 -43.50 7.20
C LEU A 212 27.66 -44.56 7.54
N LEU A 213 26.39 -44.16 7.49
CA LEU A 213 25.30 -45.08 7.81
C LEU A 213 24.58 -45.50 6.54
N PRO A 214 24.06 -46.73 6.47
CA PRO A 214 23.32 -47.14 5.28
C PRO A 214 22.04 -46.33 5.11
N SER A 215 21.65 -46.11 3.85
CA SER A 215 20.43 -45.37 3.58
C SER A 215 19.20 -46.12 4.05
N LYS A 216 19.15 -47.44 3.83
CA LYS A 216 18.00 -48.23 4.28
C LYS A 216 17.87 -48.22 5.79
N ASP A 217 18.99 -48.36 6.50
CA ASP A 217 18.96 -48.35 7.96
C ASP A 217 18.49 -47.00 8.50
N VAL A 218 18.93 -45.90 7.89
CA VAL A 218 18.50 -44.58 8.35
C VAL A 218 17.02 -44.36 8.03
N MET A 219 16.58 -44.78 6.85
CA MET A 219 15.20 -44.57 6.43
C MET A 219 14.20 -45.42 7.20
N GLN A 220 14.53 -46.67 7.51
CA GLN A 220 13.60 -47.57 8.18
C GLN A 220 13.86 -47.71 9.67
N GLY A 221 15.03 -47.30 10.16
CA GLY A 221 15.32 -47.43 11.58
C GLY A 221 14.47 -46.49 12.41
N THR A 222 14.17 -46.93 13.64
CA THR A 222 13.36 -46.13 14.55
C THR A 222 14.19 -45.14 15.35
N ASP A 223 15.52 -45.13 15.18
CA ASP A 223 16.39 -44.22 15.91
C ASP A 223 16.52 -42.91 15.13
N GLU A 224 16.05 -41.82 15.73
CA GLU A 224 16.14 -40.51 15.10
C GLU A 224 17.51 -39.87 15.25
N HIS A 225 18.37 -40.41 16.09
CA HIS A 225 19.71 -39.86 16.29
C HIS A 225 20.64 -40.98 16.74
N VAL A 226 21.93 -40.75 16.55
CA VAL A 226 22.98 -41.68 16.94
C VAL A 226 23.73 -41.10 18.12
N VAL A 227 24.36 -41.97 18.90
CA VAL A 227 25.10 -41.59 20.09
C VAL A 227 26.58 -41.53 19.74
N CYS A 228 27.16 -40.33 19.81
CA CYS A 228 28.58 -40.13 19.55
C CYS A 228 29.31 -39.99 20.88
N LYS A 229 30.22 -40.92 21.15
CA LYS A 229 30.96 -40.96 22.41
C LYS A 229 32.39 -40.50 22.17
N VAL A 230 32.86 -39.56 23.00
CA VAL A 230 34.21 -39.04 22.93
C VAL A 230 34.87 -39.31 24.28
N GLN A 231 36.02 -39.99 24.25
CA GLN A 231 36.75 -40.35 25.46
C GLN A 231 38.00 -39.49 25.56
N HIS A 232 38.15 -38.79 26.69
CA HIS A 232 39.29 -37.92 26.94
C HIS A 232 39.74 -38.11 28.38
N PRO A 233 41.00 -37.81 28.69
CA PRO A 233 41.47 -37.96 30.07
C PRO A 233 40.74 -37.08 31.07
N ASN A 234 40.21 -35.94 30.62
CA ASN A 234 39.52 -35.01 31.49
C ASN A 234 38.04 -35.32 31.67
N GLY A 235 37.55 -36.38 31.01
CA GLY A 235 36.15 -36.75 31.14
C GLY A 235 35.49 -37.08 29.81
N ASN A 236 34.68 -38.12 29.79
CA ASN A 236 33.97 -38.52 28.58
C ASN A 236 32.73 -37.66 28.37
N LYS A 237 32.40 -37.41 27.11
CA LYS A 237 31.22 -36.62 26.76
C LYS A 237 30.46 -37.33 25.64
N GLU A 238 29.15 -37.09 25.61
CA GLU A 238 28.28 -37.68 24.60
C GLU A 238 27.43 -36.60 23.95
N LYS A 239 27.26 -36.71 22.64
CA LYS A 239 26.47 -35.76 21.87
C LYS A 239 25.65 -36.52 20.83
N ASN A 240 24.35 -36.26 20.79
CA ASN A 240 23.47 -36.91 19.84
C ASN A 240 23.51 -36.18 18.50
N VAL A 241 23.73 -36.94 17.43
CA VAL A 241 23.77 -36.41 16.07
C VAL A 241 22.45 -36.79 15.40
N PRO A 242 21.60 -35.81 15.06
CA PRO A 242 20.32 -36.15 14.42
C PRO A 242 20.53 -36.85 13.08
N LEU A 243 19.66 -37.81 12.79
CA LEU A 243 19.76 -38.56 11.55
C LEU A 243 19.35 -37.70 10.37
N PRO A 244 20.21 -37.55 9.36
CA PRO A 244 19.83 -36.75 8.19
C PRO A 244 18.82 -37.47 7.33
N VAL A 245 18.16 -36.68 6.47
CA VAL A 245 17.18 -37.15 5.49
C VAL A 245 15.91 -37.61 6.18
N ILE A 246 14.77 -37.06 5.76
CA ILE A 246 13.48 -37.42 6.33
C ILE A 246 12.57 -37.91 5.22
N ALA A 247 11.33 -38.27 5.56
CA ALA A 247 10.36 -38.76 4.60
C ALA A 247 9.91 -37.61 3.69
N GLU A 248 9.04 -37.93 2.74
CA GLU A 248 8.50 -36.97 1.79
C GLU A 248 6.98 -37.00 1.84
N LEU A 249 6.37 -35.84 2.01
CA LEU A 249 4.92 -35.73 2.06
C LEU A 249 4.41 -34.69 1.06
N PRO A 250 3.23 -34.88 0.50
CA PRO A 250 2.67 -33.87 -0.40
C PRO A 250 2.17 -32.66 0.37
N PRO A 251 2.45 -31.45 -0.12
CA PRO A 251 2.01 -30.24 0.58
C PRO A 251 0.55 -29.94 0.33
N LYS A 252 -0.28 -30.09 1.36
CA LYS A 252 -1.68 -29.72 1.26
C LYS A 252 -1.81 -28.22 1.05
N VAL A 253 -2.69 -27.84 0.12
CA VAL A 253 -2.84 -26.45 -0.28
C VAL A 253 -4.26 -25.99 0.00
N SER A 254 -4.38 -24.80 0.58
CA SER A 254 -5.67 -24.20 0.88
C SER A 254 -5.64 -22.72 0.51
N VAL A 255 -6.76 -22.24 -0.04
CA VAL A 255 -6.90 -20.86 -0.45
C VAL A 255 -8.18 -20.30 0.16
N PHE A 256 -8.09 -19.13 0.78
CA PHE A 256 -9.21 -18.53 1.47
C PHE A 256 -9.47 -17.14 0.89
N VAL A 257 -10.74 -16.74 0.88
CA VAL A 257 -11.14 -15.46 0.31
C VAL A 257 -12.01 -14.73 1.32
N PRO A 258 -12.09 -13.41 1.24
CA PRO A 258 -12.99 -12.67 2.10
C PRO A 258 -14.38 -12.61 1.50
N PRO A 259 -15.42 -12.54 2.33
CA PRO A 259 -16.76 -12.29 1.81
C PRO A 259 -16.94 -10.83 1.41
N ARG A 260 -18.15 -10.44 1.02
CA ARG A 260 -18.38 -9.09 0.54
C ARG A 260 -18.34 -8.04 1.64
N ASP A 261 -18.17 -8.44 2.90
CA ASP A 261 -18.13 -7.51 4.01
C ASP A 261 -16.72 -7.27 4.53
N GLY A 262 -15.71 -7.90 3.94
CA GLY A 262 -14.37 -7.85 4.49
C GLY A 262 -13.46 -6.78 3.92
N PHE A 263 -14.03 -5.76 3.27
CA PHE A 263 -13.27 -4.73 2.62
C PHE A 263 -13.34 -3.42 3.40
N PHE A 264 -12.22 -2.71 3.48
CA PHE A 264 -12.12 -1.50 4.29
C PHE A 264 -11.03 -0.61 3.72
N GLY A 265 -11.04 0.64 4.15
CA GLY A 265 -10.07 1.63 3.71
C GLY A 265 -10.57 2.43 2.52
N ASN A 266 -9.99 3.61 2.35
CA ASN A 266 -10.34 4.45 1.20
C ASN A 266 -10.02 3.75 -0.12
N PRO A 267 -8.80 3.21 -0.34
CA PRO A 267 -8.67 2.25 -1.45
C PRO A 267 -9.02 0.85 -0.95
N ARG A 268 -10.33 0.58 -0.91
CA ARG A 268 -10.88 -0.63 -0.32
C ARG A 268 -10.11 -1.87 -0.76
N LYS A 269 -9.63 -2.64 0.21
CA LYS A 269 -8.81 -3.80 -0.09
C LYS A 269 -8.97 -4.82 1.02
N SER A 270 -8.58 -6.06 0.71
CA SER A 270 -8.66 -7.16 1.65
C SER A 270 -7.52 -8.13 1.34
N LYS A 271 -7.63 -9.35 1.85
CA LYS A 271 -6.54 -10.31 1.80
C LYS A 271 -6.99 -11.63 1.21
N LEU A 272 -6.02 -12.38 0.68
CA LEU A 272 -6.17 -13.79 0.35
C LEU A 272 -5.05 -14.56 1.06
N ILE A 273 -5.33 -15.80 1.43
CA ILE A 273 -4.34 -16.63 2.11
C ILE A 273 -4.17 -17.93 1.33
N CYS A 274 -2.91 -18.28 1.05
CA CYS A 274 -2.55 -19.59 0.55
C CYS A 274 -1.77 -20.31 1.65
N GLN A 275 -2.45 -21.18 2.38
CA GLN A 275 -1.86 -21.88 3.52
C GLN A 275 -1.44 -23.27 3.06
N ALA A 276 -0.13 -23.52 3.03
CA ALA A 276 0.43 -24.78 2.58
C ALA A 276 0.99 -25.54 3.79
N THR A 277 0.63 -26.81 3.90
CA THR A 277 1.12 -27.67 4.96
C THR A 277 1.42 -29.05 4.41
N GLY A 278 2.37 -29.74 5.04
CA GLY A 278 2.73 -31.07 4.62
C GLY A 278 3.84 -31.15 3.58
N PHE A 279 4.69 -30.13 3.51
CA PHE A 279 5.84 -30.14 2.62
C PHE A 279 7.07 -30.50 3.43
N SER A 280 7.70 -31.63 3.09
CA SER A 280 8.60 -32.32 3.99
C SER A 280 9.95 -31.65 4.24
N PRO A 281 10.88 -31.58 3.24
CA PRO A 281 12.31 -31.51 3.59
C PRO A 281 12.70 -30.30 4.43
N ARG A 282 12.70 -29.10 3.85
CA ARG A 282 12.79 -27.89 4.63
C ARG A 282 12.11 -26.74 3.90
N GLN A 283 11.61 -27.02 2.70
CA GLN A 283 11.43 -25.97 1.70
C GLN A 283 10.04 -25.96 1.09
N ILE A 284 9.66 -24.78 0.61
CA ILE A 284 8.43 -24.59 -0.17
C ILE A 284 8.54 -23.22 -0.83
N GLN A 285 7.88 -23.07 -1.98
CA GLN A 285 7.76 -21.78 -2.63
C GLN A 285 6.29 -21.50 -2.89
N VAL A 286 5.88 -20.26 -2.68
CA VAL A 286 4.50 -19.84 -2.90
C VAL A 286 4.51 -18.54 -3.68
N SER A 287 3.64 -18.46 -4.69
CA SER A 287 3.56 -17.29 -5.54
C SER A 287 2.10 -16.98 -5.85
N TRP A 288 1.81 -15.68 -5.92
CA TRP A 288 0.47 -15.18 -6.23
C TRP A 288 0.45 -14.67 -7.66
N LEU A 289 -0.56 -15.10 -8.42
CA LEU A 289 -0.69 -14.74 -9.82
C LEU A 289 -2.00 -14.01 -10.04
N ARG A 290 -1.95 -12.91 -10.80
CA ARG A 290 -3.13 -12.15 -11.15
C ARG A 290 -3.57 -12.51 -12.57
N GLU A 291 -4.83 -12.93 -12.70
CA GLU A 291 -5.46 -13.31 -13.96
C GLU A 291 -4.55 -14.17 -14.84
N GLY A 292 -3.73 -15.02 -14.20
CA GLY A 292 -2.79 -15.86 -14.90
C GLY A 292 -1.43 -15.25 -15.15
N LYS A 293 -1.24 -13.98 -14.81
CA LYS A 293 0.04 -13.31 -14.96
C LYS A 293 0.67 -13.12 -13.59
N GLN A 294 1.98 -13.35 -13.51
CA GLN A 294 2.68 -13.29 -12.24
C GLN A 294 2.68 -11.86 -11.70
N VAL A 295 2.42 -11.73 -10.40
CA VAL A 295 2.40 -10.43 -9.73
C VAL A 295 3.09 -10.58 -8.39
N GLY A 296 3.87 -9.56 -8.00
CA GLY A 296 4.60 -9.60 -6.76
C GLY A 296 4.50 -8.31 -5.97
N SER A 297 3.42 -7.56 -6.17
CA SER A 297 3.19 -6.31 -5.45
C SER A 297 2.16 -6.54 -4.35
N GLY A 298 2.54 -6.22 -3.12
CA GLY A 298 1.67 -6.42 -1.98
C GLY A 298 1.66 -7.83 -1.44
N VAL A 299 2.38 -8.76 -2.05
CA VAL A 299 2.44 -10.13 -1.57
C VAL A 299 3.31 -10.19 -0.32
N THR A 300 2.83 -10.91 0.70
CA THR A 300 3.55 -11.08 1.95
C THR A 300 3.49 -12.54 2.35
N THR A 301 4.64 -13.21 2.35
CA THR A 301 4.74 -14.60 2.75
C THR A 301 5.49 -14.71 4.06
N ASP A 302 4.85 -15.30 5.06
CA ASP A 302 5.50 -15.48 6.36
C ASP A 302 6.61 -16.52 6.24
N GLN A 303 7.59 -16.41 7.13
CA GLN A 303 8.67 -17.37 7.16
C GLN A 303 8.14 -18.76 7.49
N VAL A 304 8.70 -19.77 6.82
CA VAL A 304 8.23 -21.14 7.00
C VAL A 304 8.54 -21.61 8.41
N GLN A 305 7.57 -22.28 9.03
CA GLN A 305 7.70 -22.76 10.40
C GLN A 305 7.19 -24.19 10.50
N ALA A 306 7.72 -24.94 11.46
CA ALA A 306 7.29 -26.31 11.66
C ALA A 306 5.97 -26.36 12.43
N GLU A 307 5.15 -27.36 12.12
CA GLU A 307 3.93 -27.61 12.86
C GLU A 307 4.23 -28.48 14.08
N ALA A 308 3.70 -28.09 15.24
CA ALA A 308 3.90 -28.84 16.48
C ALA A 308 3.02 -30.08 16.46
N LYS A 309 3.61 -31.22 16.16
CA LYS A 309 2.92 -32.51 16.15
C LYS A 309 3.60 -33.45 17.14
N GLU A 310 2.80 -34.13 17.96
CA GLU A 310 3.32 -35.02 18.97
C GLU A 310 3.83 -36.34 18.40
N SER A 311 3.50 -36.67 17.15
CA SER A 311 3.91 -37.93 16.57
C SER A 311 3.97 -37.79 15.06
N GLY A 312 4.65 -38.75 14.42
CA GLY A 312 4.80 -38.75 12.99
C GLY A 312 5.96 -37.89 12.54
N PRO A 313 6.24 -37.88 11.25
CA PRO A 313 7.32 -37.03 10.73
C PRO A 313 7.01 -35.56 10.92
N THR A 314 8.07 -34.77 11.10
CA THR A 314 7.92 -33.34 11.33
C THR A 314 7.38 -32.64 10.09
N THR A 315 6.11 -32.22 10.16
CA THR A 315 5.48 -31.50 9.06
C THR A 315 5.67 -30.00 9.24
N TYR A 316 5.56 -29.28 8.13
CA TYR A 316 5.86 -27.85 8.08
C TYR A 316 4.68 -27.09 7.51
N LYS A 317 4.58 -25.82 7.89
CA LYS A 317 3.47 -24.97 7.50
C LYS A 317 3.98 -23.63 7.00
N VAL A 318 3.19 -23.01 6.12
CA VAL A 318 3.49 -21.68 5.60
C VAL A 318 2.19 -21.05 5.12
N THR A 319 2.07 -19.74 5.32
CA THR A 319 0.90 -18.99 4.88
C THR A 319 1.37 -17.76 4.11
N SER A 320 0.83 -17.58 2.91
CA SER A 320 1.15 -16.44 2.07
C SER A 320 -0.05 -15.50 2.04
N THR A 321 0.22 -14.21 2.06
CA THR A 321 -0.81 -13.18 2.08
C THR A 321 -0.70 -12.32 0.84
N LEU A 322 -1.82 -12.08 0.17
CA LEU A 322 -1.90 -11.18 -0.96
C LEU A 322 -2.97 -10.13 -0.67
N THR A 323 -2.68 -8.89 -1.05
CA THR A 323 -3.66 -7.81 -0.89
C THR A 323 -4.28 -7.48 -2.24
N ILE A 324 -5.61 -7.36 -2.24
CA ILE A 324 -6.36 -7.13 -3.47
C ILE A 324 -7.37 -6.02 -3.22
N LYS A 325 -7.55 -5.18 -4.23
CA LYS A 325 -8.54 -4.11 -4.16
C LYS A 325 -9.93 -4.69 -4.46
N GLU A 326 -10.94 -4.10 -3.83
CA GLU A 326 -12.30 -4.57 -4.05
C GLU A 326 -12.73 -4.39 -5.50
N SER A 327 -12.20 -3.35 -6.16
CA SER A 327 -12.47 -3.18 -7.58
C SER A 327 -11.90 -4.34 -8.39
N ASP A 328 -10.70 -4.79 -8.03
CA ASP A 328 -10.10 -5.93 -8.73
C ASP A 328 -10.80 -7.23 -8.35
N TRP A 329 -11.11 -7.41 -7.07
CA TRP A 329 -11.75 -8.64 -6.62
C TRP A 329 -13.15 -8.78 -7.22
N LEU A 330 -13.91 -7.69 -7.26
CA LEU A 330 -15.25 -7.72 -7.84
C LEU A 330 -15.24 -7.77 -9.35
N GLY A 331 -14.07 -7.67 -9.99
CA GLY A 331 -13.96 -7.72 -11.43
C GLY A 331 -13.93 -9.10 -12.03
N GLN A 332 -14.23 -10.13 -11.24
CA GLN A 332 -14.28 -11.53 -11.67
C GLN A 332 -12.93 -12.08 -12.09
N SER A 333 -11.85 -11.31 -11.91
CA SER A 333 -10.53 -11.77 -12.30
C SER A 333 -10.07 -12.92 -11.42
N MET A 334 -9.34 -13.86 -12.03
CA MET A 334 -8.91 -15.06 -11.33
C MET A 334 -7.61 -14.81 -10.58
N PHE A 335 -7.54 -15.28 -9.33
CA PHE A 335 -6.34 -15.19 -8.51
C PHE A 335 -5.88 -16.60 -8.18
N THR A 336 -4.61 -16.89 -8.45
CA THR A 336 -4.07 -18.23 -8.35
C THR A 336 -2.87 -18.26 -7.43
N CYS A 337 -2.80 -19.27 -6.57
CA CYS A 337 -1.63 -19.55 -5.75
C CYS A 337 -0.84 -20.68 -6.39
N ARG A 338 0.39 -20.39 -6.80
CA ARG A 338 1.25 -21.36 -7.47
C ARG A 338 2.36 -21.78 -6.52
N VAL A 339 2.37 -23.05 -6.15
CA VAL A 339 3.36 -23.59 -5.22
C VAL A 339 4.06 -24.77 -5.87
N ASP A 340 5.37 -24.85 -5.62
CA ASP A 340 6.21 -25.93 -6.12
C ASP A 340 6.92 -26.59 -4.97
N HIS A 341 7.00 -27.92 -5.00
CA HIS A 341 7.61 -28.68 -3.92
C HIS A 341 8.29 -29.90 -4.51
N ARG A 342 9.61 -29.99 -4.33
CA ARG A 342 10.41 -31.09 -4.85
C ARG A 342 10.25 -31.26 -6.36
N GLY A 343 10.10 -30.14 -7.07
CA GLY A 343 9.90 -30.17 -8.50
C GLY A 343 8.47 -30.39 -8.95
N LEU A 344 7.52 -30.50 -8.01
CA LEU A 344 6.12 -30.67 -8.34
C LEU A 344 5.37 -29.38 -8.09
N THR A 345 4.68 -28.89 -9.12
CA THR A 345 4.01 -27.59 -9.08
C THR A 345 2.51 -27.79 -8.86
N PHE A 346 1.94 -27.03 -7.93
CA PHE A 346 0.52 -27.10 -7.62
C PHE A 346 -0.08 -25.70 -7.67
N GLN A 347 -1.31 -25.61 -8.17
CA GLN A 347 -2.01 -24.35 -8.29
C GLN A 347 -3.45 -24.49 -7.80
N GLN A 348 -3.96 -23.41 -7.19
CA GLN A 348 -5.35 -23.33 -6.76
C GLN A 348 -5.92 -22.00 -7.20
N ASN A 349 -7.20 -22.00 -7.59
CA ASN A 349 -7.84 -20.84 -8.15
C ASN A 349 -8.97 -20.35 -7.25
N ALA A 350 -9.11 -19.03 -7.16
CA ALA A 350 -10.17 -18.41 -6.38
C ALA A 350 -10.57 -17.10 -7.04
N SER A 351 -11.87 -16.83 -7.07
CA SER A 351 -12.41 -15.62 -7.66
C SER A 351 -13.84 -15.44 -7.14
N SER A 352 -14.38 -14.25 -7.35
CA SER A 352 -15.72 -13.90 -6.87
C SER A 352 -16.77 -14.54 -7.78
N MET A 353 -16.88 -15.87 -7.67
CA MET A 353 -17.86 -16.65 -8.40
C MET A 353 -18.87 -17.25 -7.43
N CYS A 354 -20.16 -17.03 -7.71
CA CYS A 354 -21.22 -17.55 -6.85
C CYS A 354 -22.07 -18.60 -7.56
N VAL A 355 -22.65 -18.25 -8.72
CA VAL A 355 -23.61 -19.08 -9.48
C VAL A 355 -24.47 -19.92 -8.53
N PRO A 356 -25.18 -19.30 -7.59
CA PRO A 356 -25.89 -20.08 -6.58
C PRO A 356 -27.24 -20.62 -7.03
N ASP A 357 -27.96 -19.87 -7.86
CA ASP A 357 -29.33 -20.23 -8.18
C ASP A 357 -29.40 -21.31 -9.24
N GLN A 358 -30.56 -21.95 -9.32
CA GLN A 358 -30.86 -22.93 -10.35
C GLN A 358 -31.02 -22.26 -11.71
N ASP A 359 -30.68 -23.00 -12.76
CA ASP A 359 -30.71 -22.50 -14.12
C ASP A 359 -31.97 -22.92 -14.88
N THR A 360 -32.94 -23.52 -14.21
CA THR A 360 -34.18 -23.91 -14.87
C THR A 360 -35.06 -22.68 -15.05
N ALA A 361 -36.30 -22.88 -15.47
CA ALA A 361 -37.23 -21.76 -15.68
C ALA A 361 -37.38 -20.95 -14.40
N ILE A 362 -36.88 -19.72 -14.42
CA ILE A 362 -36.86 -18.88 -13.22
C ILE A 362 -37.52 -17.54 -13.50
N ARG A 363 -37.14 -16.90 -14.61
CA ARG A 363 -37.64 -15.56 -14.92
C ARG A 363 -39.08 -15.68 -15.42
N VAL A 364 -40.03 -15.23 -14.61
CA VAL A 364 -41.45 -15.27 -14.94
C VAL A 364 -42.03 -13.89 -14.73
N PHE A 365 -42.71 -13.37 -15.75
CA PHE A 365 -43.31 -12.05 -15.70
C PHE A 365 -44.83 -12.19 -15.77
N ALA A 366 -45.53 -11.47 -14.89
CA ALA A 366 -46.99 -11.43 -14.89
C ALA A 366 -47.40 -10.07 -15.43
N ILE A 367 -47.51 -9.98 -16.75
CA ILE A 367 -47.87 -8.72 -17.40
C ILE A 367 -49.34 -8.41 -17.10
N PRO A 368 -49.65 -7.21 -16.62
CA PRO A 368 -51.04 -6.88 -16.32
C PRO A 368 -51.80 -6.54 -17.58
N PRO A 369 -53.13 -6.44 -17.52
CA PRO A 369 -53.91 -6.01 -18.69
C PRO A 369 -53.79 -4.51 -18.88
N SER A 370 -53.30 -4.11 -20.06
CA SER A 370 -53.25 -2.70 -20.39
C SER A 370 -54.65 -2.13 -20.50
N PHE A 371 -54.75 -0.80 -20.61
CA PHE A 371 -56.05 -0.21 -20.82
C PHE A 371 -56.58 -0.48 -22.21
N ALA A 372 -55.68 -0.55 -23.21
CA ALA A 372 -56.11 -0.92 -24.55
C ALA A 372 -56.82 -2.27 -24.54
N SER A 373 -56.28 -3.23 -23.79
CA SER A 373 -56.91 -4.55 -23.71
C SER A 373 -58.29 -4.46 -23.10
N ILE A 374 -58.47 -3.65 -22.06
CA ILE A 374 -59.77 -3.54 -21.43
C ILE A 374 -60.77 -2.85 -22.36
N PHE A 375 -60.30 -1.87 -23.13
CA PHE A 375 -61.20 -1.16 -24.03
C PHE A 375 -61.56 -1.98 -25.27
N LEU A 376 -60.70 -2.90 -25.69
CA LEU A 376 -60.96 -3.70 -26.89
C LEU A 376 -61.64 -5.03 -26.58
N THR A 377 -61.09 -5.82 -25.65
CA THR A 377 -61.58 -7.16 -25.39
C THR A 377 -62.67 -7.22 -24.34
N LYS A 378 -63.00 -6.10 -23.68
CA LYS A 378 -64.07 -6.02 -22.70
C LYS A 378 -63.89 -7.02 -21.55
N SER A 379 -62.65 -7.29 -21.17
CA SER A 379 -62.39 -8.13 -20.00
C SER A 379 -60.94 -7.95 -19.58
N THR A 380 -60.72 -7.92 -18.27
CA THR A 380 -59.39 -7.75 -17.70
C THR A 380 -58.75 -9.13 -17.52
N LYS A 381 -57.65 -9.38 -18.22
CA LYS A 381 -57.00 -10.68 -18.21
C LYS A 381 -55.62 -10.54 -17.57
N LEU A 382 -55.25 -11.52 -16.76
CA LEU A 382 -53.92 -11.60 -16.19
C LEU A 382 -53.09 -12.54 -17.05
N THR A 383 -51.82 -12.21 -17.24
CA THR A 383 -50.94 -12.97 -18.12
C THR A 383 -49.63 -13.27 -17.39
N CYS A 384 -49.53 -14.49 -16.83
CA CYS A 384 -48.30 -14.97 -16.24
C CYS A 384 -47.54 -15.75 -17.30
N LEU A 385 -46.49 -15.15 -17.84
CA LEU A 385 -45.73 -15.73 -18.93
C LEU A 385 -44.42 -16.29 -18.37
N VAL A 386 -44.19 -17.59 -18.57
CA VAL A 386 -43.02 -18.27 -18.05
C VAL A 386 -41.95 -18.32 -19.14
N THR A 387 -40.74 -17.92 -18.79
CA THR A 387 -39.59 -17.99 -19.68
C THR A 387 -38.52 -18.89 -19.04
N ASP A 388 -37.38 -19.00 -19.71
CA ASP A 388 -36.28 -19.87 -19.31
C ASP A 388 -36.71 -21.34 -19.24
N LEU A 389 -37.82 -21.68 -19.89
CA LEU A 389 -38.34 -23.04 -19.85
C LEU A 389 -37.60 -23.91 -20.86
N THR A 390 -37.15 -25.08 -20.40
CA THR A 390 -36.46 -26.03 -21.25
C THR A 390 -37.30 -27.25 -21.59
N THR A 391 -38.24 -27.64 -20.73
CA THR A 391 -39.18 -28.72 -21.00
C THR A 391 -40.57 -28.29 -20.57
N TYR A 392 -41.57 -28.76 -21.30
CA TYR A 392 -42.95 -28.30 -21.16
C TYR A 392 -43.90 -29.48 -20.98
N ASP A 393 -43.54 -30.41 -20.09
CA ASP A 393 -44.39 -31.55 -19.80
C ASP A 393 -44.92 -31.59 -18.37
N SER A 394 -44.31 -30.82 -17.46
CA SER A 394 -44.73 -30.82 -16.07
C SER A 394 -44.99 -29.43 -15.49
N VAL A 395 -44.75 -28.36 -16.25
CA VAL A 395 -44.99 -27.02 -15.74
C VAL A 395 -46.49 -26.78 -15.58
N THR A 396 -46.87 -26.21 -14.45
CA THR A 396 -48.27 -25.90 -14.16
C THR A 396 -48.38 -24.44 -13.75
N ILE A 397 -49.33 -23.73 -14.36
CA ILE A 397 -49.57 -22.32 -14.09
C ILE A 397 -50.94 -22.17 -13.48
N SER A 398 -51.00 -21.57 -12.29
CA SER A 398 -52.26 -21.33 -11.61
C SER A 398 -52.29 -19.89 -11.08
N TRP A 399 -53.47 -19.28 -11.16
CA TRP A 399 -53.68 -17.91 -10.70
C TRP A 399 -54.46 -17.94 -9.41
N THR A 400 -53.85 -17.43 -8.34
CA THR A 400 -54.46 -17.41 -7.02
C THR A 400 -54.75 -15.97 -6.61
N ARG A 401 -55.99 -15.72 -6.21
CA ARG A 401 -56.45 -14.38 -5.87
C ARG A 401 -55.98 -14.03 -4.45
N GLN A 402 -56.51 -12.93 -3.91
CA GLN A 402 -56.09 -12.49 -2.58
C GLN A 402 -56.49 -13.50 -1.51
N ASN A 403 -57.68 -14.09 -1.63
CA ASN A 403 -58.17 -15.05 -0.65
C ASN A 403 -57.70 -16.46 -0.92
N GLY A 404 -56.93 -16.68 -1.99
CA GLY A 404 -56.41 -17.99 -2.32
C GLY A 404 -57.22 -18.78 -3.31
N GLU A 405 -58.43 -18.34 -3.66
CA GLU A 405 -59.22 -19.06 -4.64
C GLU A 405 -58.60 -18.91 -6.02
N ALA A 406 -58.77 -19.95 -6.84
CA ALA A 406 -58.21 -19.98 -8.18
C ALA A 406 -59.31 -19.88 -9.24
N VAL A 407 -58.91 -19.47 -10.43
CA VAL A 407 -59.81 -19.35 -11.57
C VAL A 407 -59.20 -20.08 -12.75
N LYS A 408 -60.06 -20.38 -13.74
CA LYS A 408 -59.69 -21.25 -14.84
C LYS A 408 -58.66 -20.61 -15.76
N THR A 409 -57.41 -21.06 -15.67
CA THR A 409 -56.35 -20.55 -16.52
C THR A 409 -56.38 -21.23 -17.89
N HIS A 410 -55.46 -20.83 -18.75
CA HIS A 410 -55.31 -21.40 -20.08
C HIS A 410 -53.83 -21.45 -20.42
N THR A 411 -53.44 -22.41 -21.26
CA THR A 411 -52.05 -22.63 -21.58
C THR A 411 -51.82 -22.76 -23.08
N ASN A 412 -50.69 -22.21 -23.53
CA ASN A 412 -50.11 -22.55 -24.83
C ASN A 412 -48.62 -22.30 -24.72
N ILE A 413 -47.83 -23.23 -25.27
CA ILE A 413 -46.38 -23.23 -25.12
C ILE A 413 -45.74 -22.86 -26.45
N SER A 414 -44.88 -21.85 -26.42
CA SER A 414 -44.15 -21.46 -27.62
C SER A 414 -43.15 -22.55 -28.01
N GLU A 415 -42.91 -22.65 -29.32
CA GLU A 415 -41.99 -23.65 -29.84
C GLU A 415 -40.80 -22.98 -30.51
N SER A 416 -39.94 -23.78 -31.13
CA SER A 416 -38.69 -23.31 -31.75
C SER A 416 -37.85 -22.63 -30.67
N HIS A 417 -37.00 -21.68 -31.06
CA HIS A 417 -36.12 -20.97 -30.14
C HIS A 417 -36.29 -19.47 -30.31
N PRO A 418 -37.42 -18.91 -29.87
CA PRO A 418 -37.58 -17.46 -29.93
C PRO A 418 -36.52 -16.70 -29.15
N ASN A 419 -36.14 -17.22 -27.99
CA ASN A 419 -35.03 -16.71 -27.20
C ASN A 419 -34.18 -17.87 -26.70
N ALA A 420 -33.82 -18.77 -27.62
CA ALA A 420 -33.12 -20.02 -27.33
C ALA A 420 -34.00 -20.95 -26.50
N THR A 421 -34.29 -20.57 -25.26
CA THR A 421 -35.15 -21.36 -24.41
C THR A 421 -36.61 -21.27 -24.88
N PHE A 422 -37.44 -22.16 -24.35
CA PHE A 422 -38.85 -22.19 -24.68
C PHE A 422 -39.64 -21.35 -23.68
N SER A 423 -40.93 -21.17 -23.97
CA SER A 423 -41.78 -20.34 -23.13
C SER A 423 -43.23 -20.78 -23.27
N ALA A 424 -44.04 -20.38 -22.29
CA ALA A 424 -45.47 -20.69 -22.28
C ALA A 424 -46.20 -19.55 -21.60
N VAL A 425 -47.52 -19.50 -21.81
CA VAL A 425 -48.35 -18.40 -21.34
C VAL A 425 -49.47 -18.93 -20.47
N GLY A 426 -49.70 -18.27 -19.34
CA GLY A 426 -50.83 -18.58 -18.49
C GLY A 426 -51.74 -17.37 -18.34
N GLU A 427 -53.01 -17.52 -18.70
CA GLU A 427 -53.93 -16.40 -18.77
C GLU A 427 -55.25 -16.76 -18.10
N ALA A 428 -55.82 -15.81 -17.37
CA ALA A 428 -57.09 -16.00 -16.70
C ALA A 428 -57.87 -14.70 -16.72
N SER A 429 -59.15 -14.79 -17.06
CA SER A 429 -60.02 -13.62 -17.19
C SER A 429 -60.78 -13.39 -15.89
N ILE A 430 -60.78 -12.13 -15.44
CA ILE A 430 -61.47 -11.73 -14.21
C ILE A 430 -62.35 -10.53 -14.52
N CYS A 431 -63.30 -10.28 -13.62
CA CYS A 431 -64.20 -9.15 -13.79
C CYS A 431 -63.45 -7.83 -13.68
N GLU A 432 -64.02 -6.79 -14.30
CA GLU A 432 -63.39 -5.48 -14.30
C GLU A 432 -63.29 -4.90 -12.90
N ASP A 433 -64.36 -5.06 -12.10
CA ASP A 433 -64.37 -4.49 -10.75
C ASP A 433 -63.25 -5.07 -9.88
N ASP A 434 -62.92 -6.35 -10.08
CA ASP A 434 -61.85 -6.96 -9.31
C ASP A 434 -60.54 -6.23 -9.55
N TRP A 435 -60.19 -5.97 -10.81
CA TRP A 435 -58.98 -5.22 -11.10
C TRP A 435 -59.07 -3.80 -10.60
N ASN A 436 -60.24 -3.16 -10.76
CA ASN A 436 -60.39 -1.78 -10.32
C ASN A 436 -60.20 -1.66 -8.81
N SER A 437 -60.72 -2.62 -8.05
CA SER A 437 -60.54 -2.61 -6.60
C SER A 437 -59.10 -2.88 -6.20
N GLY A 438 -58.28 -3.40 -7.12
CA GLY A 438 -56.86 -3.60 -6.82
C GLY A 438 -56.58 -4.68 -5.80
N GLU A 439 -57.29 -5.79 -5.87
CA GLU A 439 -57.05 -6.89 -4.95
C GLU A 439 -55.73 -7.58 -5.28
N ARG A 440 -55.24 -8.36 -4.31
CA ARG A 440 -54.01 -9.10 -4.51
C ARG A 440 -54.24 -10.27 -5.46
N PHE A 441 -53.37 -10.41 -6.45
CA PHE A 441 -53.44 -11.52 -7.39
C PHE A 441 -52.06 -12.14 -7.54
N THR A 442 -52.03 -13.47 -7.59
CA THR A 442 -50.79 -14.22 -7.61
C THR A 442 -50.88 -15.34 -8.65
N CYS A 443 -49.83 -15.48 -9.45
CA CYS A 443 -49.69 -16.62 -10.36
C CYS A 443 -48.56 -17.50 -9.83
N THR A 444 -48.85 -18.79 -9.68
CA THR A 444 -47.89 -19.76 -9.17
C THR A 444 -47.35 -20.58 -10.34
N VAL A 445 -46.03 -20.69 -10.41
CA VAL A 445 -45.36 -21.50 -11.42
C VAL A 445 -44.66 -22.66 -10.72
N THR A 446 -44.96 -23.88 -11.17
CA THR A 446 -44.45 -25.08 -10.54
C THR A 446 -43.82 -25.99 -11.60
N HIS A 447 -42.60 -26.42 -11.35
CA HIS A 447 -41.92 -27.37 -12.21
C HIS A 447 -41.22 -28.42 -11.36
N THR A 448 -41.17 -29.64 -11.88
CA THR A 448 -40.51 -30.72 -11.15
C THR A 448 -39.04 -30.42 -10.91
N ASP A 449 -38.41 -29.69 -11.82
CA ASP A 449 -37.03 -29.26 -11.63
C ASP A 449 -36.89 -28.16 -10.59
N LEU A 450 -38.00 -27.58 -10.14
CA LEU A 450 -37.95 -26.48 -9.17
C LEU A 450 -38.31 -27.01 -7.80
N PRO A 451 -37.36 -27.07 -6.85
CA PRO A 451 -37.73 -27.51 -5.50
C PRO A 451 -38.75 -26.61 -4.82
N SER A 452 -38.70 -25.30 -5.08
CA SER A 452 -39.63 -24.37 -4.49
C SER A 452 -40.48 -23.73 -5.58
N PRO A 453 -41.80 -23.87 -5.56
CA PRO A 453 -42.63 -23.23 -6.59
C PRO A 453 -42.55 -21.71 -6.52
N LEU A 454 -41.97 -21.10 -7.56
CA LEU A 454 -41.85 -19.65 -7.61
C LEU A 454 -43.23 -19.01 -7.70
N LYS A 455 -43.42 -17.93 -6.94
CA LYS A 455 -44.68 -17.20 -6.91
C LYS A 455 -44.45 -15.77 -7.37
N GLN A 456 -45.30 -15.31 -8.28
CA GLN A 456 -45.26 -13.94 -8.79
C GLN A 456 -46.62 -13.31 -8.53
N THR A 457 -46.61 -12.06 -8.05
CA THR A 457 -47.83 -11.37 -7.68
C THR A 457 -47.97 -10.08 -8.48
N ILE A 458 -49.22 -9.66 -8.70
CA ILE A 458 -49.54 -8.44 -9.42
C ILE A 458 -50.83 -7.86 -8.85
N SER A 459 -50.83 -6.56 -8.62
CA SER A 459 -52.03 -5.85 -8.18
C SER A 459 -51.89 -4.39 -8.56
N ARG A 460 -53.03 -3.71 -8.66
CA ARG A 460 -53.06 -2.27 -8.95
C ARG A 460 -54.07 -1.58 -8.05
N PRO A 461 -53.81 -1.54 -6.73
CA PRO A 461 -54.52 -0.56 -5.89
C PRO A 461 -53.70 0.72 -5.76
N LYS A 462 -54.28 1.87 -6.10
CA LYS A 462 -53.54 3.12 -6.08
C LYS A 462 -54.50 4.26 -5.76
N GLY A 463 -53.93 5.45 -5.59
CA GLY A 463 -54.72 6.64 -5.34
C GLY A 463 -54.51 7.71 -6.37
N VAL A 464 -54.14 7.32 -7.59
CA VAL A 464 -53.91 8.28 -8.66
C VAL A 464 -55.24 8.88 -9.10
N ALA A 465 -55.24 10.19 -9.34
CA ALA A 465 -56.48 10.88 -9.62
C ALA A 465 -56.93 10.63 -11.07
N LEU A 466 -58.16 11.01 -11.35
CA LEU A 466 -58.77 10.84 -12.66
C LEU A 466 -59.00 12.21 -13.27
N HIS A 467 -58.02 12.70 -14.02
CA HIS A 467 -58.15 13.94 -14.77
C HIS A 467 -58.38 13.60 -16.24
N ARG A 468 -59.58 13.88 -16.74
CA ARG A 468 -59.92 13.52 -18.10
C ARG A 468 -59.02 14.28 -19.08
N PRO A 469 -58.66 13.68 -20.20
CA PRO A 469 -57.77 14.36 -21.15
C PRO A 469 -58.50 15.40 -21.97
N ASP A 470 -57.72 16.18 -22.71
CA ASP A 470 -58.23 17.16 -23.66
C ASP A 470 -57.64 16.85 -25.02
N VAL A 471 -58.51 16.65 -26.01
CA VAL A 471 -58.11 16.21 -27.34
C VAL A 471 -58.24 17.37 -28.31
N TYR A 472 -57.11 17.83 -28.83
CA TYR A 472 -57.09 18.89 -29.83
C TYR A 472 -56.48 18.34 -31.10
N LEU A 473 -57.17 18.53 -32.22
CA LEU A 473 -56.77 17.98 -33.51
C LEU A 473 -56.27 19.11 -34.39
N LEU A 474 -55.06 18.94 -34.93
CA LEU A 474 -54.40 20.01 -35.67
C LEU A 474 -54.30 19.65 -37.15
N PRO A 475 -54.66 20.56 -38.04
CA PRO A 475 -54.54 20.29 -39.47
C PRO A 475 -53.10 20.39 -39.93
N PRO A 476 -52.78 19.89 -41.12
CA PRO A 476 -51.40 20.00 -41.61
C PRO A 476 -51.00 21.45 -41.83
N ALA A 477 -49.70 21.71 -41.66
CA ALA A 477 -49.18 23.05 -41.84
C ALA A 477 -49.26 23.46 -43.30
N ARG A 478 -49.52 24.75 -43.53
CA ARG A 478 -49.64 25.25 -44.90
C ARG A 478 -48.34 25.07 -45.67
N GLU A 479 -47.20 25.27 -45.00
CA GLU A 479 -45.91 25.07 -45.65
C GLU A 479 -45.74 23.64 -46.13
N GLN A 480 -46.39 22.69 -45.45
CA GLN A 480 -46.25 21.28 -45.82
C GLN A 480 -47.00 20.97 -47.11
N LEU A 481 -48.22 21.50 -47.24
CA LEU A 481 -49.08 21.11 -48.35
C LEU A 481 -48.60 21.67 -49.68
N ASN A 482 -47.77 22.72 -49.65
CA ASN A 482 -47.29 23.31 -50.89
C ASN A 482 -46.41 22.36 -51.69
N LEU A 483 -45.92 21.29 -51.08
CA LEU A 483 -45.00 20.37 -51.75
C LEU A 483 -45.70 19.22 -52.46
N ARG A 484 -47.01 19.06 -52.25
CA ARG A 484 -47.80 18.03 -52.93
C ARG A 484 -47.24 16.63 -52.71
N GLU A 485 -46.76 16.36 -51.51
CA GLU A 485 -46.17 15.06 -51.19
C GLU A 485 -46.95 14.30 -50.13
N SER A 486 -47.20 14.91 -48.97
CA SER A 486 -47.93 14.24 -47.90
C SER A 486 -48.37 15.31 -46.89
N ALA A 487 -49.29 14.92 -46.01
CA ALA A 487 -49.78 15.81 -44.98
C ALA A 487 -49.84 15.04 -43.67
N THR A 488 -49.55 15.73 -42.56
CA THR A 488 -49.39 15.10 -41.26
C THR A 488 -50.35 15.73 -40.26
N ILE A 489 -51.29 14.94 -39.76
CA ILE A 489 -52.34 15.41 -38.87
C ILE A 489 -52.01 14.94 -37.45
N THR A 490 -52.09 15.86 -36.49
CA THR A 490 -51.68 15.59 -35.12
C THR A 490 -52.90 15.60 -34.22
N CYS A 491 -53.08 14.54 -33.44
CA CYS A 491 -54.15 14.46 -32.45
C CYS A 491 -53.54 14.57 -31.07
N LEU A 492 -53.36 15.79 -30.59
CA LEU A 492 -52.63 16.07 -29.37
C LEU A 492 -53.55 15.82 -28.17
N VAL A 493 -53.15 14.89 -27.31
CA VAL A 493 -53.88 14.56 -26.09
C VAL A 493 -53.09 15.08 -24.90
N THR A 494 -53.70 15.94 -24.10
CA THR A 494 -53.01 16.60 -23.00
C THR A 494 -53.86 16.59 -21.75
N GLY A 495 -53.22 16.26 -20.63
CA GLY A 495 -53.84 16.45 -19.34
C GLY A 495 -54.56 15.28 -18.75
N PHE A 496 -54.12 14.05 -19.01
CA PHE A 496 -54.74 12.87 -18.43
C PHE A 496 -53.87 12.34 -17.30
N SER A 497 -54.47 12.11 -16.14
CA SER A 497 -53.70 11.85 -14.94
C SER A 497 -53.18 10.41 -14.83
N PRO A 498 -53.94 9.37 -15.13
CA PRO A 498 -53.33 8.05 -15.27
C PRO A 498 -52.74 7.90 -16.67
N ALA A 499 -51.61 7.20 -16.74
CA ALA A 499 -50.75 7.25 -17.91
C ALA A 499 -51.15 6.27 -19.01
N ASP A 500 -52.41 5.85 -19.05
CA ASP A 500 -52.88 4.91 -20.07
C ASP A 500 -53.90 5.58 -20.97
N VAL A 501 -53.66 5.54 -22.28
CA VAL A 501 -54.54 6.15 -23.26
C VAL A 501 -54.61 5.20 -24.46
N PHE A 502 -55.59 5.44 -25.33
CA PHE A 502 -55.80 4.60 -26.51
C PHE A 502 -56.33 5.46 -27.64
N VAL A 503 -55.47 5.83 -28.58
CA VAL A 503 -55.82 6.67 -29.71
C VAL A 503 -55.91 5.80 -30.96
N GLN A 504 -56.93 6.02 -31.77
CA GLN A 504 -57.09 5.30 -33.03
C GLN A 504 -57.93 6.15 -33.98
N TRP A 505 -57.42 6.35 -35.17
CA TRP A 505 -58.03 7.23 -36.15
C TRP A 505 -59.17 6.53 -36.89
N MET A 506 -59.91 7.33 -37.67
CA MET A 506 -61.10 6.87 -38.38
C MET A 506 -61.21 7.70 -39.64
N GLN A 507 -61.25 7.07 -40.80
CA GLN A 507 -61.34 7.82 -42.06
C GLN A 507 -62.79 8.12 -42.44
N ARG A 508 -63.59 7.08 -42.70
CA ARG A 508 -64.99 7.30 -43.03
C ARG A 508 -65.92 6.76 -41.95
N GLY A 509 -65.90 5.46 -41.70
CA GLY A 509 -66.61 4.90 -40.57
C GLY A 509 -65.88 3.72 -39.99
N GLN A 510 -64.73 3.39 -40.59
CA GLN A 510 -63.98 2.19 -40.25
C GLN A 510 -62.55 2.57 -39.93
N PRO A 511 -61.93 1.90 -38.96
CA PRO A 511 -60.63 2.36 -38.47
C PRO A 511 -59.54 2.18 -39.49
N LEU A 512 -58.71 3.21 -39.62
CA LEU A 512 -57.52 3.12 -40.46
C LEU A 512 -56.57 2.07 -39.90
N SER A 513 -55.88 1.39 -40.79
CA SER A 513 -55.00 0.30 -40.37
C SER A 513 -53.86 0.85 -39.53
N PRO A 514 -53.48 0.16 -38.44
CA PRO A 514 -52.58 0.77 -37.45
C PRO A 514 -51.14 0.96 -37.93
N GLU A 515 -50.84 0.69 -39.19
CA GLU A 515 -49.52 1.02 -39.71
C GLU A 515 -49.50 2.37 -40.40
N LYS A 516 -50.61 3.09 -40.44
CA LYS A 516 -50.65 4.40 -41.06
C LYS A 516 -50.46 5.54 -40.07
N TYR A 517 -50.46 5.24 -38.77
CA TYR A 517 -50.22 6.25 -37.75
C TYR A 517 -49.29 5.69 -36.69
N VAL A 518 -48.63 6.60 -35.98
CA VAL A 518 -47.73 6.24 -34.88
C VAL A 518 -48.12 7.09 -33.67
N THR A 519 -48.34 6.43 -32.54
CA THR A 519 -48.80 7.09 -31.34
C THR A 519 -47.66 7.15 -30.33
N SER A 520 -47.43 8.34 -29.78
CA SER A 520 -46.33 8.54 -28.85
C SER A 520 -46.64 7.91 -27.50
N ALA A 521 -45.59 7.71 -26.72
CA ALA A 521 -45.73 7.22 -25.36
C ALA A 521 -46.13 8.37 -24.44
N PRO A 522 -46.93 8.11 -23.42
CA PRO A 522 -47.32 9.18 -22.49
C PRO A 522 -46.11 9.71 -21.74
N MET A 523 -45.92 11.02 -21.81
CA MET A 523 -44.81 11.70 -21.16
C MET A 523 -45.35 12.71 -20.17
N PRO A 524 -44.60 12.99 -19.10
CA PRO A 524 -45.08 13.96 -18.11
C PRO A 524 -45.18 15.36 -18.70
N GLU A 525 -46.13 16.13 -18.19
CA GLU A 525 -46.38 17.48 -18.67
C GLU A 525 -45.60 18.47 -17.83
N PRO A 526 -44.69 19.26 -18.42
CA PRO A 526 -43.91 20.20 -17.60
C PRO A 526 -44.76 21.29 -16.96
N GLN A 527 -45.82 21.74 -17.63
CA GLN A 527 -46.63 22.83 -17.10
C GLN A 527 -47.28 22.45 -15.78
N ALA A 528 -47.87 21.25 -15.70
CA ALA A 528 -48.57 20.81 -14.50
C ALA A 528 -48.01 19.47 -14.07
N PRO A 529 -47.34 19.39 -12.92
CA PRO A 529 -46.88 18.10 -12.42
C PRO A 529 -48.05 17.19 -12.05
N GLY A 530 -47.84 15.90 -12.26
CA GLY A 530 -48.87 14.91 -12.02
C GLY A 530 -49.84 14.68 -13.16
N ARG A 531 -49.53 15.16 -14.35
CA ARG A 531 -50.37 14.98 -15.52
C ARG A 531 -49.49 14.75 -16.73
N TYR A 532 -50.03 14.06 -17.73
CA TYR A 532 -49.26 13.58 -18.86
C TYR A 532 -49.86 14.08 -20.16
N PHE A 533 -49.17 13.77 -21.27
CA PHE A 533 -49.64 14.11 -22.59
C PHE A 533 -49.10 13.10 -23.59
N ALA A 534 -49.80 12.98 -24.72
CA ALA A 534 -49.39 12.05 -25.77
C ALA A 534 -49.83 12.63 -27.11
N HIS A 535 -49.15 12.20 -28.18
CA HIS A 535 -49.45 12.63 -29.53
C HIS A 535 -49.83 11.44 -30.37
N SER A 536 -50.43 11.71 -31.53
CA SER A 536 -50.63 10.72 -32.57
C SER A 536 -50.47 11.43 -33.91
N ILE A 537 -49.94 10.72 -34.90
CA ILE A 537 -49.55 11.32 -36.17
C ILE A 537 -50.08 10.45 -37.30
N LEU A 538 -50.88 11.05 -38.17
CA LEU A 538 -51.39 10.37 -39.36
C LEU A 538 -50.88 11.07 -40.60
N THR A 539 -50.46 10.28 -41.59
CA THR A 539 -49.96 10.80 -42.86
C THR A 539 -50.99 10.56 -43.96
N VAL A 540 -51.41 11.65 -44.59
CA VAL A 540 -52.40 11.63 -45.66
C VAL A 540 -51.80 12.33 -46.87
N SER A 541 -51.94 11.71 -48.05
CA SER A 541 -51.09 12.07 -49.17
C SER A 541 -51.59 13.24 -50.00
N GLU A 542 -51.96 14.34 -49.33
CA GLU A 542 -52.08 15.66 -49.94
C GLU A 542 -53.18 15.76 -50.98
N GLU A 543 -53.80 14.63 -51.33
CA GLU A 543 -54.98 14.65 -52.19
C GLU A 543 -56.16 14.01 -51.50
N GLU A 544 -55.93 12.96 -50.70
CA GLU A 544 -56.94 12.48 -49.78
C GLU A 544 -57.24 13.50 -48.69
N TRP A 545 -56.41 14.54 -48.56
CA TRP A 545 -56.74 15.68 -47.73
C TRP A 545 -57.37 16.79 -48.56
N ASN A 546 -56.94 16.94 -49.82
CA ASN A 546 -57.40 18.05 -50.64
C ASN A 546 -58.74 17.78 -51.31
N THR A 547 -59.27 16.56 -51.20
CA THR A 547 -60.59 16.25 -51.72
C THR A 547 -61.64 16.13 -50.61
N GLY A 548 -61.45 16.86 -49.51
CA GLY A 548 -62.49 17.10 -48.53
C GLY A 548 -62.89 15.94 -47.65
N GLU A 549 -62.05 14.92 -47.52
CA GLU A 549 -62.35 13.84 -46.59
C GLU A 549 -62.13 14.29 -45.14
N THR A 550 -62.70 13.52 -44.23
CA THR A 550 -62.72 13.81 -42.81
C THR A 550 -61.96 12.74 -42.04
N TYR A 551 -61.42 13.14 -40.89
CA TYR A 551 -60.65 12.23 -40.05
C TYR A 551 -61.03 12.42 -38.59
N THR A 552 -61.39 11.33 -37.93
CA THR A 552 -61.84 11.34 -36.55
C THR A 552 -60.83 10.61 -35.69
N CYS A 553 -60.37 11.26 -34.62
CA CYS A 553 -59.39 10.69 -33.70
C CYS A 553 -60.11 10.28 -32.43
N VAL A 554 -60.27 8.97 -32.23
CA VAL A 554 -61.11 8.41 -31.18
C VAL A 554 -60.25 8.07 -29.98
N VAL A 555 -60.23 8.96 -28.99
CA VAL A 555 -59.43 8.79 -27.78
C VAL A 555 -60.28 8.10 -26.72
N ALA A 556 -59.71 7.10 -26.06
CA ALA A 556 -60.38 6.39 -24.98
C ALA A 556 -59.54 6.53 -23.70
N HIS A 557 -60.21 6.80 -22.59
CA HIS A 557 -59.50 7.00 -21.33
C HIS A 557 -60.46 6.78 -20.17
N GLU A 558 -59.88 6.50 -19.01
CA GLU A 558 -60.67 6.10 -17.85
C GLU A 558 -61.61 7.20 -17.38
N ALA A 559 -61.13 8.45 -17.37
CA ALA A 559 -61.88 9.54 -16.74
C ALA A 559 -62.86 10.22 -17.69
N LEU A 560 -62.88 9.85 -18.96
CA LEU A 560 -63.81 10.42 -19.91
C LEU A 560 -65.24 10.02 -19.56
N PRO A 561 -66.25 10.74 -20.08
CA PRO A 561 -67.63 10.45 -19.65
C PRO A 561 -68.07 9.02 -19.89
N ASN A 562 -67.97 8.53 -21.13
CA ASN A 562 -68.29 7.16 -21.47
C ASN A 562 -67.07 6.46 -22.05
N ARG A 563 -65.92 6.66 -21.42
CA ARG A 563 -64.66 6.00 -21.74
C ARG A 563 -64.16 6.29 -23.15
N VAL A 564 -64.74 7.27 -23.84
CA VAL A 564 -64.35 7.54 -25.22
C VAL A 564 -64.70 8.97 -25.56
N THR A 565 -63.91 9.58 -26.44
CA THR A 565 -64.24 10.85 -27.07
C THR A 565 -63.79 10.79 -28.51
N GLU A 566 -64.01 11.88 -29.25
CA GLU A 566 -63.68 11.89 -30.66
C GLU A 566 -63.70 13.32 -31.19
N ARG A 567 -62.65 13.69 -31.90
CA ARG A 567 -62.55 15.00 -32.53
C ARG A 567 -62.45 14.83 -34.03
N THR A 568 -63.07 15.72 -34.78
CA THR A 568 -63.16 15.61 -36.23
C THR A 568 -62.45 16.79 -36.87
N VAL A 569 -61.69 16.55 -37.93
CA VAL A 569 -61.04 17.65 -38.63
C VAL A 569 -61.10 17.28 -40.08
N ASP A 570 -61.72 18.08 -40.92
CA ASP A 570 -61.87 17.64 -42.30
C ASP A 570 -61.72 18.68 -43.36
N LYS A 571 -60.47 19.04 -43.67
CA LYS A 571 -60.05 20.03 -44.69
C LYS A 571 -60.47 21.47 -44.48
N SER A 572 -61.71 21.77 -44.83
CA SER A 572 -62.28 23.09 -44.63
C SER A 572 -63.11 23.08 -43.35
N THR A 573 -62.48 23.42 -42.23
CA THR A 573 -63.20 23.56 -40.96
C THR A 573 -63.29 25.01 -40.52
N GLU A 574 -62.15 25.63 -40.23
CA GLU A 574 -61.93 27.04 -39.89
C GLU A 574 -60.42 27.27 -39.89
N GLY A 575 -60.00 28.46 -39.48
CA GLY A 575 -58.59 28.80 -39.51
C GLY A 575 -58.32 30.26 -39.23
N GLU A 576 -57.53 30.88 -40.11
CA GLU A 576 -57.23 32.31 -40.03
C GLU A 576 -58.50 33.11 -39.77
N VAL A 577 -58.52 33.84 -38.65
CA VAL A 577 -59.71 34.59 -38.27
C VAL A 577 -59.72 35.94 -38.97
N SER A 578 -58.76 36.80 -38.63
CA SER A 578 -58.51 38.07 -39.32
C SER A 578 -59.82 38.80 -39.61
N ALA A 579 -60.49 39.20 -38.52
CA ALA A 579 -61.79 39.87 -38.64
C ALA A 579 -61.74 41.05 -39.61
N ASP A 580 -60.68 41.86 -39.53
CA ASP A 580 -60.54 42.97 -40.45
C ASP A 580 -60.39 42.48 -41.88
N GLU A 581 -59.73 41.34 -42.08
CA GLU A 581 -59.61 40.79 -43.43
C GLU A 581 -60.97 40.39 -43.97
N GLU A 582 -61.82 39.77 -43.14
CA GLU A 582 -63.15 39.40 -43.60
C GLU A 582 -63.99 40.63 -43.87
N GLY A 583 -63.82 41.68 -43.08
CA GLY A 583 -64.45 42.96 -43.41
C GLY A 583 -64.01 43.48 -44.76
N PHE A 584 -62.71 43.36 -45.06
CA PHE A 584 -62.20 43.76 -46.36
C PHE A 584 -62.84 42.97 -47.49
N GLU A 585 -62.93 41.65 -47.33
CA GLU A 585 -63.53 40.82 -48.38
C GLU A 585 -65.00 41.14 -48.57
N ASN A 586 -65.74 41.34 -47.48
CA ASN A 586 -67.15 41.68 -47.59
C ASN A 586 -67.33 43.04 -48.26
N LEU A 587 -66.45 44.00 -47.95
CA LEU A 587 -66.50 45.29 -48.61
C LEU A 587 -66.30 45.15 -50.11
N TRP A 588 -65.32 44.34 -50.52
CA TRP A 588 -65.10 44.18 -51.96
C TRP A 588 -66.26 43.45 -52.62
N ALA A 589 -66.85 42.46 -51.94
CA ALA A 589 -68.01 41.77 -52.52
C ALA A 589 -69.18 42.72 -52.69
N THR A 590 -69.43 43.58 -51.69
CA THR A 590 -70.48 44.58 -51.81
C THR A 590 -70.21 45.50 -52.99
N ALA A 591 -68.97 46.00 -53.12
CA ALA A 591 -68.65 46.89 -54.22
C ALA A 591 -68.86 46.22 -55.57
N SER A 592 -68.45 44.96 -55.69
CA SER A 592 -68.60 44.25 -56.96
C SER A 592 -70.07 44.05 -57.31
N THR A 593 -70.87 43.59 -56.34
CA THR A 593 -72.27 43.35 -56.64
C THR A 593 -73.01 44.64 -56.99
N PHE A 594 -72.67 45.74 -56.32
CA PHE A 594 -73.35 46.98 -56.63
C PHE A 594 -72.88 47.56 -57.96
N ILE A 595 -71.63 47.30 -58.36
CA ILE A 595 -71.20 47.67 -59.71
C ILE A 595 -72.01 46.90 -60.75
N VAL A 596 -72.19 45.60 -60.51
CA VAL A 596 -73.00 44.79 -61.42
C VAL A 596 -74.41 45.35 -61.54
N LEU A 597 -75.04 45.64 -60.40
CA LEU A 597 -76.42 46.11 -60.42
C LEU A 597 -76.53 47.49 -61.09
N PHE A 598 -75.56 48.37 -60.85
CA PHE A 598 -75.57 49.68 -61.49
C PHE A 598 -75.46 49.55 -63.00
N LEU A 599 -74.56 48.69 -63.47
CA LEU A 599 -74.41 48.50 -64.91
C LEU A 599 -75.68 47.94 -65.52
N LEU A 600 -76.32 46.98 -64.84
CA LEU A 600 -77.57 46.42 -65.35
C LEU A 600 -78.66 47.49 -65.39
N SER A 601 -78.71 48.36 -64.39
CA SER A 601 -79.71 49.42 -64.39
C SER A 601 -79.49 50.38 -65.55
N LEU A 602 -78.24 50.70 -65.86
CA LEU A 602 -77.96 51.54 -67.03
C LEU A 602 -78.41 50.87 -68.32
N PHE A 603 -78.13 49.56 -68.45
CA PHE A 603 -78.59 48.86 -69.64
C PHE A 603 -80.11 48.93 -69.77
N TYR A 604 -80.82 48.71 -68.66
CA TYR A 604 -82.28 48.76 -68.72
C TYR A 604 -82.78 50.14 -69.09
N SER A 605 -82.23 51.17 -68.46
CA SER A 605 -82.67 52.53 -68.74
C SER A 605 -82.43 52.88 -70.19
N THR A 606 -81.27 52.51 -70.72
CA THR A 606 -80.94 52.90 -72.09
C THR A 606 -81.79 52.13 -73.10
N THR A 607 -82.02 50.83 -72.85
CA THR A 607 -82.90 50.08 -73.74
C THR A 607 -84.31 50.66 -73.73
N VAL A 608 -84.82 51.03 -72.55
CA VAL A 608 -86.18 51.55 -72.46
C VAL A 608 -86.27 52.90 -73.16
N THR A 609 -85.28 53.77 -72.98
CA THR A 609 -85.37 55.09 -73.59
C THR A 609 -85.12 55.05 -75.10
N LEU A 610 -84.34 54.10 -75.61
CA LEU A 610 -84.23 53.94 -77.05
C LEU A 610 -85.47 53.26 -77.64
N PHE A 611 -86.16 52.43 -76.85
CA PHE A 611 -87.48 51.97 -77.28
C PHE A 611 -88.47 53.13 -77.33
N LYS A 612 -88.37 54.05 -76.38
CA LYS A 612 -89.31 55.16 -76.32
C LYS A 612 -89.04 56.19 -77.41
N VAL A 613 -87.78 56.31 -77.85
CA VAL A 613 -87.51 57.18 -78.99
C VAL A 613 -87.82 56.49 -80.31
N LYS A 614 -87.87 55.15 -80.33
CA LYS A 614 -88.17 54.41 -81.54
C LYS A 614 -89.19 53.31 -81.25
N GLU B 41 58.11 -18.95 9.51
CA GLU B 41 58.58 -18.18 10.65
C GLU B 41 60.08 -17.93 10.58
N ILE B 42 60.75 -18.61 9.64
CA ILE B 42 62.18 -18.46 9.45
C ILE B 42 62.47 -18.19 7.99
N VAL B 43 63.75 -17.98 7.66
CA VAL B 43 64.16 -17.70 6.29
C VAL B 43 64.20 -18.99 5.49
N LEU B 44 64.37 -20.11 6.20
CA LEU B 44 64.40 -21.41 5.54
C LEU B 44 62.98 -21.91 5.33
N THR B 45 62.65 -22.28 4.08
CA THR B 45 61.33 -22.75 3.71
C THR B 45 61.45 -24.17 3.18
N GLN B 46 60.64 -25.08 3.72
CA GLN B 46 60.59 -26.46 3.27
C GLN B 46 59.20 -26.72 2.69
N SER B 47 59.10 -26.68 1.36
CA SER B 47 57.81 -26.87 0.72
C SER B 47 57.27 -28.29 0.86
N PRO B 48 58.09 -29.33 1.01
CA PRO B 48 57.55 -30.69 1.11
C PRO B 48 56.92 -30.98 2.46
N GLY B 49 55.68 -30.56 2.66
CA GLY B 49 54.97 -30.80 3.90
C GLY B 49 54.53 -32.23 4.05
N THR B 50 54.42 -32.96 2.94
CA THR B 50 54.02 -34.36 2.95
C THR B 50 54.57 -35.03 1.70
N LEU B 51 54.82 -36.33 1.82
CA LEU B 51 55.38 -37.11 0.73
C LEU B 51 54.81 -38.52 0.78
N SER B 52 53.95 -38.85 -0.18
CA SER B 52 53.37 -40.19 -0.29
C SER B 52 54.06 -40.89 -1.46
N LEU B 53 55.10 -41.66 -1.15
CA LEU B 53 55.88 -42.36 -2.15
C LEU B 53 55.99 -43.84 -1.80
N SER B 54 56.11 -44.66 -2.84
CA SER B 54 56.25 -46.11 -2.73
C SER B 54 57.70 -46.53 -2.84
N PRO B 55 58.06 -47.70 -2.31
CA PRO B 55 59.46 -48.15 -2.41
C PRO B 55 59.89 -48.39 -3.85
N GLY B 56 60.89 -47.63 -4.31
CA GLY B 56 61.37 -47.74 -5.67
C GLY B 56 61.27 -46.42 -6.41
N GLU B 57 60.36 -45.55 -5.99
CA GLU B 57 60.20 -44.25 -6.60
C GLU B 57 61.26 -43.27 -6.08
N THR B 58 61.32 -42.11 -6.72
CA THR B 58 62.28 -41.06 -6.36
C THR B 58 61.55 -39.96 -5.59
N ALA B 59 62.07 -39.62 -4.42
CA ALA B 59 61.50 -38.57 -3.59
C ALA B 59 62.35 -37.31 -3.72
N ILE B 60 61.71 -36.18 -3.99
CA ILE B 60 62.38 -34.90 -4.21
C ILE B 60 61.93 -33.95 -3.10
N ILE B 61 62.89 -33.39 -2.37
CA ILE B 61 62.63 -32.42 -1.32
C ILE B 61 63.46 -31.18 -1.61
N SER B 62 62.81 -30.01 -1.52
CA SER B 62 63.46 -28.75 -1.81
C SER B 62 63.53 -27.89 -0.55
N CYS B 63 64.55 -27.03 -0.50
CA CYS B 63 64.75 -26.14 0.64
C CYS B 63 65.40 -24.87 0.12
N ARG B 64 64.67 -23.76 0.19
CA ARG B 64 65.14 -22.47 -0.30
C ARG B 64 65.60 -21.62 0.89
N THR B 65 66.84 -21.17 0.85
CA THR B 65 67.41 -20.32 1.88
C THR B 65 67.72 -18.94 1.31
N SER B 66 67.30 -17.91 2.04
CA SER B 66 67.50 -16.52 1.62
C SER B 66 68.61 -15.85 2.41
N GLN B 67 69.64 -16.61 2.77
CA GLN B 67 70.77 -16.08 3.51
C GLN B 67 72.02 -16.86 3.15
N TYR B 68 73.17 -16.23 3.36
CA TYR B 68 74.45 -16.87 3.06
C TYR B 68 74.80 -17.87 4.16
N GLY B 69 75.19 -19.07 3.75
CA GLY B 69 75.55 -20.11 4.69
C GLY B 69 75.38 -21.51 4.15
N SER B 70 76.18 -22.45 4.64
CA SER B 70 76.08 -23.83 4.18
C SER B 70 74.76 -24.45 4.63
N LEU B 71 74.17 -25.25 3.74
CA LEU B 71 72.91 -25.94 4.03
C LEU B 71 73.17 -27.44 4.17
N ALA B 72 72.59 -28.04 5.21
CA ALA B 72 72.74 -29.45 5.48
C ALA B 72 71.38 -30.10 5.64
N TRP B 73 71.30 -31.38 5.28
CA TRP B 73 70.07 -32.15 5.37
C TRP B 73 70.24 -33.27 6.37
N TYR B 74 69.27 -33.46 7.24
CA TYR B 74 69.30 -34.48 8.27
C TYR B 74 68.05 -35.35 8.17
N GLN B 75 68.23 -36.65 8.41
CA GLN B 75 67.15 -37.62 8.37
C GLN B 75 66.89 -38.15 9.77
N GLN B 76 65.63 -38.12 10.20
CA GLN B 76 65.24 -38.56 11.53
C GLN B 76 64.26 -39.72 11.39
N ARG B 77 64.72 -40.91 11.76
CA ARG B 77 63.86 -42.09 11.75
C ARG B 77 62.88 -42.05 12.91
N PRO B 78 61.80 -42.82 12.83
CA PRO B 78 60.81 -42.84 13.93
C PRO B 78 61.41 -43.37 15.22
N GLY B 79 61.49 -42.51 16.23
CA GLY B 79 62.04 -42.90 17.52
C GLY B 79 63.52 -42.62 17.64
N GLN B 80 64.26 -42.86 16.56
CA GLN B 80 65.70 -42.67 16.57
C GLN B 80 66.03 -41.18 16.44
N ALA B 81 67.30 -40.84 16.71
CA ALA B 81 67.81 -39.48 16.63
C ALA B 81 68.12 -39.11 15.18
N PRO B 82 68.17 -37.80 14.88
CA PRO B 82 68.48 -37.38 13.51
C PRO B 82 69.90 -37.77 13.09
N ARG B 83 70.10 -38.03 11.80
CA ARG B 83 71.39 -38.42 11.27
C ARG B 83 71.73 -37.51 10.08
N LEU B 84 73.00 -37.10 10.01
CA LEU B 84 73.45 -36.23 8.94
C LEU B 84 73.68 -37.04 7.67
N VAL B 85 72.99 -36.69 6.60
CA VAL B 85 73.12 -37.37 5.31
C VAL B 85 73.85 -36.51 4.30
N ILE B 86 73.46 -35.25 4.17
CA ILE B 86 74.06 -34.32 3.22
C ILE B 86 74.55 -33.10 3.98
N TYR B 87 75.79 -32.71 3.73
CA TYR B 87 76.41 -31.57 4.38
C TYR B 87 77.04 -30.66 3.33
N SER B 88 77.14 -29.38 3.66
CA SER B 88 77.73 -28.36 2.79
C SER B 88 77.03 -28.26 1.45
N GLY B 89 75.74 -28.58 1.40
CA GLY B 89 74.97 -28.47 0.17
C GLY B 89 74.93 -29.73 -0.67
N SER B 90 76.10 -30.20 -1.13
CA SER B 90 76.17 -31.33 -2.03
C SER B 90 77.22 -32.37 -1.62
N THR B 91 77.83 -32.22 -0.45
CA THR B 91 78.85 -33.16 0.00
C THR B 91 78.18 -34.23 0.87
N ARG B 92 78.35 -35.50 0.48
CA ARG B 92 77.76 -36.60 1.22
C ARG B 92 78.54 -36.85 2.51
N ALA B 93 77.81 -37.25 3.55
CA ALA B 93 78.41 -37.54 4.85
C ALA B 93 78.88 -39.00 4.89
N ALA B 94 79.53 -39.37 5.98
CA ALA B 94 80.03 -40.73 6.14
C ALA B 94 78.86 -41.70 6.32
N GLY B 95 78.92 -42.82 5.59
CA GLY B 95 77.87 -43.82 5.66
C GLY B 95 76.64 -43.52 4.83
N ILE B 96 76.62 -42.41 4.11
CA ILE B 96 75.48 -42.02 3.29
C ILE B 96 75.57 -42.78 1.96
N PRO B 97 74.53 -43.53 1.57
CA PRO B 97 74.59 -44.23 0.29
C PRO B 97 74.58 -43.26 -0.88
N ASP B 98 75.10 -43.72 -2.01
CA ASP B 98 75.19 -42.90 -3.21
C ASP B 98 73.83 -42.59 -3.84
N ARG B 99 72.76 -43.26 -3.39
CA ARG B 99 71.44 -42.99 -3.93
C ARG B 99 70.99 -41.56 -3.65
N PHE B 100 71.24 -41.07 -2.44
CA PHE B 100 70.88 -39.70 -2.09
C PHE B 100 71.95 -38.73 -2.59
N SER B 101 71.50 -37.66 -3.24
CA SER B 101 72.40 -36.66 -3.79
C SER B 101 71.76 -35.29 -3.67
N GLY B 102 72.55 -34.29 -3.27
CA GLY B 102 72.08 -32.93 -3.12
C GLY B 102 72.61 -32.04 -4.21
N SER B 103 71.82 -31.03 -4.58
CA SER B 103 72.20 -30.07 -5.60
C SER B 103 71.79 -28.67 -5.16
N ARG B 104 72.53 -27.68 -5.63
CA ARG B 104 72.27 -26.29 -5.29
C ARG B 104 72.17 -25.46 -6.56
N TRP B 105 71.08 -24.69 -6.67
CA TRP B 105 70.85 -23.79 -7.81
C TRP B 105 70.47 -22.41 -7.25
N GLY B 106 71.50 -21.60 -7.00
CA GLY B 106 71.30 -20.30 -6.40
C GLY B 106 70.91 -20.40 -4.94
N PRO B 107 69.73 -19.88 -4.60
CA PRO B 107 69.28 -19.97 -3.19
C PRO B 107 68.51 -21.23 -2.87
N ASP B 108 68.09 -22.00 -3.87
CA ASP B 108 67.30 -23.21 -3.65
C ASP B 108 68.20 -24.43 -3.70
N TYR B 109 68.02 -25.33 -2.73
CA TYR B 109 68.76 -26.58 -2.66
C TYR B 109 67.77 -27.75 -2.69
N ASN B 110 68.14 -28.80 -3.42
CA ASN B 110 67.29 -29.97 -3.60
C ASN B 110 68.05 -31.22 -3.17
N LEU B 111 67.42 -32.01 -2.30
CA LEU B 111 67.94 -33.30 -1.87
C LEU B 111 66.99 -34.38 -2.37
N THR B 112 67.45 -35.19 -3.32
CA THR B 112 66.63 -36.19 -3.96
C THR B 112 67.28 -37.55 -3.81
N ILE B 113 66.47 -38.55 -3.45
CA ILE B 113 66.93 -39.94 -3.35
C ILE B 113 66.42 -40.71 -4.56
N SER B 114 67.32 -41.43 -5.22
CA SER B 114 67.00 -42.15 -6.44
C SER B 114 66.48 -43.56 -6.18
N ASN B 115 66.45 -44.00 -4.91
CA ASN B 115 65.98 -45.35 -4.61
C ASN B 115 65.38 -45.41 -3.21
N LEU B 116 64.05 -45.39 -3.13
CA LEU B 116 63.36 -45.50 -1.85
C LEU B 116 63.57 -46.89 -1.26
N GLU B 117 63.79 -46.94 0.05
CA GLU B 117 64.03 -48.18 0.78
C GLU B 117 63.22 -48.18 2.06
N SER B 118 63.26 -49.31 2.76
CA SER B 118 62.56 -49.44 4.03
C SER B 118 63.12 -48.47 5.06
N GLY B 119 64.44 -48.34 5.12
CA GLY B 119 65.09 -47.43 6.04
C GLY B 119 65.27 -46.02 5.52
N ASP B 120 64.84 -45.73 4.30
CA ASP B 120 64.95 -44.39 3.74
C ASP B 120 63.74 -43.52 4.09
N PHE B 121 62.65 -44.11 4.55
CA PHE B 121 61.48 -43.34 4.94
C PHE B 121 61.68 -42.76 6.34
N GLY B 122 61.20 -41.54 6.52
CA GLY B 122 61.34 -40.88 7.81
C GLY B 122 61.06 -39.39 7.67
N VAL B 123 61.64 -38.63 8.60
CA VAL B 123 61.50 -37.18 8.65
C VAL B 123 62.82 -36.56 8.21
N TYR B 124 62.78 -35.80 7.13
CA TYR B 124 63.96 -35.12 6.59
C TYR B 124 63.76 -33.61 6.67
N TYR B 125 64.71 -32.92 7.28
CA TYR B 125 64.68 -31.47 7.44
C TYR B 125 66.01 -30.87 7.06
N CYS B 126 65.97 -29.65 6.54
CA CYS B 126 67.18 -28.91 6.18
C CYS B 126 67.58 -27.99 7.33
N GLN B 127 68.88 -27.77 7.47
CA GLN B 127 69.41 -26.93 8.53
C GLN B 127 70.39 -25.93 7.94
N GLN B 128 70.26 -24.68 8.37
CA GLN B 128 71.14 -23.59 7.95
C GLN B 128 71.56 -22.81 9.20
N TYR B 129 72.80 -23.02 9.64
CA TYR B 129 73.35 -22.41 10.85
C TYR B 129 72.45 -22.81 12.01
N GLU B 130 71.85 -21.87 12.74
CA GLU B 130 70.95 -22.19 13.84
C GLU B 130 69.48 -22.27 13.40
N PHE B 131 69.19 -22.07 12.12
CA PHE B 131 67.83 -22.10 11.61
C PHE B 131 67.61 -23.39 10.82
N PHE B 132 66.50 -24.06 11.12
CA PHE B 132 66.15 -25.32 10.47
C PHE B 132 64.77 -25.19 9.82
N GLY B 133 64.52 -26.05 8.84
CA GLY B 133 63.25 -26.04 8.13
C GLY B 133 62.16 -26.80 8.87
N GLN B 134 60.96 -26.73 8.30
CA GLN B 134 59.80 -27.39 8.91
C GLN B 134 59.87 -28.91 8.84
N GLY B 135 60.68 -29.46 7.94
CA GLY B 135 60.83 -30.90 7.82
C GLY B 135 59.90 -31.48 6.76
N THR B 136 60.28 -32.66 6.27
CA THR B 136 59.52 -33.36 5.25
C THR B 136 59.10 -34.72 5.80
N LYS B 137 57.82 -35.04 5.69
CA LYS B 137 57.27 -36.30 6.20
C LYS B 137 57.15 -37.27 5.03
N VAL B 138 58.15 -38.13 4.87
CA VAL B 138 58.13 -39.15 3.83
C VAL B 138 57.55 -40.42 4.41
N GLN B 139 56.47 -40.92 3.80
CA GLN B 139 55.80 -42.12 4.28
C GLN B 139 55.52 -43.05 3.11
N VAL B 140 55.44 -44.34 3.41
CA VAL B 140 55.16 -45.34 2.39
C VAL B 140 53.73 -45.16 1.88
N ASP B 141 53.53 -45.45 0.59
CA ASP B 141 52.22 -45.33 -0.04
C ASP B 141 52.01 -46.58 -0.91
N ILE B 142 51.14 -47.47 -0.45
CA ILE B 142 50.85 -48.69 -1.20
C ILE B 142 50.08 -48.33 -2.46
N LYS B 143 50.57 -48.80 -3.60
CA LYS B 143 49.94 -48.50 -4.88
C LYS B 143 48.64 -49.29 -5.03
N ARG B 144 47.63 -48.63 -5.60
CA ARG B 144 46.34 -49.26 -5.84
C ARG B 144 45.65 -48.53 -6.99
N THR B 145 44.48 -49.03 -7.36
CA THR B 145 43.70 -48.39 -8.43
C THR B 145 43.24 -47.01 -7.99
N VAL B 146 43.17 -46.09 -8.94
CA VAL B 146 42.74 -44.72 -8.67
C VAL B 146 41.28 -44.72 -8.27
N ALA B 147 40.97 -44.14 -7.13
CA ALA B 147 39.62 -44.10 -6.60
C ALA B 147 39.02 -42.69 -6.75
N ALA B 148 37.70 -42.61 -6.56
CA ALA B 148 36.98 -41.37 -6.65
C ALA B 148 36.57 -40.91 -5.27
N PRO B 149 36.99 -39.72 -4.83
CA PRO B 149 36.64 -39.26 -3.48
C PRO B 149 35.20 -38.77 -3.39
N SER B 150 34.38 -39.46 -2.58
CA SER B 150 33.01 -39.02 -2.35
C SER B 150 33.00 -37.73 -1.54
N VAL B 151 32.74 -36.61 -2.21
CA VAL B 151 32.82 -35.30 -1.57
C VAL B 151 31.51 -34.98 -0.87
N PHE B 152 31.60 -34.48 0.35
CA PHE B 152 30.43 -34.07 1.11
C PHE B 152 30.66 -32.70 1.74
N ILE B 153 29.67 -32.19 2.47
CA ILE B 153 29.79 -30.89 3.12
C ILE B 153 28.94 -30.88 4.39
N PHE B 154 29.47 -30.30 5.46
CA PHE B 154 28.77 -30.23 6.73
C PHE B 154 28.62 -28.79 7.17
N PRO B 155 27.40 -28.27 7.26
CA PRO B 155 27.20 -26.89 7.71
C PRO B 155 27.41 -26.79 9.21
N PRO B 156 27.66 -25.59 9.72
CA PRO B 156 27.81 -25.43 11.18
C PRO B 156 26.54 -25.80 11.92
N SER B 157 26.71 -26.43 13.08
CA SER B 157 25.57 -26.82 13.89
C SER B 157 24.91 -25.60 14.52
N ASP B 158 23.61 -25.74 14.82
CA ASP B 158 22.88 -24.66 15.48
C ASP B 158 23.46 -24.39 16.87
N GLU B 159 23.77 -25.45 17.61
CA GLU B 159 24.36 -25.27 18.94
C GLU B 159 25.77 -24.68 18.85
N GLN B 160 26.55 -25.11 17.88
CA GLN B 160 27.91 -24.59 17.72
C GLN B 160 27.91 -23.10 17.39
N LEU B 161 27.01 -22.67 16.51
CA LEU B 161 26.95 -21.26 16.14
C LEU B 161 26.45 -20.40 17.29
N LYS B 162 25.58 -20.95 18.14
CA LYS B 162 25.05 -20.17 19.26
C LYS B 162 26.12 -19.84 20.29
N SER B 163 27.14 -20.68 20.41
CA SER B 163 28.20 -20.52 21.41
C SER B 163 29.53 -20.34 20.69
N GLY B 164 29.88 -19.08 20.41
CA GLY B 164 31.17 -18.77 19.84
C GLY B 164 31.22 -18.71 18.34
N THR B 165 32.11 -19.50 17.74
CA THR B 165 32.35 -19.48 16.31
C THR B 165 31.63 -20.64 15.63
N ALA B 166 31.88 -20.79 14.33
CA ALA B 166 31.27 -21.83 13.52
C ALA B 166 32.33 -22.54 12.70
N SER B 167 32.10 -23.83 12.42
CA SER B 167 33.03 -24.65 11.66
C SER B 167 32.32 -25.23 10.44
N VAL B 168 32.97 -25.16 9.29
CA VAL B 168 32.44 -25.72 8.04
C VAL B 168 33.33 -26.89 7.66
N VAL B 169 32.77 -28.10 7.67
CA VAL B 169 33.54 -29.29 7.38
C VAL B 169 33.28 -29.75 5.94
N CYS B 170 34.22 -30.53 5.40
CA CYS B 170 34.10 -31.08 4.06
C CYS B 170 34.92 -32.36 4.02
N LEU B 171 34.25 -33.50 4.09
CA LEU B 171 34.91 -34.80 4.16
C LEU B 171 34.98 -35.43 2.78
N LEU B 172 36.12 -36.07 2.49
CA LEU B 172 36.35 -36.80 1.23
C LEU B 172 36.89 -38.18 1.61
N ASN B 173 35.99 -39.15 1.78
CA ASN B 173 36.36 -40.48 2.22
C ASN B 173 36.61 -41.40 1.03
N ASN B 174 37.36 -42.47 1.27
CA ASN B 174 37.67 -43.48 0.26
C ASN B 174 38.31 -42.86 -0.98
N PHE B 175 39.48 -42.24 -0.81
CA PHE B 175 40.17 -41.59 -1.90
C PHE B 175 41.57 -42.16 -2.05
N TYR B 176 41.90 -42.60 -3.25
CA TYR B 176 43.26 -43.03 -3.56
C TYR B 176 44.11 -41.81 -3.91
N PRO B 177 45.44 -41.99 -4.04
CA PRO B 177 46.35 -40.86 -4.30
C PRO B 177 46.15 -39.70 -3.34
N ARG B 178 46.80 -39.79 -2.17
CA ARG B 178 46.61 -38.85 -1.07
C ARG B 178 46.73 -37.40 -1.50
N GLU B 179 47.48 -37.12 -2.55
CA GLU B 179 47.58 -35.77 -3.07
C GLU B 179 46.23 -35.29 -3.58
N ALA B 180 45.76 -34.18 -3.02
CA ALA B 180 44.46 -33.63 -3.39
C ALA B 180 44.47 -32.13 -3.12
N LYS B 181 43.82 -31.38 -4.01
CA LYS B 181 43.75 -29.92 -3.92
C LYS B 181 42.31 -29.55 -3.53
N VAL B 182 42.09 -29.35 -2.23
CA VAL B 182 40.79 -28.97 -1.71
C VAL B 182 40.83 -27.48 -1.38
N GLN B 183 40.07 -26.69 -2.12
CA GLN B 183 40.01 -25.24 -1.95
C GLN B 183 38.60 -24.85 -1.55
N TRP B 184 38.46 -24.19 -0.40
CA TRP B 184 37.16 -23.73 0.05
C TRP B 184 36.70 -22.55 -0.79
N LYS B 185 35.42 -22.56 -1.17
CA LYS B 185 34.83 -21.50 -1.99
C LYS B 185 33.62 -20.95 -1.26
N VAL B 186 33.70 -19.68 -0.86
CA VAL B 186 32.60 -18.97 -0.21
C VAL B 186 32.18 -17.83 -1.12
N ASP B 187 31.01 -17.95 -1.73
CA ASP B 187 30.51 -16.96 -2.69
C ASP B 187 31.52 -16.71 -3.80
N ASN B 188 32.11 -17.80 -4.31
CA ASN B 188 33.11 -17.76 -5.38
C ASN B 188 34.35 -16.95 -5.00
N ALA B 189 34.64 -16.85 -3.70
CA ALA B 189 35.82 -16.14 -3.20
C ALA B 189 36.76 -17.17 -2.58
N LEU B 190 37.87 -17.45 -3.27
CA LEU B 190 38.85 -18.41 -2.78
C LEU B 190 39.49 -17.94 -1.50
N GLN B 191 39.23 -18.64 -0.39
CA GLN B 191 39.80 -18.29 0.89
C GLN B 191 41.21 -18.84 1.02
N SER B 192 41.99 -18.25 1.93
CA SER B 192 43.36 -18.68 2.16
C SER B 192 43.80 -18.32 3.58
N GLY B 193 44.07 -19.33 4.40
CA GLY B 193 44.52 -19.11 5.75
C GLY B 193 43.55 -19.64 6.80
N ASN B 194 42.25 -19.49 6.54
CA ASN B 194 41.23 -19.93 7.46
C ASN B 194 40.87 -21.41 7.29
N SER B 195 41.47 -22.10 6.33
CA SER B 195 41.20 -23.50 6.10
C SER B 195 42.12 -24.36 6.96
N GLN B 196 41.68 -25.61 7.18
CA GLN B 196 42.46 -26.57 7.96
C GLN B 196 42.20 -27.98 7.47
N GLU B 197 43.21 -28.58 6.84
CA GLU B 197 43.09 -29.91 6.28
C GLU B 197 43.50 -30.98 7.28
N SER B 198 43.02 -32.20 7.05
CA SER B 198 43.34 -33.33 7.90
C SER B 198 43.20 -34.63 7.12
N VAL B 199 44.29 -35.39 7.03
CA VAL B 199 44.32 -36.64 6.27
C VAL B 199 44.58 -37.79 7.23
N THR B 200 43.70 -38.79 7.19
CA THR B 200 43.84 -39.97 8.04
C THR B 200 44.90 -40.92 7.48
N GLU B 201 45.33 -41.84 8.32
CA GLU B 201 46.32 -42.83 7.90
C GLU B 201 45.73 -43.74 6.83
N GLN B 202 46.60 -44.19 5.92
CA GLN B 202 46.18 -45.07 4.82
C GLN B 202 45.58 -46.36 5.36
N ASP B 203 44.43 -46.74 4.82
CA ASP B 203 43.75 -47.95 5.27
C ASP B 203 44.58 -49.19 4.95
N SER B 204 44.66 -50.11 5.92
CA SER B 204 45.39 -51.34 5.70
C SER B 204 44.71 -52.21 4.65
N LYS B 205 43.39 -52.31 4.69
CA LYS B 205 42.66 -53.20 3.77
C LYS B 205 42.41 -52.53 2.42
N ASP B 206 41.69 -51.41 2.42
CA ASP B 206 41.26 -50.78 1.19
C ASP B 206 42.33 -49.90 0.55
N SER B 207 43.39 -49.56 1.30
CA SER B 207 44.47 -48.70 0.79
C SER B 207 43.92 -47.38 0.26
N THR B 208 42.96 -46.82 1.00
CA THR B 208 42.32 -45.57 0.63
C THR B 208 42.44 -44.57 1.77
N TYR B 209 42.74 -43.33 1.42
CA TYR B 209 42.91 -42.25 2.38
C TYR B 209 41.64 -41.41 2.46
N SER B 210 41.45 -40.78 3.62
CA SER B 210 40.30 -39.91 3.86
C SER B 210 40.80 -38.54 4.28
N LEU B 211 40.36 -37.50 3.58
CA LEU B 211 40.78 -36.14 3.85
C LEU B 211 39.57 -35.28 4.19
N SER B 212 39.67 -34.51 5.26
CA SER B 212 38.61 -33.62 5.70
C SER B 212 39.20 -32.24 5.94
N SER B 213 38.57 -31.22 5.37
CA SER B 213 39.01 -29.84 5.50
C SER B 213 37.96 -29.07 6.32
N THR B 214 38.33 -28.71 7.54
CA THR B 214 37.43 -27.99 8.44
C THR B 214 37.73 -26.50 8.34
N LEU B 215 36.79 -25.75 7.77
CA LEU B 215 36.93 -24.30 7.63
C LEU B 215 36.24 -23.64 8.82
N THR B 216 37.02 -22.97 9.66
CA THR B 216 36.51 -22.32 10.86
C THR B 216 36.42 -20.82 10.62
N LEU B 217 35.23 -20.27 10.84
CA LEU B 217 34.98 -18.83 10.70
C LEU B 217 34.25 -18.34 11.94
N SER B 218 34.06 -17.03 12.04
CA SER B 218 33.39 -16.41 13.16
C SER B 218 31.92 -16.24 12.88
N LYS B 219 31.12 -16.14 13.94
CA LYS B 219 29.68 -15.98 13.79
C LYS B 219 29.33 -14.63 13.19
N ALA B 220 30.18 -13.62 13.37
CA ALA B 220 29.96 -12.29 12.83
C ALA B 220 30.51 -12.14 11.41
N ASP B 221 31.09 -13.20 10.84
CA ASP B 221 31.63 -13.15 9.49
C ASP B 221 31.02 -14.23 8.62
N TYR B 222 30.47 -15.27 9.25
CA TYR B 222 29.83 -16.35 8.51
C TYR B 222 28.44 -15.98 7.99
N GLU B 223 27.85 -14.91 8.52
CA GLU B 223 26.53 -14.47 8.09
C GLU B 223 26.56 -13.60 6.85
N LYS B 224 27.75 -13.23 6.37
CA LYS B 224 27.88 -12.40 5.17
C LYS B 224 27.84 -13.20 3.88
N HIS B 225 27.80 -14.53 3.96
CA HIS B 225 27.75 -15.38 2.79
C HIS B 225 26.85 -16.57 3.07
N LYS B 226 26.32 -17.16 2.00
CA LYS B 226 25.44 -18.32 2.14
C LYS B 226 25.87 -19.45 1.21
N VAL B 227 26.62 -19.10 0.16
CA VAL B 227 27.10 -20.09 -0.81
C VAL B 227 28.49 -20.52 -0.35
N TYR B 228 28.58 -21.70 0.24
CA TYR B 228 29.84 -22.27 0.71
C TYR B 228 30.12 -23.56 -0.04
N ALA B 229 31.35 -23.67 -0.57
CA ALA B 229 31.73 -24.83 -1.36
C ALA B 229 33.18 -25.18 -1.08
N CYS B 230 33.53 -26.42 -1.39
CA CYS B 230 34.91 -26.91 -1.26
C CYS B 230 35.31 -27.57 -2.58
N GLU B 231 36.12 -26.86 -3.36
CA GLU B 231 36.56 -27.38 -4.66
C GLU B 231 37.64 -28.43 -4.43
N VAL B 232 37.28 -29.69 -4.66
CA VAL B 232 38.19 -30.82 -4.44
C VAL B 232 38.62 -31.36 -5.80
N THR B 233 39.92 -31.36 -6.06
CA THR B 233 40.49 -31.88 -7.28
C THR B 233 41.39 -33.08 -6.97
N HIS B 234 41.32 -34.09 -7.82
CA HIS B 234 42.10 -35.31 -7.65
C HIS B 234 42.24 -35.98 -9.01
N GLN B 235 43.04 -37.04 -9.05
CA GLN B 235 43.29 -37.78 -10.28
C GLN B 235 42.09 -38.63 -10.70
N GLY B 236 41.28 -39.07 -9.74
CA GLY B 236 40.14 -39.92 -10.03
C GLY B 236 38.95 -39.24 -10.64
N LEU B 237 38.92 -37.90 -10.67
CA LEU B 237 37.81 -37.17 -11.27
C LEU B 237 38.20 -36.59 -12.62
N SER B 238 37.25 -35.96 -13.29
CA SER B 238 37.53 -35.32 -14.58
C SER B 238 37.55 -33.80 -14.39
N SER B 239 36.56 -33.27 -13.68
CA SER B 239 36.49 -31.86 -13.31
C SER B 239 36.44 -31.77 -11.79
N PRO B 240 37.02 -30.74 -11.18
CA PRO B 240 36.99 -30.64 -9.72
C PRO B 240 35.57 -30.60 -9.16
N VAL B 241 35.35 -31.33 -8.06
CA VAL B 241 34.02 -31.37 -7.46
C VAL B 241 33.70 -30.02 -6.82
N THR B 242 32.44 -29.63 -6.87
CA THR B 242 31.98 -28.36 -6.33
C THR B 242 30.72 -28.56 -5.49
N LYS B 243 30.75 -29.56 -4.62
CA LYS B 243 29.63 -29.82 -3.71
C LYS B 243 29.44 -28.64 -2.77
N SER B 244 28.33 -27.92 -2.93
CA SER B 244 28.09 -26.70 -2.18
C SER B 244 26.78 -26.82 -1.40
N PHE B 245 26.55 -25.85 -0.52
CA PHE B 245 25.34 -25.79 0.27
C PHE B 245 24.95 -24.34 0.47
N ASN B 246 23.65 -24.11 0.67
CA ASN B 246 23.10 -22.78 0.87
C ASN B 246 22.62 -22.63 2.30
N ARG B 247 23.15 -21.64 3.01
CA ARG B 247 22.72 -21.37 4.37
C ARG B 247 21.30 -20.84 4.39
N GLY B 248 20.55 -21.18 5.44
CA GLY B 248 19.17 -20.74 5.57
C GLY B 248 18.20 -21.71 4.94
N GLU B 249 18.21 -21.79 3.60
CA GLU B 249 17.35 -22.73 2.88
C GLU B 249 18.04 -24.08 2.81
N CYS B 250 17.60 -25.01 3.64
CA CYS B 250 18.18 -26.35 3.68
C CYS B 250 17.22 -27.40 3.14
N GLN C 20 57.16 2.05 74.38
CA GLN C 20 58.27 2.59 73.59
C GLN C 20 58.43 1.83 72.29
N VAL C 21 57.79 0.67 72.19
CA VAL C 21 57.85 -0.16 71.00
C VAL C 21 57.02 0.49 69.88
N GLN C 22 57.64 0.72 68.73
CA GLN C 22 56.97 1.32 67.59
C GLN C 22 57.55 0.76 66.31
N LEU C 23 56.70 0.57 65.30
CA LEU C 23 57.13 0.06 64.01
C LEU C 23 57.06 1.17 62.98
N VAL C 24 58.16 1.36 62.24
CA VAL C 24 58.26 2.39 61.21
C VAL C 24 58.41 1.71 59.87
N GLN C 25 57.54 2.06 58.92
CA GLN C 25 57.55 1.50 57.58
C GLN C 25 57.92 2.57 56.57
N SER C 26 58.24 2.13 55.36
CA SER C 26 58.60 3.04 54.28
C SER C 26 57.33 3.68 53.72
N GLY C 27 57.51 4.60 52.76
CA GLY C 27 56.39 5.27 52.15
C GLY C 27 55.69 4.42 51.10
N GLY C 28 54.55 4.93 50.63
CA GLY C 28 53.79 4.23 49.62
C GLY C 28 54.48 4.23 48.27
N GLN C 29 54.21 3.20 47.48
CA GLN C 29 54.81 3.05 46.16
C GLN C 29 53.75 2.61 45.17
N MET C 30 53.85 3.12 43.95
CA MET C 30 52.96 2.75 42.85
C MET C 30 53.77 1.92 41.86
N LYS C 31 53.44 0.63 41.78
CA LYS C 31 54.17 -0.32 40.94
C LYS C 31 53.36 -0.66 39.70
N LYS C 32 53.99 -1.43 38.81
CA LYS C 32 53.38 -1.91 37.58
C LYS C 32 53.37 -3.43 37.57
N PRO C 33 52.47 -4.03 36.78
CA PRO C 33 52.41 -5.50 36.74
C PRO C 33 53.71 -6.11 36.26
N GLY C 34 54.11 -7.21 36.90
CA GLY C 34 55.33 -7.90 36.56
C GLY C 34 56.56 -7.42 37.33
N GLU C 35 56.49 -6.24 37.92
CA GLU C 35 57.62 -5.68 38.65
C GLU C 35 57.67 -6.26 40.06
N SER C 36 58.57 -5.71 40.87
CA SER C 36 58.76 -6.12 42.25
C SER C 36 58.74 -4.91 43.17
N MET C 37 58.25 -5.12 44.39
CA MET C 37 58.18 -4.08 45.39
C MET C 37 58.96 -4.48 46.63
N ARG C 38 59.56 -3.48 47.28
CA ARG C 38 60.35 -3.70 48.48
C ARG C 38 59.94 -2.69 49.53
N ILE C 39 59.69 -3.15 50.75
CA ILE C 39 59.28 -2.30 51.86
C ILE C 39 60.14 -2.62 53.07
N SER C 40 60.52 -1.58 53.80
CA SER C 40 61.33 -1.71 55.00
C SER C 40 60.46 -1.53 56.24
N CYS C 41 60.84 -2.23 57.31
CA CYS C 41 60.10 -2.19 58.58
C CYS C 41 61.11 -1.98 59.70
N ARG C 42 61.25 -0.73 60.15
CA ARG C 42 62.19 -0.40 61.21
C ARG C 42 61.53 -0.63 62.57
N ALA C 43 62.22 -1.37 63.44
CA ALA C 43 61.73 -1.68 64.77
C ALA C 43 62.61 -1.01 65.82
N SER C 44 61.97 -0.46 66.86
CA SER C 44 62.68 0.23 67.92
C SER C 44 61.90 0.06 69.22
N GLY C 45 62.60 0.27 70.33
CA GLY C 45 62.01 0.14 71.65
C GLY C 45 62.03 -1.25 72.24
N TYR C 46 62.56 -2.23 71.51
CA TYR C 46 62.62 -3.60 72.00
C TYR C 46 63.74 -4.32 71.26
N GLU C 47 64.12 -5.48 71.79
CA GLU C 47 65.17 -6.30 71.20
C GLU C 47 64.64 -6.93 69.92
N PHE C 48 65.30 -6.65 68.79
CA PHE C 48 64.85 -7.18 67.52
C PHE C 48 65.00 -8.70 67.45
N ILE C 49 66.08 -9.23 68.02
CA ILE C 49 66.37 -10.66 67.94
C ILE C 49 65.49 -11.43 68.91
N ASP C 50 64.75 -10.71 69.75
CA ASP C 50 63.87 -11.34 70.73
C ASP C 50 62.50 -11.67 70.15
N CYS C 51 61.84 -10.69 69.55
CA CYS C 51 60.51 -10.87 69.00
C CYS C 51 60.57 -11.15 67.50
N THR C 52 59.54 -11.81 67.00
CA THR C 52 59.43 -12.14 65.58
C THR C 52 58.46 -11.21 64.89
N LEU C 53 58.81 -10.80 63.68
CA LEU C 53 58.00 -9.87 62.90
C LEU C 53 57.26 -10.62 61.79
N ASN C 54 56.04 -10.17 61.52
CA ASN C 54 55.20 -10.76 60.48
C ASN C 54 54.67 -9.67 59.57
N TRP C 55 54.36 -10.05 58.33
CA TRP C 55 53.84 -9.14 57.32
C TRP C 55 52.40 -9.51 57.03
N ILE C 56 51.50 -8.53 57.14
CA ILE C 56 50.08 -8.72 56.90
C ILE C 56 49.62 -7.68 55.88
N ARG C 57 48.88 -8.14 54.87
CA ARG C 57 48.35 -7.27 53.83
C ARG C 57 46.84 -7.27 53.92
N LEU C 58 46.25 -6.07 53.91
CA LEU C 58 44.81 -5.90 54.03
C LEU C 58 44.30 -5.21 52.77
N ALA C 59 43.57 -5.94 51.94
CA ALA C 59 42.98 -5.38 50.73
C ALA C 59 41.50 -5.07 50.96
N PRO C 60 41.00 -4.01 50.35
CA PRO C 60 39.57 -3.68 50.50
C PRO C 60 38.68 -4.79 49.96
N GLY C 61 37.58 -5.05 50.66
CA GLY C 61 36.65 -6.07 50.24
C GLY C 61 37.13 -7.49 50.43
N LYS C 62 38.19 -7.70 51.20
CA LYS C 62 38.74 -9.02 51.42
C LYS C 62 39.30 -9.12 52.83
N ARG C 63 39.35 -10.35 53.33
CA ARG C 63 39.87 -10.58 54.68
C ARG C 63 41.38 -10.35 54.71
N PRO C 64 41.92 -9.94 55.85
CA PRO C 64 43.38 -9.79 55.96
C PRO C 64 44.09 -11.12 55.75
N GLU C 65 45.25 -11.05 55.10
CA GLU C 65 46.05 -12.22 54.78
C GLU C 65 47.44 -12.06 55.36
N TRP C 66 47.93 -13.11 56.03
CA TRP C 66 49.27 -13.07 56.61
C TRP C 66 50.26 -13.61 55.58
N MET C 67 51.21 -12.76 55.17
CA MET C 67 52.21 -13.15 54.19
C MET C 67 53.29 -14.05 54.77
N GLY C 68 53.47 -14.05 56.08
CA GLY C 68 54.48 -14.90 56.70
C GLY C 68 55.17 -14.16 57.82
N TRP C 69 55.93 -14.92 58.59
CA TRP C 69 56.69 -14.40 59.73
C TRP C 69 58.18 -14.64 59.51
N LEU C 70 58.99 -13.74 60.04
CA LEU C 70 60.44 -13.81 59.92
C LEU C 70 61.07 -13.69 61.30
N LYS C 71 62.08 -14.52 61.56
CA LYS C 71 62.79 -14.49 62.83
C LYS C 71 64.09 -13.73 62.67
N PRO C 72 64.27 -12.60 63.35
CA PRO C 72 65.53 -11.86 63.22
C PRO C 72 66.76 -12.65 63.61
N ARG C 73 66.65 -13.54 64.59
CA ARG C 73 67.78 -14.36 65.04
C ARG C 73 67.91 -15.56 64.11
N GLY C 74 68.93 -15.56 63.26
CA GLY C 74 69.18 -16.64 62.33
C GLY C 74 68.56 -16.47 60.97
N GLY C 75 67.63 -15.52 60.81
CA GLY C 75 67.00 -15.30 59.52
C GLY C 75 65.95 -16.31 59.13
N ALA C 76 65.51 -17.16 60.06
CA ALA C 76 64.49 -18.15 59.75
C ALA C 76 63.18 -17.46 59.40
N VAL C 77 62.53 -17.94 58.33
CA VAL C 77 61.28 -17.38 57.85
C VAL C 77 60.32 -18.51 57.52
N ASN C 78 59.03 -18.17 57.45
CA ASN C 78 57.99 -19.14 57.11
C ASN C 78 56.92 -18.40 56.31
N TYR C 79 56.97 -18.54 54.99
CA TYR C 79 56.06 -17.85 54.10
C TYR C 79 54.79 -18.66 53.89
N ALA C 80 53.70 -17.96 53.59
CA ALA C 80 52.43 -18.63 53.33
C ALA C 80 52.49 -19.41 52.03
N ARG C 81 51.66 -20.45 51.94
CA ARG C 81 51.59 -21.30 50.76
C ARG C 81 51.18 -20.49 49.54
N PRO C 82 50.14 -19.66 49.65
CA PRO C 82 49.73 -18.82 48.50
C PRO C 82 50.81 -17.86 48.03
N LEU C 83 51.65 -17.36 48.92
CA LEU C 83 52.71 -16.43 48.57
C LEU C 83 54.07 -17.09 48.43
N GLN C 84 54.14 -18.42 48.53
CA GLN C 84 55.41 -19.13 48.42
C GLN C 84 55.96 -19.02 47.00
N GLY C 85 57.25 -18.66 46.90
CA GLY C 85 57.95 -18.54 45.64
C GLY C 85 58.02 -17.13 45.12
N ARG C 86 57.14 -16.24 45.59
CA ARG C 86 57.13 -14.85 45.14
C ARG C 86 57.48 -13.86 46.25
N VAL C 87 57.45 -14.29 47.51
CA VAL C 87 57.70 -13.41 48.64
C VAL C 87 59.02 -13.82 49.29
N THR C 88 59.84 -12.82 49.60
CA THR C 88 61.12 -13.03 50.27
C THR C 88 61.22 -12.08 51.45
N MET C 89 61.68 -12.60 52.58
CA MET C 89 61.78 -11.83 53.82
C MET C 89 63.23 -11.80 54.26
N THR C 90 63.75 -10.59 54.53
CA THR C 90 65.10 -10.39 55.02
C THR C 90 65.08 -9.36 56.13
N ARG C 91 66.17 -9.29 56.89
CA ARG C 91 66.26 -8.35 58.00
C ARG C 91 67.72 -8.06 58.28
N ASP C 92 67.97 -6.93 58.94
CA ASP C 92 69.31 -6.50 59.34
C ASP C 92 69.34 -6.40 60.86
N VAL C 93 70.15 -7.25 61.48
CA VAL C 93 70.24 -7.26 62.94
C VAL C 93 70.83 -5.96 63.45
N TYR C 94 71.91 -5.49 62.80
CA TYR C 94 72.56 -4.26 63.23
C TYR C 94 71.64 -3.05 63.05
N SER C 95 70.92 -2.99 61.93
CA SER C 95 70.03 -1.87 61.66
C SER C 95 68.66 -2.03 62.32
N ASP C 96 68.35 -3.21 62.85
CA ASP C 96 67.06 -3.48 63.49
C ASP C 96 65.89 -3.17 62.57
N THR C 97 66.05 -3.47 61.27
CA THR C 97 65.03 -3.21 60.27
C THR C 97 64.79 -4.48 59.46
N ALA C 98 63.53 -4.74 59.16
CA ALA C 98 63.13 -5.90 58.36
C ALA C 98 62.80 -5.47 56.94
N PHE C 99 62.91 -6.41 56.02
CA PHE C 99 62.64 -6.16 54.61
C PHE C 99 61.70 -7.22 54.06
N LEU C 100 60.86 -6.80 53.11
CA LEU C 100 59.91 -7.69 52.47
C LEU C 100 59.95 -7.43 50.97
N GLU C 101 60.20 -8.48 50.19
CA GLU C 101 60.29 -8.38 48.74
C GLU C 101 59.21 -9.25 48.12
N LEU C 102 58.45 -8.67 47.19
CA LEU C 102 57.38 -9.39 46.49
C LEU C 102 57.58 -9.17 44.99
N ARG C 103 58.02 -10.21 44.29
CA ARG C 103 58.26 -10.14 42.86
C ARG C 103 57.03 -10.60 42.09
N SER C 104 57.02 -10.28 40.79
CA SER C 104 55.92 -10.61 39.89
C SER C 104 54.59 -10.06 40.42
N LEU C 105 54.57 -8.76 40.65
CA LEU C 105 53.38 -8.09 41.16
C LEU C 105 52.27 -8.12 40.12
N THR C 106 51.03 -8.17 40.62
CA THR C 106 49.85 -8.20 39.77
C THR C 106 48.80 -7.24 40.34
N VAL C 107 47.67 -7.16 39.65
CA VAL C 107 46.59 -6.27 40.08
C VAL C 107 45.99 -6.72 41.40
N ASP C 108 45.89 -8.03 41.63
CA ASP C 108 45.31 -8.54 42.87
C ASP C 108 46.20 -8.30 44.08
N ASP C 109 47.48 -7.96 43.86
CA ASP C 109 48.40 -7.71 44.96
C ASP C 109 48.32 -6.29 45.51
N THR C 110 47.49 -5.44 44.92
CA THR C 110 47.35 -4.06 45.38
C THR C 110 46.62 -4.05 46.71
N ALA C 111 47.33 -3.67 47.78
CA ALA C 111 46.76 -3.62 49.12
C ALA C 111 47.67 -2.75 49.98
N VAL C 112 47.39 -2.73 51.28
CA VAL C 112 48.20 -1.98 52.24
C VAL C 112 49.06 -2.97 53.01
N TYR C 113 50.38 -2.83 52.88
CA TYR C 113 51.32 -3.72 53.54
C TYR C 113 51.74 -3.12 54.87
N PHE C 114 51.53 -3.86 55.95
CA PHE C 114 51.87 -3.42 57.30
C PHE C 114 52.65 -4.51 58.02
N CYS C 115 53.54 -4.07 58.91
CA CYS C 115 54.33 -4.98 59.73
C CYS C 115 53.81 -4.95 61.16
N THR C 116 53.58 -6.14 61.71
CA THR C 116 53.01 -6.28 63.04
C THR C 116 53.90 -7.19 63.88
N ARG C 117 53.92 -6.91 65.19
CA ARG C 117 54.69 -7.69 66.14
C ARG C 117 53.80 -8.07 67.31
N GLY C 118 54.09 -9.21 67.92
CA GLY C 118 53.29 -9.68 69.03
C GLY C 118 53.44 -8.80 70.26
N LYS C 119 52.41 -8.83 71.11
CA LYS C 119 52.44 -8.08 72.36
C LYS C 119 53.56 -8.57 73.26
N ASN C 120 53.75 -9.90 73.33
CA ASN C 120 54.82 -10.50 74.11
C ASN C 120 55.57 -11.48 73.23
N CYS C 121 56.83 -11.75 73.61
CA CYS C 121 57.66 -12.67 72.85
C CYS C 121 57.14 -14.10 72.88
N ASP C 122 56.29 -14.44 73.84
CA ASP C 122 55.76 -15.80 73.92
C ASP C 122 54.67 -16.06 72.88
N TYR C 123 53.87 -15.05 72.55
CA TYR C 123 52.77 -15.20 71.61
C TYR C 123 52.94 -14.18 70.49
N ASN C 124 53.26 -14.67 69.29
CA ASN C 124 53.41 -13.77 68.16
C ASN C 124 52.05 -13.43 67.53
N TRP C 125 51.04 -14.28 67.77
CA TRP C 125 49.72 -14.08 67.19
C TRP C 125 48.99 -12.86 67.73
N ASP C 126 49.33 -12.40 68.93
CA ASP C 126 48.68 -11.25 69.55
C ASP C 126 49.36 -9.97 69.04
N PHE C 127 49.02 -9.61 67.80
CA PHE C 127 49.61 -8.43 67.17
C PHE C 127 49.05 -7.15 67.76
N GLU C 128 49.73 -6.59 68.76
CA GLU C 128 49.29 -5.35 69.39
C GLU C 128 49.96 -4.12 68.79
N HIS C 129 51.22 -4.25 68.37
CA HIS C 129 51.97 -3.15 67.77
C HIS C 129 52.03 -3.37 66.27
N TRP C 130 51.53 -2.39 65.51
CA TRP C 130 51.52 -2.45 64.06
C TRP C 130 52.06 -1.14 63.49
N GLY C 131 52.71 -1.24 62.33
CA GLY C 131 53.26 -0.07 61.68
C GLY C 131 52.18 0.75 61.00
N ARG C 132 52.60 1.93 60.53
CA ARG C 132 51.69 2.83 59.84
C ARG C 132 51.18 2.26 58.51
N GLY C 133 51.87 1.29 57.94
CA GLY C 133 51.42 0.68 56.70
C GLY C 133 51.94 1.41 55.47
N THR C 134 52.34 0.64 54.48
CA THR C 134 52.84 1.18 53.22
C THR C 134 51.95 0.70 52.08
N PRO C 135 51.00 1.51 51.62
CA PRO C 135 50.13 1.07 50.53
C PRO C 135 50.93 0.83 49.25
N VAL C 136 50.50 -0.19 48.50
CA VAL C 136 51.12 -0.56 47.24
C VAL C 136 50.02 -0.64 46.19
N ILE C 137 50.10 0.21 45.16
CA ILE C 137 49.09 0.26 44.11
C ILE C 137 49.71 -0.30 42.84
N VAL C 138 49.03 -1.28 42.24
CA VAL C 138 49.47 -1.87 40.98
C VAL C 138 48.46 -1.51 39.90
N SER C 139 48.77 -0.48 39.13
CA SER C 139 47.86 0.01 38.10
C SER C 139 47.79 -0.97 36.94
N SER C 140 46.62 -1.01 36.28
CA SER C 140 46.39 -1.79 35.07
C SER C 140 46.42 -3.29 35.34
N GLY C 141 46.57 -4.08 34.28
CA GLY C 141 46.57 -5.53 34.37
C GLY C 141 45.55 -6.20 33.48
N SER C 142 44.35 -5.64 33.35
CA SER C 142 43.32 -6.19 32.48
C SER C 142 42.97 -5.20 31.38
N ALA C 143 42.70 -3.95 31.76
CA ALA C 143 42.43 -2.86 30.82
C ALA C 143 41.25 -3.18 29.91
N SER C 144 40.06 -3.32 30.49
CA SER C 144 38.85 -3.57 29.72
C SER C 144 37.82 -2.51 30.05
N ALA C 145 37.35 -1.79 29.03
CA ALA C 145 36.40 -0.72 29.26
C ALA C 145 35.02 -1.29 29.55
N PRO C 146 34.19 -0.58 30.32
CA PRO C 146 32.85 -1.07 30.62
C PRO C 146 31.94 -1.01 29.39
N THR C 147 30.95 -1.89 29.39
CA THR C 147 29.93 -1.93 28.35
C THR C 147 28.59 -1.51 28.95
N LEU C 148 27.91 -0.60 28.29
CA LEU C 148 26.66 -0.03 28.79
C LEU C 148 25.48 -0.82 28.25
N PHE C 149 24.59 -1.25 29.16
CA PHE C 149 23.40 -2.00 28.79
C PHE C 149 22.19 -1.31 29.39
N PRO C 150 21.18 -0.96 28.59
CA PRO C 150 20.00 -0.29 29.14
C PRO C 150 19.18 -1.22 30.01
N LEU C 151 18.54 -0.65 31.02
CA LEU C 151 17.66 -1.38 31.93
C LEU C 151 16.31 -0.67 31.97
N VAL C 152 15.24 -1.42 31.76
CA VAL C 152 13.88 -0.89 31.76
C VAL C 152 13.06 -1.64 32.80
N SER C 153 12.06 -0.97 33.36
CA SER C 153 11.18 -1.59 34.35
C SER C 153 10.44 -2.77 33.72
N CYS C 154 10.44 -3.91 34.42
CA CYS C 154 9.80 -5.11 33.91
C CYS C 154 8.34 -5.22 34.30
N GLU C 155 7.94 -4.64 35.42
CA GLU C 155 6.57 -4.74 35.92
C GLU C 155 5.99 -3.34 36.11
N ASN C 156 4.80 -3.11 35.54
CA ASN C 156 4.07 -1.87 35.75
C ASN C 156 3.30 -2.01 37.06
N SER C 157 3.88 -1.46 38.12
CA SER C 157 3.34 -1.60 39.46
C SER C 157 1.95 -0.99 39.55
N PRO C 158 0.97 -1.70 40.13
CA PRO C 158 -0.39 -1.13 40.24
C PRO C 158 -0.53 -0.12 41.36
N SER C 159 0.54 0.21 42.08
CA SER C 159 0.47 1.20 43.14
C SER C 159 0.48 2.60 42.55
N ASP C 160 0.39 3.60 43.43
CA ASP C 160 0.38 5.00 43.03
C ASP C 160 1.81 5.44 42.76
N THR C 161 2.33 5.05 41.60
CA THR C 161 3.69 5.38 41.18
C THR C 161 3.61 6.61 40.28
N SER C 162 3.99 7.77 40.83
CA SER C 162 3.98 9.01 40.07
C SER C 162 5.23 9.13 39.20
N SER C 163 6.18 8.23 39.39
CA SER C 163 7.42 8.26 38.63
C SER C 163 7.70 6.88 38.07
N VAL C 164 8.34 6.84 36.89
CA VAL C 164 8.71 5.59 36.23
C VAL C 164 10.20 5.38 36.42
N ALA C 165 10.58 4.16 36.80
CA ALA C 165 11.97 3.83 37.09
C ALA C 165 12.66 3.27 35.86
N VAL C 166 13.80 3.84 35.51
CA VAL C 166 14.64 3.36 34.41
C VAL C 166 16.06 3.21 34.94
N GLY C 167 16.83 2.34 34.29
CA GLY C 167 18.17 2.04 34.76
C GLY C 167 19.14 1.88 33.61
N CYS C 168 20.43 1.88 33.96
CA CYS C 168 21.51 1.66 33.00
C CYS C 168 22.58 0.82 33.69
N LEU C 169 22.83 -0.37 33.15
CA LEU C 169 23.77 -1.31 33.74
C LEU C 169 25.06 -1.32 32.95
N ALA C 170 26.18 -1.14 33.65
CA ALA C 170 27.51 -1.19 33.05
C ALA C 170 28.19 -2.47 33.51
N GLN C 171 28.73 -3.23 32.55
CA GLN C 171 29.35 -4.51 32.82
C GLN C 171 30.71 -4.58 32.13
N ASP C 172 31.46 -5.64 32.48
CA ASP C 172 32.77 -5.92 31.90
C ASP C 172 33.77 -4.80 32.15
N PHE C 173 33.67 -4.14 33.30
CA PHE C 173 34.63 -3.11 33.69
C PHE C 173 35.72 -3.74 34.55
N LEU C 174 36.94 -3.78 34.02
CA LEU C 174 38.07 -4.38 34.71
C LEU C 174 38.37 -3.65 36.01
N PRO C 175 38.53 -2.33 35.97
CA PRO C 175 38.77 -1.58 37.22
C PRO C 175 37.47 -1.19 37.91
N ASP C 176 37.57 -0.44 39.00
CA ASP C 176 36.37 0.05 39.68
C ASP C 176 36.42 1.57 39.79
N SER C 177 35.97 2.27 38.76
CA SER C 177 35.87 3.72 38.75
C SER C 177 34.90 4.11 37.64
N ILE C 178 33.64 4.37 38.00
CA ILE C 178 32.61 4.70 37.04
C ILE C 178 31.79 5.87 37.57
N THR C 179 31.58 6.87 36.70
CA THR C 179 30.73 8.01 37.02
C THR C 179 29.49 7.95 36.14
N PHE C 180 28.32 7.93 36.77
CA PHE C 180 27.06 7.78 36.07
C PHE C 180 26.37 9.13 35.93
N SER C 181 25.89 9.42 34.71
CA SER C 181 25.18 10.65 34.43
C SER C 181 24.00 10.34 33.51
N TRP C 182 22.94 11.11 33.66
CA TRP C 182 21.74 10.98 32.84
C TRP C 182 21.37 12.33 32.26
N LYS C 183 21.13 12.35 30.94
CA LYS C 183 20.78 13.57 30.24
C LYS C 183 19.60 13.30 29.32
N TYR C 184 18.76 14.33 29.15
CA TYR C 184 17.61 14.21 28.27
C TYR C 184 18.03 14.44 26.82
N LYS C 185 17.04 14.34 25.92
CA LYS C 185 17.31 14.59 24.51
C LYS C 185 17.73 16.03 24.25
N ASN C 186 17.25 16.96 25.07
CA ASN C 186 17.64 18.37 24.98
C ASN C 186 18.89 18.69 25.79
N ASN C 187 19.71 17.69 26.09
CA ASN C 187 20.95 17.80 26.85
C ASN C 187 20.73 18.26 28.29
N SER C 188 19.49 18.21 28.78
CA SER C 188 19.20 18.59 30.16
C SER C 188 19.55 17.44 31.10
N ASP C 189 20.38 17.73 32.09
CA ASP C 189 20.80 16.69 33.05
C ASP C 189 19.64 16.29 33.95
N ILE C 190 19.60 15.02 34.31
CA ILE C 190 18.58 14.50 35.20
C ILE C 190 19.17 14.41 36.61
N SER C 191 18.57 15.13 37.55
CA SER C 191 19.06 15.14 38.92
C SER C 191 18.53 14.00 39.76
N SER C 192 17.49 13.31 39.30
CA SER C 192 16.92 12.21 40.06
C SER C 192 17.60 10.89 39.70
N THR C 193 18.92 10.85 39.81
CA THR C 193 19.70 9.66 39.50
C THR C 193 20.16 8.98 40.78
N ARG C 194 20.05 7.64 40.79
CA ARG C 194 20.46 6.83 41.93
C ARG C 194 21.44 5.78 41.46
N GLY C 195 22.69 5.89 41.93
CA GLY C 195 23.71 4.94 41.58
C GLY C 195 23.79 3.78 42.56
N PHE C 196 24.35 2.66 42.08
CA PHE C 196 24.49 1.47 42.90
C PHE C 196 25.96 1.08 43.03
N PRO C 197 26.33 0.37 44.10
CA PRO C 197 27.73 -0.03 44.26
C PRO C 197 28.16 -1.02 43.18
N SER C 198 29.44 -0.96 42.84
CA SER C 198 29.98 -1.86 41.84
C SER C 198 30.02 -3.29 42.36
N VAL C 199 29.70 -4.24 41.49
CA VAL C 199 29.68 -5.66 41.82
C VAL C 199 30.67 -6.38 40.91
N LEU C 200 31.57 -7.16 41.50
CA LEU C 200 32.57 -7.90 40.74
C LEU C 200 32.00 -9.26 40.34
N ARG C 201 32.02 -9.56 39.04
CA ARG C 201 31.52 -10.83 38.53
C ARG C 201 32.52 -11.39 37.53
N GLY C 202 33.09 -12.55 37.85
CA GLY C 202 34.04 -13.19 36.95
C GLY C 202 35.28 -12.39 36.68
N GLY C 203 35.81 -11.70 37.69
CA GLY C 203 37.00 -10.89 37.50
C GLY C 203 36.76 -9.52 36.91
N LYS C 204 35.50 -9.16 36.66
CA LYS C 204 35.15 -7.87 36.11
C LYS C 204 34.10 -7.21 36.99
N TYR C 205 34.23 -5.90 37.17
CA TYR C 205 33.32 -5.14 38.01
C TYR C 205 32.12 -4.67 37.19
N ALA C 206 30.94 -4.80 37.78
CA ALA C 206 29.70 -4.39 37.14
C ALA C 206 28.98 -3.39 38.05
N ALA C 207 28.54 -2.28 37.44
CA ALA C 207 27.84 -1.23 38.17
C ALA C 207 26.57 -0.86 37.42
N THR C 208 25.56 -0.45 38.18
CA THR C 208 24.27 -0.06 37.61
C THR C 208 23.84 1.27 38.19
N SER C 209 23.16 2.06 37.36
CA SER C 209 22.62 3.35 37.76
C SER C 209 21.16 3.44 37.35
N GLN C 210 20.35 3.98 38.25
CA GLN C 210 18.92 4.12 38.01
C GLN C 210 18.50 5.58 38.16
N VAL C 211 17.60 6.01 37.28
CA VAL C 211 17.06 7.35 37.29
C VAL C 211 15.54 7.26 37.32
N LEU C 212 14.94 7.95 38.29
CA LEU C 212 13.48 7.96 38.46
C LEU C 212 12.94 9.25 37.87
N LEU C 213 12.33 9.14 36.68
CA LEU C 213 11.76 10.31 36.03
C LEU C 213 10.26 10.36 36.25
N PRO C 214 9.66 11.54 36.33
CA PRO C 214 8.21 11.61 36.52
C PRO C 214 7.45 10.98 35.37
N SER C 215 6.32 10.35 35.69
CA SER C 215 5.49 9.75 34.66
C SER C 215 4.93 10.79 33.71
N LYS C 216 4.57 11.97 34.24
CA LYS C 216 4.05 13.03 33.38
C LYS C 216 5.10 13.49 32.37
N ASP C 217 6.36 13.60 32.79
CA ASP C 217 7.42 14.02 31.88
C ASP C 217 7.63 13.00 30.77
N VAL C 218 7.57 11.70 31.09
CA VAL C 218 7.76 10.68 30.07
C VAL C 218 6.55 10.64 29.12
N MET C 219 5.35 10.75 29.67
CA MET C 219 4.14 10.66 28.86
C MET C 219 3.84 11.93 28.06
N GLN C 220 4.46 13.05 28.42
CA GLN C 220 4.23 14.30 27.71
C GLN C 220 5.46 14.82 26.98
N GLY C 221 6.66 14.43 27.40
CA GLY C 221 7.85 14.89 26.70
C GLY C 221 8.03 14.20 25.37
N THR C 222 8.66 14.91 24.43
CA THR C 222 8.90 14.36 23.10
C THR C 222 10.14 13.47 23.05
N ASP C 223 10.90 13.39 24.14
CA ASP C 223 12.10 12.56 24.18
C ASP C 223 11.70 11.10 24.36
N GLU C 224 11.94 10.29 23.33
CA GLU C 224 11.57 8.89 23.36
C GLU C 224 12.51 8.05 24.21
N HIS C 225 13.70 8.54 24.51
CA HIS C 225 14.67 7.77 25.29
C HIS C 225 15.55 8.74 26.07
N VAL C 226 16.14 8.23 27.15
CA VAL C 226 17.05 8.99 27.98
C VAL C 226 18.48 8.57 27.63
N VAL C 227 19.40 9.53 27.76
CA VAL C 227 20.80 9.31 27.43
C VAL C 227 21.55 9.01 28.72
N CYS C 228 22.09 7.80 28.82
CA CYS C 228 22.87 7.37 29.98
C CYS C 228 24.35 7.49 29.64
N LYS C 229 25.07 8.34 30.36
CA LYS C 229 26.48 8.58 30.13
C LYS C 229 27.30 8.02 31.29
N VAL C 230 28.28 7.19 30.98
CA VAL C 230 29.17 6.59 31.96
C VAL C 230 30.59 6.97 31.59
N GLN C 231 31.31 7.53 32.56
CA GLN C 231 32.70 7.95 32.35
C GLN C 231 33.63 6.97 33.03
N HIS C 232 34.61 6.45 32.27
CA HIS C 232 35.56 5.48 32.77
C HIS C 232 36.95 5.86 32.29
N PRO C 233 38.00 5.47 33.01
CA PRO C 233 39.36 5.81 32.55
C PRO C 233 39.73 5.18 31.22
N ASN C 234 39.09 4.07 30.85
CA ASN C 234 39.38 3.37 29.60
C ASN C 234 38.53 3.86 28.44
N GLY C 235 37.66 4.84 28.67
CA GLY C 235 36.83 5.38 27.60
C GLY C 235 35.41 5.64 28.04
N ASN C 236 34.88 6.82 27.69
CA ASN C 236 33.52 7.17 28.02
C ASN C 236 32.54 6.43 27.11
N LYS C 237 31.43 6.00 27.68
CA LYS C 237 30.42 5.24 26.96
C LYS C 237 29.05 5.86 27.20
N GLU C 238 28.23 5.86 26.15
CA GLU C 238 26.86 6.37 26.21
C GLU C 238 25.91 5.35 25.60
N LYS C 239 24.71 5.27 26.19
CA LYS C 239 23.70 4.32 25.73
C LYS C 239 22.32 4.93 25.94
N ASN C 240 21.44 4.77 24.96
CA ASN C 240 20.08 5.28 25.06
C ASN C 240 19.24 4.33 25.90
N VAL C 241 18.40 4.91 26.76
CA VAL C 241 17.50 4.15 27.62
C VAL C 241 16.07 4.46 27.19
N PRO C 242 15.41 3.59 26.43
CA PRO C 242 14.05 3.88 26.00
C PRO C 242 13.08 3.90 27.17
N LEU C 243 12.06 4.75 27.06
CA LEU C 243 11.06 4.83 28.11
C LEU C 243 10.14 3.61 28.07
N PRO C 244 9.56 3.24 29.22
CA PRO C 244 8.65 2.07 29.25
C PRO C 244 7.25 2.42 28.77
N VAL C 245 7.14 2.72 27.47
CA VAL C 245 5.88 3.07 26.84
C VAL C 245 5.77 2.33 25.52
N ILE C 246 4.55 2.21 25.01
CA ILE C 246 4.28 1.52 23.75
C ILE C 246 3.13 2.20 23.05
N ALA C 247 2.81 1.75 21.83
CA ALA C 247 1.71 2.31 21.07
C ALA C 247 0.38 1.75 21.58
N GLU C 248 -0.73 2.31 21.11
CA GLU C 248 -2.03 1.84 21.58
C GLU C 248 -3.15 2.02 20.57
N LEU C 249 -3.49 0.93 19.87
CA LEU C 249 -4.54 0.99 18.86
C LEU C 249 -5.00 -0.39 18.38
N PRO C 250 -4.25 -1.45 18.76
CA PRO C 250 -4.61 -2.81 18.36
C PRO C 250 -6.01 -3.18 18.82
N PRO C 251 -6.79 -3.87 17.98
CA PRO C 251 -8.11 -4.12 18.55
C PRO C 251 -9.06 -5.00 17.73
N LYS C 252 -8.97 -4.94 16.39
CA LYS C 252 -9.88 -5.71 15.53
C LYS C 252 -9.34 -6.96 14.84
N VAL C 253 -10.14 -7.52 13.93
CA VAL C 253 -9.77 -8.71 13.20
C VAL C 253 -10.58 -8.87 11.92
N SER C 254 -10.10 -9.76 11.04
CA SER C 254 -10.75 -10.04 9.77
C SER C 254 -11.00 -11.53 9.65
N VAL C 255 -12.03 -11.87 8.89
CA VAL C 255 -12.46 -13.26 8.72
C VAL C 255 -12.20 -13.68 7.28
N PHE C 256 -12.02 -14.99 7.09
CA PHE C 256 -11.66 -15.55 5.79
C PHE C 256 -12.48 -16.82 5.57
N VAL C 257 -13.22 -16.87 4.47
CA VAL C 257 -14.00 -18.05 4.12
C VAL C 257 -13.24 -18.80 3.04
N PRO C 258 -13.34 -20.13 3.02
CA PRO C 258 -12.85 -20.86 1.85
C PRO C 258 -13.93 -20.94 0.79
N PRO C 259 -13.54 -21.17 -0.48
CA PRO C 259 -14.54 -21.16 -1.55
C PRO C 259 -15.34 -22.45 -1.60
N ARG C 260 -16.27 -22.54 -2.55
CA ARG C 260 -17.10 -23.73 -2.68
C ARG C 260 -16.25 -24.97 -2.91
N ASP C 261 -15.12 -24.80 -3.61
CA ASP C 261 -14.19 -25.90 -3.83
C ASP C 261 -13.35 -26.23 -2.60
N GLY C 262 -13.27 -25.31 -1.65
CA GLY C 262 -12.34 -25.45 -0.54
C GLY C 262 -12.74 -26.41 0.56
N PHE C 263 -13.94 -26.98 0.51
CA PHE C 263 -14.41 -27.88 1.55
C PHE C 263 -14.19 -29.33 1.10
N PHE C 264 -12.94 -29.77 1.15
CA PHE C 264 -12.64 -31.15 0.79
C PHE C 264 -11.57 -31.69 1.75
N GLY C 265 -11.75 -31.44 3.05
CA GLY C 265 -10.79 -31.95 4.02
C GLY C 265 -10.80 -33.47 4.11
N ASN C 266 -11.93 -34.09 3.75
CA ASN C 266 -12.16 -35.52 3.83
C ASN C 266 -13.57 -35.72 3.25
N PRO C 267 -14.61 -36.16 3.99
CA PRO C 267 -15.95 -35.75 3.56
C PRO C 267 -16.27 -34.30 3.89
N ARG C 268 -16.22 -33.42 2.89
CA ARG C 268 -16.84 -32.10 2.93
C ARG C 268 -16.54 -31.33 4.21
N LYS C 269 -15.27 -30.98 4.41
CA LYS C 269 -14.81 -30.26 5.59
C LYS C 269 -13.66 -29.34 5.22
N SER C 270 -13.53 -28.24 5.94
CA SER C 270 -12.42 -27.30 5.76
C SER C 270 -12.15 -26.62 7.10
N LYS C 271 -11.41 -25.50 7.05
CA LYS C 271 -11.15 -24.68 8.22
C LYS C 271 -11.41 -23.22 7.87
N LEU C 272 -11.86 -22.44 8.86
CA LEU C 272 -11.99 -20.99 8.69
C LEU C 272 -10.86 -20.29 9.43
N ILE C 273 -10.39 -19.18 8.86
CA ILE C 273 -9.22 -18.47 9.36
C ILE C 273 -9.64 -17.05 9.75
N CYS C 274 -9.34 -16.66 10.99
CA CYS C 274 -9.50 -15.29 11.46
C CYS C 274 -8.13 -14.73 11.77
N GLN C 275 -7.87 -13.51 11.31
CA GLN C 275 -6.58 -12.85 11.48
C GLN C 275 -6.78 -11.58 12.29
N ALA C 276 -5.95 -11.40 13.32
CA ALA C 276 -5.98 -10.22 14.17
C ALA C 276 -4.64 -9.51 14.06
N THR C 277 -4.67 -8.21 13.78
CA THR C 277 -3.42 -7.46 13.63
C THR C 277 -3.52 -6.02 14.12
N GLY C 278 -2.40 -5.30 14.02
CA GLY C 278 -2.35 -3.92 14.45
C GLY C 278 -2.39 -3.85 15.97
N PHE C 279 -1.74 -4.81 16.60
CA PHE C 279 -1.72 -4.88 18.05
C PHE C 279 -0.36 -4.55 18.65
N SER C 280 -0.32 -3.50 19.46
CA SER C 280 0.91 -3.08 20.12
C SER C 280 0.99 -3.86 21.43
N PRO C 281 0.15 -3.47 22.41
CA PRO C 281 0.12 -4.20 23.69
C PRO C 281 -0.22 -5.67 23.47
N ARG C 282 0.60 -6.54 24.05
CA ARG C 282 0.47 -7.98 23.79
C ARG C 282 -0.84 -8.53 24.33
N GLN C 283 -1.27 -8.07 25.51
CA GLN C 283 -2.41 -8.66 26.19
C GLN C 283 -3.68 -8.64 25.35
N ILE C 284 -4.17 -9.84 24.99
CA ILE C 284 -5.41 -10.03 24.26
C ILE C 284 -6.02 -11.35 24.73
N GLN C 285 -7.24 -11.62 24.26
CA GLN C 285 -7.90 -12.90 24.45
C GLN C 285 -8.65 -13.24 23.16
N VAL C 286 -8.40 -14.44 22.64
CA VAL C 286 -8.98 -14.88 21.38
C VAL C 286 -10.04 -15.92 21.64
N SER C 287 -11.15 -15.83 20.90
CA SER C 287 -12.26 -16.76 21.09
C SER C 287 -13.07 -16.84 19.80
N TRP C 288 -13.85 -17.92 19.70
CA TRP C 288 -14.76 -18.15 18.59
C TRP C 288 -16.16 -18.37 19.13
N LEU C 289 -17.15 -17.79 18.45
CA LEU C 289 -18.54 -17.89 18.87
C LEU C 289 -19.39 -18.39 17.71
N ARG C 290 -20.48 -19.06 18.07
CA ARG C 290 -21.42 -19.57 17.08
C ARG C 290 -22.82 -19.46 17.64
N GLU C 291 -23.57 -18.45 17.20
CA GLU C 291 -24.96 -18.23 17.62
C GLU C 291 -25.10 -18.11 19.13
N GLY C 292 -24.14 -17.41 19.76
CA GLY C 292 -24.25 -17.06 21.15
C GLY C 292 -23.50 -17.94 22.13
N LYS C 293 -22.84 -19.00 21.66
CA LYS C 293 -22.11 -19.89 22.54
C LYS C 293 -20.61 -19.83 22.22
N GLN C 294 -19.79 -19.91 23.26
CA GLN C 294 -18.34 -19.95 23.08
C GLN C 294 -17.94 -21.26 22.41
N VAL C 295 -17.06 -21.16 21.42
CA VAL C 295 -16.59 -22.31 20.66
C VAL C 295 -15.13 -22.55 21.01
N GLY C 296 -14.84 -23.76 21.47
CA GLY C 296 -13.47 -24.13 21.78
C GLY C 296 -13.07 -25.44 21.12
N SER C 297 -13.88 -25.89 20.17
CA SER C 297 -13.63 -27.14 19.46
C SER C 297 -12.95 -26.85 18.12
N GLY C 298 -11.85 -27.55 17.86
CA GLY C 298 -11.14 -27.36 16.61
C GLY C 298 -10.46 -26.02 16.47
N VAL C 299 -10.33 -25.26 17.55
CA VAL C 299 -9.72 -23.94 17.51
C VAL C 299 -8.23 -24.08 17.77
N THR C 300 -7.42 -23.56 16.85
CA THR C 300 -5.97 -23.54 16.97
C THR C 300 -5.51 -22.10 16.90
N THR C 301 -4.93 -21.61 18.00
CA THR C 301 -4.48 -20.23 18.09
C THR C 301 -2.96 -20.17 17.96
N ASP C 302 -2.48 -19.27 17.10
CA ASP C 302 -1.04 -19.11 16.89
C ASP C 302 -0.48 -18.08 17.87
N GLN C 303 0.84 -17.94 17.87
CA GLN C 303 1.48 -16.92 18.67
C GLN C 303 1.25 -15.54 18.05
N VAL C 304 1.44 -14.50 18.86
CA VAL C 304 1.26 -13.13 18.43
C VAL C 304 2.65 -12.59 18.08
N GLN C 305 3.03 -12.71 16.82
CA GLN C 305 4.36 -12.34 16.36
C GLN C 305 4.39 -10.88 15.91
N ALA C 306 5.61 -10.35 15.78
CA ALA C 306 5.82 -8.96 15.44
C ALA C 306 5.74 -8.76 13.93
N GLU C 307 4.97 -7.77 13.51
CA GLU C 307 4.92 -7.41 12.09
C GLU C 307 6.24 -6.76 11.67
N ALA C 308 6.64 -7.03 10.43
CA ALA C 308 7.88 -6.49 9.89
C ALA C 308 7.72 -5.01 9.55
N LYS C 309 8.05 -4.14 10.50
CA LYS C 309 7.98 -2.69 10.29
C LYS C 309 9.36 -2.09 10.51
N GLU C 310 9.79 -1.27 9.54
CA GLU C 310 11.09 -0.60 9.67
C GLU C 310 11.10 0.37 10.85
N SER C 311 10.01 1.14 11.00
CA SER C 311 9.90 2.08 12.10
C SER C 311 8.43 2.36 12.36
N GLY C 312 8.14 2.88 13.55
CA GLY C 312 6.80 3.21 13.93
C GLY C 312 6.30 2.40 15.12
N PRO C 313 4.99 2.23 15.21
CA PRO C 313 4.43 1.44 16.31
C PRO C 313 4.84 -0.02 16.24
N THR C 314 5.00 -0.61 17.42
CA THR C 314 5.40 -2.02 17.53
C THR C 314 4.18 -2.91 17.65
N THR C 315 3.27 -2.76 16.69
CA THR C 315 2.06 -3.57 16.65
C THR C 315 2.38 -4.98 16.21
N TYR C 316 1.66 -5.95 16.78
CA TYR C 316 1.85 -7.35 16.45
C TYR C 316 0.61 -7.89 15.72
N LYS C 317 0.72 -9.16 15.32
CA LYS C 317 -0.29 -9.80 14.47
C LYS C 317 -0.40 -11.27 14.85
N VAL C 318 -1.61 -11.81 14.72
CA VAL C 318 -1.88 -13.21 15.06
C VAL C 318 -3.04 -13.71 14.20
N THR C 319 -2.98 -14.99 13.85
CA THR C 319 -4.03 -15.66 13.09
C THR C 319 -4.64 -16.76 13.93
N SER C 320 -5.96 -16.88 13.87
CA SER C 320 -6.69 -17.94 14.56
C SER C 320 -7.41 -18.81 13.54
N THR C 321 -7.54 -20.10 13.86
CA THR C 321 -8.09 -21.08 12.95
C THR C 321 -9.08 -21.98 13.69
N LEU C 322 -10.24 -22.22 13.08
CA LEU C 322 -11.20 -23.19 13.55
C LEU C 322 -11.44 -24.22 12.47
N THR C 323 -11.34 -25.50 12.83
CA THR C 323 -11.67 -26.57 11.90
C THR C 323 -13.18 -26.65 11.74
N ILE C 324 -13.70 -26.05 10.68
CA ILE C 324 -15.13 -25.85 10.53
C ILE C 324 -15.73 -27.01 9.75
N LYS C 325 -17.02 -27.25 9.99
CA LYS C 325 -17.77 -28.26 9.25
C LYS C 325 -18.70 -27.56 8.27
N GLU C 326 -19.00 -28.24 7.16
CA GLU C 326 -19.82 -27.66 6.11
C GLU C 326 -21.31 -27.91 6.32
N SER C 327 -21.67 -28.87 7.17
CA SER C 327 -23.08 -29.21 7.37
C SER C 327 -23.87 -28.02 7.88
N ASP C 328 -23.37 -27.40 8.95
CA ASP C 328 -24.01 -26.19 9.47
C ASP C 328 -23.74 -24.98 8.59
N TRP C 329 -22.71 -25.04 7.74
CA TRP C 329 -22.48 -23.97 6.77
C TRP C 329 -23.58 -23.94 5.72
N LEU C 330 -24.05 -25.12 5.29
CA LEU C 330 -25.26 -25.18 4.48
C LEU C 330 -26.47 -24.69 5.26
N GLY C 331 -26.46 -24.89 6.57
CA GLY C 331 -27.46 -24.34 7.46
C GLY C 331 -27.24 -22.88 7.81
N GLN C 332 -26.17 -22.28 7.29
CA GLN C 332 -25.83 -20.89 7.55
C GLN C 332 -25.73 -20.61 9.05
N SER C 333 -25.09 -21.52 9.78
CA SER C 333 -24.80 -21.27 11.18
C SER C 333 -23.76 -20.17 11.30
N MET C 334 -23.96 -19.20 12.19
CA MET C 334 -22.98 -18.11 12.27
C MET C 334 -21.67 -18.46 12.98
N PHE C 335 -20.65 -17.64 12.75
CA PHE C 335 -19.33 -17.82 13.33
C PHE C 335 -18.87 -16.40 13.57
N THR C 336 -18.58 -16.01 14.80
CA THR C 336 -18.12 -14.64 15.05
C THR C 336 -16.74 -14.77 15.71
N CYS C 337 -15.75 -14.05 15.20
CA CYS C 337 -14.42 -14.09 15.77
C CYS C 337 -14.21 -12.78 16.56
N ARG C 338 -13.94 -12.87 17.86
CA ARG C 338 -13.79 -11.65 18.64
C ARG C 338 -12.51 -11.68 19.45
N VAL C 339 -12.01 -10.48 19.76
CA VAL C 339 -10.86 -10.29 20.63
C VAL C 339 -11.18 -9.15 21.58
N ASP C 340 -10.54 -9.16 22.75
CA ASP C 340 -10.67 -8.07 23.71
C ASP C 340 -9.26 -7.55 24.01
N HIS C 341 -9.06 -6.26 23.75
CA HIS C 341 -7.75 -5.65 23.91
C HIS C 341 -7.92 -4.23 24.45
N ARG C 342 -7.06 -3.88 25.41
CA ARG C 342 -7.11 -2.57 26.08
C ARG C 342 -8.47 -2.32 26.71
N GLY C 343 -9.09 -3.36 27.25
CA GLY C 343 -10.38 -3.21 27.90
C GLY C 343 -11.56 -3.04 26.95
N LEU C 344 -11.36 -3.23 25.66
CA LEU C 344 -12.40 -3.07 24.66
C LEU C 344 -12.50 -4.33 23.80
N THR C 345 -13.73 -4.74 23.52
CA THR C 345 -13.99 -5.93 22.71
C THR C 345 -14.29 -5.52 21.27
N PHE C 346 -13.72 -6.29 20.37
CA PHE C 346 -13.87 -6.14 18.93
C PHE C 346 -14.72 -7.31 18.47
N GLN C 347 -15.38 -7.15 17.33
CA GLN C 347 -16.25 -8.22 16.87
C GLN C 347 -16.20 -8.41 15.36
N GLN C 348 -16.55 -9.62 14.93
CA GLN C 348 -16.58 -10.04 13.50
C GLN C 348 -17.17 -11.44 13.39
N ASN C 349 -18.06 -11.70 12.43
CA ASN C 349 -18.67 -13.06 12.29
C ASN C 349 -18.93 -13.40 10.83
N ALA C 350 -18.06 -14.24 10.26
CA ALA C 350 -18.07 -14.67 8.85
C ALA C 350 -19.22 -15.64 8.60
N SER C 351 -20.00 -15.42 7.54
CA SER C 351 -21.15 -16.20 7.10
C SER C 351 -21.59 -15.66 5.74
N SER C 352 -22.80 -16.07 5.32
CA SER C 352 -23.48 -15.61 4.12
C SER C 352 -22.88 -16.20 2.85
N MET C 353 -23.73 -16.47 1.87
CA MET C 353 -23.31 -17.15 0.64
C MET C 353 -23.01 -16.09 -0.43
N CYS C 354 -21.92 -15.36 -0.21
CA CYS C 354 -21.41 -14.34 -1.13
C CYS C 354 -22.54 -13.45 -1.65
N VAL C 355 -23.14 -12.71 -0.72
CA VAL C 355 -24.29 -11.81 -0.94
C VAL C 355 -25.31 -12.47 -1.86
N PRO C 356 -26.09 -13.42 -1.34
CA PRO C 356 -27.09 -14.11 -2.18
C PRO C 356 -28.06 -13.14 -2.82
N ASP C 357 -28.87 -13.70 -3.72
CA ASP C 357 -29.73 -12.93 -4.62
C ASP C 357 -30.98 -12.39 -3.92
N GLN C 358 -31.97 -12.00 -4.72
CA GLN C 358 -33.22 -11.32 -4.34
C GLN C 358 -32.96 -9.96 -3.69
N ASP C 359 -31.79 -9.36 -3.94
CA ASP C 359 -31.49 -8.03 -3.46
C ASP C 359 -30.84 -7.16 -4.54
N THR C 360 -31.07 -7.48 -5.82
CA THR C 360 -30.43 -6.77 -6.92
C THR C 360 -31.40 -5.75 -7.52
N ALA C 361 -31.07 -4.47 -7.35
CA ALA C 361 -31.87 -3.40 -7.96
C ALA C 361 -30.91 -2.26 -8.29
N ILE C 362 -30.40 -2.26 -9.53
CA ILE C 362 -29.50 -1.24 -10.03
C ILE C 362 -29.85 -0.97 -11.49
N ARG C 363 -29.95 0.31 -11.85
CA ARG C 363 -30.22 0.72 -13.21
C ARG C 363 -28.93 1.28 -13.82
N VAL C 364 -28.53 0.74 -14.97
CA VAL C 364 -27.33 1.16 -15.67
C VAL C 364 -27.72 1.69 -17.04
N PHE C 365 -27.44 2.97 -17.28
CA PHE C 365 -27.75 3.60 -18.56
C PHE C 365 -26.47 4.06 -19.21
N ALA C 366 -26.22 3.57 -20.42
CA ALA C 366 -25.05 3.96 -21.21
C ALA C 366 -25.52 5.00 -22.23
N ILE C 367 -25.13 6.26 -22.02
CA ILE C 367 -25.62 7.38 -22.81
C ILE C 367 -24.57 7.68 -23.89
N PRO C 368 -24.89 7.53 -25.17
CA PRO C 368 -23.93 7.84 -26.22
C PRO C 368 -23.79 9.33 -26.40
N PRO C 369 -22.72 9.79 -27.06
CA PRO C 369 -22.55 11.23 -27.31
C PRO C 369 -23.36 11.66 -28.52
N SER C 370 -24.16 12.70 -28.35
CA SER C 370 -24.95 13.23 -29.44
C SER C 370 -24.06 14.01 -30.41
N PHE C 371 -24.57 14.22 -31.62
CA PHE C 371 -23.84 15.01 -32.60
C PHE C 371 -23.75 16.47 -32.19
N ALA C 372 -24.81 16.99 -31.57
CA ALA C 372 -24.80 18.39 -31.15
C ALA C 372 -23.70 18.66 -30.14
N SER C 373 -23.53 17.77 -29.16
CA SER C 373 -22.48 17.96 -28.17
C SER C 373 -21.09 17.88 -28.80
N ILE C 374 -20.90 16.93 -29.71
CA ILE C 374 -19.62 16.78 -30.40
C ILE C 374 -19.29 18.04 -31.19
N PHE C 375 -20.28 18.56 -31.92
CA PHE C 375 -20.04 19.72 -32.77
C PHE C 375 -19.98 21.03 -31.99
N LEU C 376 -20.53 21.07 -30.78
CA LEU C 376 -20.49 22.29 -29.99
C LEU C 376 -19.30 22.34 -29.04
N THR C 377 -19.20 21.35 -28.14
CA THR C 377 -18.14 21.35 -27.15
C THR C 377 -16.88 20.65 -27.63
N LYS C 378 -16.89 20.08 -28.83
CA LYS C 378 -15.71 19.48 -29.46
C LYS C 378 -15.18 18.28 -28.67
N SER C 379 -15.98 17.71 -27.77
CA SER C 379 -15.54 16.59 -26.94
C SER C 379 -16.54 15.45 -27.06
N THR C 380 -16.00 14.23 -27.17
CA THR C 380 -16.81 13.02 -27.29
C THR C 380 -16.76 12.29 -25.96
N LYS C 381 -17.74 12.55 -25.10
CA LYS C 381 -17.75 12.05 -23.74
C LYS C 381 -18.80 10.94 -23.59
N LEU C 382 -18.33 9.70 -23.56
CA LEU C 382 -19.20 8.58 -23.21
C LEU C 382 -19.63 8.73 -21.75
N THR C 383 -20.89 8.42 -21.48
CA THR C 383 -21.44 8.53 -20.14
C THR C 383 -22.18 7.26 -19.76
N CYS C 384 -21.97 6.79 -18.54
CA CYS C 384 -22.66 5.61 -18.01
C CYS C 384 -23.33 6.00 -16.71
N LEU C 385 -24.61 6.34 -16.79
CA LEU C 385 -25.38 6.78 -15.62
C LEU C 385 -25.89 5.57 -14.86
N VAL C 386 -25.59 5.54 -13.56
CA VAL C 386 -25.99 4.45 -12.68
C VAL C 386 -26.89 5.02 -11.59
N THR C 387 -28.06 4.42 -11.41
CA THR C 387 -29.02 4.84 -10.41
C THR C 387 -29.41 3.62 -9.56
N ASP C 388 -30.42 3.81 -8.71
CA ASP C 388 -30.95 2.77 -7.84
C ASP C 388 -29.93 2.27 -6.83
N LEU C 389 -28.85 3.03 -6.61
CA LEU C 389 -27.84 2.64 -5.65
C LEU C 389 -28.40 2.73 -4.23
N THR C 390 -27.92 1.83 -3.36
CA THR C 390 -28.22 1.88 -1.94
C THR C 390 -27.09 2.50 -1.13
N THR C 391 -25.85 2.28 -1.56
CA THR C 391 -24.69 2.95 -0.98
C THR C 391 -23.82 3.43 -2.13
N TYR C 392 -22.65 3.97 -1.80
CA TYR C 392 -21.75 4.49 -2.83
C TYR C 392 -20.29 4.17 -2.57
N ASP C 393 -19.98 3.30 -1.61
CA ASP C 393 -18.58 3.04 -1.28
C ASP C 393 -17.89 2.18 -2.33
N SER C 394 -18.57 1.16 -2.84
CA SER C 394 -17.93 0.12 -3.63
C SER C 394 -18.17 0.24 -5.12
N VAL C 395 -19.06 1.14 -5.56
CA VAL C 395 -19.41 1.19 -6.98
C VAL C 395 -18.20 1.62 -7.80
N THR C 396 -17.99 0.96 -8.92
CA THR C 396 -16.87 1.25 -9.80
C THR C 396 -17.31 1.13 -11.25
N ILE C 397 -17.32 2.25 -11.96
CA ILE C 397 -17.76 2.30 -13.36
C ILE C 397 -16.52 2.39 -14.23
N SER C 398 -16.37 1.41 -15.13
CA SER C 398 -15.20 1.34 -16.00
C SER C 398 -15.64 1.28 -17.45
N TRP C 399 -15.13 2.19 -18.27
CA TRP C 399 -15.38 2.18 -19.70
C TRP C 399 -14.23 1.46 -20.39
N THR C 400 -14.53 0.40 -21.11
CA THR C 400 -13.52 -0.39 -21.82
C THR C 400 -13.74 -0.27 -23.32
N ARG C 401 -12.64 -0.15 -24.05
CA ARG C 401 -12.73 -0.15 -25.50
C ARG C 401 -13.08 -1.55 -26.00
N GLN C 402 -13.29 -1.66 -27.31
CA GLN C 402 -13.72 -2.94 -27.88
C GLN C 402 -12.65 -4.00 -27.72
N ASN C 403 -11.38 -3.63 -27.90
CA ASN C 403 -10.28 -4.59 -27.81
C ASN C 403 -9.82 -4.84 -26.37
N GLY C 404 -10.62 -4.48 -25.38
CA GLY C 404 -10.32 -4.77 -24.00
C GLY C 404 -9.44 -3.76 -23.30
N GLU C 405 -8.86 -2.81 -24.02
CA GLU C 405 -8.01 -1.80 -23.40
C GLU C 405 -8.89 -0.77 -22.69
N ALA C 406 -8.80 -0.74 -21.36
CA ALA C 406 -9.67 0.12 -20.58
C ALA C 406 -9.41 1.59 -20.86
N VAL C 407 -10.48 2.37 -20.92
CA VAL C 407 -10.42 3.81 -21.14
C VAL C 407 -10.55 4.49 -19.78
N LYS C 408 -9.83 5.61 -19.61
CA LYS C 408 -9.90 6.34 -18.36
C LYS C 408 -11.33 6.78 -18.08
N THR C 409 -11.68 6.83 -16.80
CA THR C 409 -13.02 7.22 -16.40
C THR C 409 -12.95 8.04 -15.12
N HIS C 410 -13.91 8.94 -14.95
CA HIS C 410 -13.98 9.81 -13.78
C HIS C 410 -15.37 9.72 -13.17
N THR C 411 -15.54 8.81 -12.21
CA THR C 411 -16.81 8.61 -11.54
C THR C 411 -17.18 9.84 -10.74
N ASN C 412 -18.48 10.01 -10.51
CA ASN C 412 -18.97 11.09 -9.67
C ASN C 412 -20.25 10.64 -8.99
N ILE C 413 -20.29 10.74 -7.67
CA ILE C 413 -21.42 10.31 -6.86
C ILE C 413 -21.97 11.54 -6.16
N SER C 414 -23.26 11.80 -6.34
CA SER C 414 -23.92 12.96 -5.73
C SER C 414 -25.43 12.78 -5.88
N GLU C 415 -26.17 13.81 -5.48
CA GLU C 415 -27.63 13.87 -5.66
C GLU C 415 -28.32 12.69 -4.96
N SER C 416 -28.23 12.71 -3.63
CA SER C 416 -28.93 11.72 -2.83
C SER C 416 -30.42 11.97 -2.94
N HIS C 417 -31.06 11.28 -3.87
CA HIS C 417 -32.43 11.59 -4.27
C HIS C 417 -33.41 11.28 -3.14
N PRO C 418 -34.59 11.90 -3.16
CA PRO C 418 -35.62 11.56 -2.16
C PRO C 418 -36.09 10.11 -2.25
N ASN C 419 -35.82 9.42 -3.36
CA ASN C 419 -36.18 8.01 -3.48
C ASN C 419 -35.29 7.09 -2.62
N ALA C 420 -34.46 7.68 -1.76
CA ALA C 420 -33.54 6.95 -0.89
C ALA C 420 -32.47 6.20 -1.67
N THR C 421 -32.20 6.64 -2.90
CA THR C 421 -31.16 6.07 -3.72
C THR C 421 -30.16 7.15 -4.12
N PHE C 422 -28.96 6.71 -4.51
CA PHE C 422 -27.90 7.59 -4.95
C PHE C 422 -27.64 7.37 -6.43
N SER C 423 -27.22 8.43 -7.12
CA SER C 423 -26.95 8.38 -8.54
C SER C 423 -25.47 8.63 -8.79
N ALA C 424 -24.89 7.84 -9.69
CA ALA C 424 -23.48 7.96 -10.05
C ALA C 424 -23.35 8.00 -11.56
N VAL C 425 -22.32 8.70 -12.05
CA VAL C 425 -22.02 8.78 -13.46
C VAL C 425 -20.52 8.66 -13.65
N GLY C 426 -20.11 7.89 -14.66
CA GLY C 426 -18.70 7.83 -15.02
C GLY C 426 -18.49 8.23 -16.46
N GLU C 427 -17.84 9.36 -16.67
CA GLU C 427 -17.71 9.95 -17.99
C GLU C 427 -16.30 9.78 -18.52
N ALA C 428 -16.19 9.25 -19.72
CA ALA C 428 -14.92 9.03 -20.39
C ALA C 428 -14.88 9.81 -21.69
N SER C 429 -13.70 10.28 -22.05
CA SER C 429 -13.52 11.07 -23.26
C SER C 429 -12.71 10.26 -24.28
N ILE C 430 -13.17 10.28 -25.53
CA ILE C 430 -12.53 9.54 -26.61
C ILE C 430 -12.40 10.48 -27.82
N CYS C 431 -11.55 10.07 -28.76
CA CYS C 431 -11.39 10.81 -29.99
C CYS C 431 -12.56 10.52 -30.93
N GLU C 432 -12.95 11.54 -31.69
CA GLU C 432 -14.10 11.41 -32.59
C GLU C 432 -13.88 10.33 -33.63
N ASP C 433 -12.62 10.11 -34.03
CA ASP C 433 -12.35 9.12 -35.07
C ASP C 433 -12.75 7.71 -34.64
N ASP C 434 -12.43 7.34 -33.41
CA ASP C 434 -12.74 5.98 -32.94
C ASP C 434 -14.24 5.80 -32.76
N TRP C 435 -14.93 6.83 -32.27
CA TRP C 435 -16.37 6.74 -32.12
C TRP C 435 -17.06 6.62 -33.47
N ASN C 436 -16.64 7.43 -34.45
CA ASN C 436 -17.29 7.42 -35.75
C ASN C 436 -17.03 6.11 -36.50
N SER C 437 -15.92 5.45 -36.22
CA SER C 437 -15.56 4.24 -36.95
C SER C 437 -16.46 3.05 -36.62
N GLY C 438 -17.28 3.14 -35.58
CA GLY C 438 -18.17 2.06 -35.23
C GLY C 438 -17.67 1.13 -34.15
N GLU C 439 -16.69 1.56 -33.36
CA GLU C 439 -16.15 0.72 -32.30
C GLU C 439 -17.17 0.59 -31.15
N ARG C 440 -17.05 -0.49 -30.39
CA ARG C 440 -18.01 -0.79 -29.33
C ARG C 440 -17.37 -0.52 -27.97
N PHE C 441 -18.02 0.32 -27.17
CA PHE C 441 -17.55 0.69 -25.85
C PHE C 441 -18.48 0.10 -24.80
N THR C 442 -17.91 -0.51 -23.77
CA THR C 442 -18.65 -1.33 -22.82
C THR C 442 -18.48 -0.79 -21.42
N CYS C 443 -19.52 -0.13 -20.91
CA CYS C 443 -19.56 0.26 -19.51
C CYS C 443 -19.64 -0.99 -18.64
N THR C 444 -18.94 -0.99 -17.52
CA THR C 444 -18.93 -2.12 -16.61
C THR C 444 -19.13 -1.63 -15.19
N VAL C 445 -20.33 -1.83 -14.66
CA VAL C 445 -20.69 -1.39 -13.32
C VAL C 445 -20.55 -2.57 -12.38
N THR C 446 -19.72 -2.42 -11.36
CA THR C 446 -19.57 -3.44 -10.32
C THR C 446 -19.80 -2.81 -8.96
N HIS C 447 -20.43 -3.57 -8.08
CA HIS C 447 -20.85 -3.06 -6.78
C HIS C 447 -20.90 -4.21 -5.80
N THR C 448 -20.80 -3.88 -4.50
CA THR C 448 -20.79 -4.91 -3.48
C THR C 448 -22.17 -5.50 -3.23
N ASP C 449 -23.23 -4.88 -3.73
CA ASP C 449 -24.57 -5.41 -3.62
C ASP C 449 -25.01 -6.17 -4.86
N LEU C 450 -24.11 -6.40 -5.81
CA LEU C 450 -24.44 -7.09 -7.04
C LEU C 450 -23.76 -8.44 -7.11
N PRO C 451 -24.38 -9.44 -7.74
CA PRO C 451 -23.70 -10.73 -7.88
C PRO C 451 -22.73 -10.78 -9.05
N SER C 452 -22.89 -9.90 -10.04
CA SER C 452 -22.09 -9.90 -11.24
C SER C 452 -21.98 -8.48 -11.76
N PRO C 453 -20.96 -8.19 -12.58
CA PRO C 453 -20.88 -6.88 -13.22
C PRO C 453 -22.07 -6.63 -14.14
N LEU C 454 -22.50 -5.39 -14.19
CA LEU C 454 -23.64 -4.99 -15.02
C LEU C 454 -23.12 -4.24 -16.24
N LYS C 455 -22.91 -4.97 -17.32
CA LYS C 455 -22.31 -4.42 -18.53
C LYS C 455 -23.38 -3.78 -19.40
N GLN C 456 -23.00 -2.75 -20.14
CA GLN C 456 -23.77 -2.18 -21.22
C GLN C 456 -22.85 -1.94 -22.40
N THR C 457 -23.41 -1.66 -23.56
CA THR C 457 -22.62 -1.43 -24.76
C THR C 457 -23.27 -0.37 -25.61
N ILE C 458 -22.46 0.56 -26.13
CA ILE C 458 -22.93 1.55 -27.09
C ILE C 458 -21.92 1.61 -28.23
N SER C 459 -22.41 2.05 -29.38
CA SER C 459 -21.59 2.22 -30.57
C SER C 459 -22.33 3.16 -31.51
N ARG C 460 -21.79 3.35 -32.71
CA ARG C 460 -22.44 4.20 -33.69
C ARG C 460 -22.86 3.36 -34.89
N PRO C 461 -24.13 3.46 -35.32
CA PRO C 461 -24.57 2.68 -36.48
C PRO C 461 -24.01 3.24 -37.77
N LYS C 462 -22.78 2.83 -38.11
CA LYS C 462 -22.09 3.40 -39.27
C LYS C 462 -22.91 3.28 -40.55
N GLY C 463 -23.70 2.21 -40.67
CA GLY C 463 -24.51 2.02 -41.87
C GLY C 463 -25.79 2.82 -41.87
N VAL C 464 -25.68 4.14 -41.92
CA VAL C 464 -26.82 5.04 -41.99
C VAL C 464 -26.58 6.07 -43.09
N ALA C 465 -27.67 6.71 -43.52
CA ALA C 465 -27.62 7.72 -44.55
C ALA C 465 -28.08 9.06 -43.97
N LEU C 466 -28.09 10.08 -44.82
CA LEU C 466 -28.51 11.42 -44.44
C LEU C 466 -29.69 11.85 -45.31
N HIS C 467 -30.71 12.43 -44.67
CA HIS C 467 -31.94 12.72 -45.41
C HIS C 467 -32.57 14.08 -45.12
N ARG C 468 -31.92 14.96 -44.36
CA ARG C 468 -32.29 16.38 -44.36
C ARG C 468 -33.73 16.62 -43.90
N PRO C 469 -33.98 16.61 -42.59
CA PRO C 469 -35.35 16.75 -42.08
C PRO C 469 -36.04 18.02 -42.56
N ASP C 470 -37.35 18.04 -42.34
CA ASP C 470 -38.20 19.18 -42.68
C ASP C 470 -38.91 19.66 -41.43
N VAL C 471 -38.72 20.93 -41.08
CA VAL C 471 -39.20 21.50 -39.84
C VAL C 471 -40.46 22.31 -40.11
N TYR C 472 -41.56 21.96 -39.44
CA TYR C 472 -42.80 22.69 -39.54
C TYR C 472 -43.24 23.10 -38.14
N LEU C 473 -43.59 24.38 -37.98
CA LEU C 473 -44.01 24.93 -36.70
C LEU C 473 -45.51 25.21 -36.77
N LEU C 474 -46.24 24.75 -35.77
CA LEU C 474 -47.69 24.70 -35.82
C LEU C 474 -48.32 25.65 -34.80
N PRO C 475 -49.43 26.30 -35.14
CA PRO C 475 -50.13 27.13 -34.16
C PRO C 475 -50.80 26.25 -33.11
N PRO C 476 -51.24 26.83 -31.98
CA PRO C 476 -51.77 26.01 -30.88
C PRO C 476 -52.97 25.15 -31.24
N ALA C 477 -54.05 25.82 -31.61
CA ALA C 477 -55.32 25.21 -31.98
C ALA C 477 -56.18 26.33 -32.52
N ARG C 478 -56.91 26.03 -33.60
CA ARG C 478 -57.68 27.06 -34.28
C ARG C 478 -58.45 27.93 -33.28
N GLU C 479 -59.37 27.31 -32.53
CA GLU C 479 -60.02 28.01 -31.44
C GLU C 479 -60.30 27.09 -30.25
N GLN C 480 -59.60 25.96 -30.14
CA GLN C 480 -59.89 25.03 -29.06
C GLN C 480 -59.04 25.32 -27.82
N LEU C 481 -57.72 25.33 -27.98
CA LEU C 481 -56.86 25.75 -26.86
C LEU C 481 -57.11 27.20 -26.49
N ASN C 482 -57.12 28.07 -27.49
CA ASN C 482 -57.23 29.52 -27.26
C ASN C 482 -58.67 29.91 -26.92
N LEU C 483 -59.12 29.45 -25.77
CA LEU C 483 -60.39 29.91 -25.23
C LEU C 483 -60.30 30.31 -23.77
N ARG C 484 -59.45 29.66 -22.98
CA ARG C 484 -59.24 30.04 -21.59
C ARG C 484 -57.82 30.49 -21.35
N GLU C 485 -56.84 29.62 -21.59
CA GLU C 485 -55.43 29.90 -21.36
C GLU C 485 -54.58 28.71 -21.82
N SER C 486 -53.26 28.83 -21.67
CA SER C 486 -52.34 27.72 -21.82
C SER C 486 -52.40 27.10 -23.22
N ALA C 487 -51.99 27.89 -24.20
CA ALA C 487 -51.81 27.36 -25.55
C ALA C 487 -50.61 26.43 -25.59
N THR C 488 -50.41 25.79 -26.74
CA THR C 488 -49.36 24.77 -26.89
C THR C 488 -48.97 24.69 -28.35
N ILE C 489 -47.77 25.15 -28.68
CA ILE C 489 -47.29 25.17 -30.05
C ILE C 489 -46.26 24.06 -30.23
N THR C 490 -46.39 23.33 -31.33
CA THR C 490 -45.54 22.18 -31.59
C THR C 490 -44.63 22.46 -32.77
N CYS C 491 -43.41 21.93 -32.71
CA CYS C 491 -42.42 22.07 -33.76
C CYS C 491 -42.14 20.68 -34.32
N LEU C 492 -42.82 20.32 -35.39
CA LEU C 492 -42.75 18.99 -35.96
C LEU C 492 -41.54 18.89 -36.90
N VAL C 493 -40.74 17.85 -36.71
CA VAL C 493 -39.54 17.61 -37.51
C VAL C 493 -39.64 16.22 -38.10
N THR C 494 -39.71 16.15 -39.43
CA THR C 494 -39.98 14.87 -40.09
C THR C 494 -38.96 14.61 -41.19
N GLY C 495 -38.48 13.37 -41.24
CA GLY C 495 -37.74 12.89 -42.39
C GLY C 495 -36.26 12.64 -42.20
N PHE C 496 -35.68 13.00 -41.06
CA PHE C 496 -34.24 12.89 -40.92
C PHE C 496 -33.81 11.44 -40.75
N SER C 497 -32.79 11.04 -41.49
CA SER C 497 -32.34 9.66 -41.49
C SER C 497 -31.52 9.29 -40.25
N PRO C 498 -30.40 9.98 -39.94
CA PRO C 498 -29.51 9.43 -38.91
C PRO C 498 -29.97 9.66 -37.48
N ALA C 499 -31.26 9.46 -37.23
CA ALA C 499 -31.81 9.19 -35.90
C ALA C 499 -31.36 10.09 -34.76
N ASP C 500 -31.00 11.35 -35.05
CA ASP C 500 -30.74 12.27 -33.95
C ASP C 500 -31.03 13.70 -34.39
N VAL C 501 -31.46 14.50 -33.45
CA VAL C 501 -31.77 15.87 -33.71
C VAL C 501 -31.70 16.63 -32.40
N PHE C 502 -31.79 17.94 -32.44
CA PHE C 502 -31.69 18.68 -31.22
C PHE C 502 -32.41 19.92 -31.54
N VAL C 503 -33.63 20.11 -31.02
CA VAL C 503 -34.43 21.30 -31.27
C VAL C 503 -34.35 22.20 -30.06
N GLN C 504 -34.28 23.50 -30.26
CA GLN C 504 -34.19 24.45 -29.19
C GLN C 504 -35.29 25.48 -29.45
N TRP C 505 -35.83 26.10 -28.43
CA TRP C 505 -36.94 27.05 -28.58
C TRP C 505 -36.34 28.39 -28.10
N MET C 506 -36.62 29.52 -28.76
CA MET C 506 -36.15 30.86 -28.37
C MET C 506 -37.40 31.79 -28.28
N GLN C 507 -37.39 32.91 -27.59
CA GLN C 507 -38.58 33.75 -27.52
C GLN C 507 -38.32 35.18 -27.97
N ARG C 508 -37.38 35.88 -27.35
CA ARG C 508 -37.13 37.27 -27.68
C ARG C 508 -35.65 37.48 -27.97
N GLY C 509 -35.08 36.57 -28.77
CA GLY C 509 -33.67 36.58 -29.04
C GLY C 509 -32.84 35.78 -28.08
N GLN C 510 -33.43 35.33 -26.96
CA GLN C 510 -32.76 34.62 -25.90
C GLN C 510 -33.26 33.19 -25.80
N PRO C 511 -32.38 32.22 -25.59
CA PRO C 511 -32.84 30.83 -25.42
C PRO C 511 -33.79 30.76 -24.23
N LEU C 512 -34.85 29.97 -24.38
CA LEU C 512 -36.00 30.15 -23.50
C LEU C 512 -35.77 29.53 -22.13
N SER C 513 -35.78 28.20 -22.05
CA SER C 513 -35.36 27.42 -20.89
C SER C 513 -35.51 25.94 -21.23
N PRO C 514 -34.60 25.08 -20.78
CA PRO C 514 -34.78 23.64 -21.07
C PRO C 514 -35.95 23.02 -20.33
N GLU C 515 -36.53 23.72 -19.36
CA GLU C 515 -37.62 23.18 -18.54
C GLU C 515 -38.97 23.75 -18.91
N LYS C 516 -39.11 24.35 -20.10
CA LYS C 516 -40.40 24.82 -20.57
C LYS C 516 -40.98 23.99 -21.70
N TYR C 517 -40.14 23.24 -22.42
CA TYR C 517 -40.60 22.44 -23.54
C TYR C 517 -40.11 20.99 -23.39
N VAL C 518 -40.83 20.10 -24.06
CA VAL C 518 -40.55 18.66 -24.01
C VAL C 518 -40.42 18.14 -25.43
N THR C 519 -39.23 17.69 -25.79
CA THR C 519 -38.96 17.10 -27.08
C THR C 519 -38.86 15.58 -26.96
N SER C 520 -39.48 14.89 -27.90
CA SER C 520 -39.61 13.44 -27.83
C SER C 520 -38.51 12.76 -28.64
N ALA C 521 -38.36 11.46 -28.39
CA ALA C 521 -37.33 10.69 -29.05
C ALA C 521 -37.66 10.49 -30.53
N PRO C 522 -36.66 10.31 -31.37
CA PRO C 522 -36.92 10.14 -32.80
C PRO C 522 -37.55 8.79 -33.12
N MET C 523 -38.86 8.68 -32.95
CA MET C 523 -39.57 7.46 -33.29
C MET C 523 -39.57 7.25 -34.80
N PRO C 524 -39.73 6.00 -35.26
CA PRO C 524 -39.84 5.78 -36.71
C PRO C 524 -41.13 6.34 -37.24
N GLU C 525 -41.39 6.16 -38.53
CA GLU C 525 -42.50 6.82 -39.19
C GLU C 525 -43.59 5.86 -39.62
N PRO C 526 -44.75 6.38 -39.99
CA PRO C 526 -45.67 5.63 -40.86
C PRO C 526 -45.05 5.43 -42.23
N GLN C 527 -45.80 4.97 -43.22
CA GLN C 527 -45.16 4.39 -44.39
C GLN C 527 -44.33 5.42 -45.15
N ALA C 528 -43.05 5.46 -44.82
CA ALA C 528 -41.95 6.13 -45.49
C ALA C 528 -40.66 5.56 -44.94
N PRO C 529 -40.31 4.33 -45.28
CA PRO C 529 -39.26 3.62 -44.54
C PRO C 529 -37.89 4.25 -44.68
N GLY C 530 -37.10 4.14 -43.61
CA GLY C 530 -35.72 4.59 -43.60
C GLY C 530 -35.46 5.86 -42.84
N ARG C 531 -36.49 6.59 -42.42
CA ARG C 531 -36.29 7.88 -41.78
C ARG C 531 -37.24 8.03 -40.61
N TYR C 532 -36.95 9.00 -39.76
CA TYR C 532 -37.56 9.15 -38.45
C TYR C 532 -38.32 10.48 -38.38
N PHE C 533 -38.82 10.79 -37.19
CA PHE C 533 -39.45 12.08 -36.94
C PHE C 533 -39.42 12.35 -35.44
N ALA C 534 -39.65 13.61 -35.08
CA ALA C 534 -39.64 14.02 -33.69
C ALA C 534 -40.68 15.11 -33.48
N HIS C 535 -40.78 15.59 -32.25
CA HIS C 535 -41.69 16.66 -31.88
C HIS C 535 -41.04 17.56 -30.85
N SER C 536 -41.68 18.70 -30.60
CA SER C 536 -41.29 19.58 -29.51
C SER C 536 -42.46 20.50 -29.23
N ILE C 537 -43.05 20.40 -28.05
CA ILE C 537 -44.18 21.24 -27.67
C ILE C 537 -43.70 22.30 -26.70
N LEU C 538 -44.27 23.49 -26.80
CA LEU C 538 -44.00 24.58 -25.89
C LEU C 538 -45.32 25.11 -25.38
N THR C 539 -45.39 25.45 -24.10
CA THR C 539 -46.62 25.92 -23.47
C THR C 539 -46.49 27.38 -23.10
N VAL C 540 -47.48 28.17 -23.53
CA VAL C 540 -47.52 29.60 -23.24
C VAL C 540 -48.77 29.87 -22.41
N SER C 541 -49.01 31.13 -22.06
CA SER C 541 -50.13 31.45 -21.18
C SER C 541 -51.36 31.97 -21.93
N GLU C 542 -51.23 32.23 -23.22
CA GLU C 542 -52.33 32.65 -24.10
C GLU C 542 -52.79 34.07 -23.78
N GLU C 543 -52.32 34.64 -22.69
CA GLU C 543 -52.35 36.09 -22.53
C GLU C 543 -51.18 36.75 -23.24
N GLU C 544 -50.17 35.96 -23.61
CA GLU C 544 -49.02 36.42 -24.34
C GLU C 544 -48.94 35.73 -25.70
N TRP C 545 -50.04 35.13 -26.11
CA TRP C 545 -50.10 34.64 -27.48
C TRP C 545 -50.90 35.58 -28.38
N ASN C 546 -52.01 36.11 -27.88
CA ASN C 546 -52.74 37.17 -28.58
C ASN C 546 -52.28 38.55 -28.12
N THR C 547 -50.98 38.66 -28.10
CA THR C 547 -50.39 39.86 -27.65
C THR C 547 -49.08 40.00 -28.35
N GLY C 548 -49.05 39.62 -29.61
CA GLY C 548 -47.91 39.76 -30.48
C GLY C 548 -46.55 39.15 -30.25
N GLU C 549 -46.47 38.19 -29.36
CA GLU C 549 -45.23 37.49 -29.04
C GLU C 549 -44.87 36.51 -30.14
N THR C 550 -43.57 36.32 -30.35
CA THR C 550 -43.03 35.55 -31.45
C THR C 550 -42.09 34.50 -30.91
N TYR C 551 -42.28 33.25 -31.35
CA TYR C 551 -41.47 32.13 -30.87
C TYR C 551 -40.81 31.45 -32.06
N THR C 552 -39.54 31.10 -31.92
CA THR C 552 -38.81 30.40 -32.96
C THR C 552 -38.44 29.01 -32.46
N CYS C 553 -38.25 28.09 -33.38
CA CYS C 553 -37.83 26.73 -33.08
C CYS C 553 -36.59 26.42 -33.91
N VAL C 554 -35.43 26.44 -33.26
CA VAL C 554 -34.16 26.24 -33.94
C VAL C 554 -33.78 24.76 -33.84
N VAL C 555 -33.71 24.10 -34.99
CA VAL C 555 -33.48 22.67 -35.10
C VAL C 555 -32.13 22.44 -35.75
N ALA C 556 -31.29 21.64 -35.10
CA ALA C 556 -29.94 21.38 -35.59
C ALA C 556 -29.77 19.89 -35.85
N HIS C 557 -29.58 19.53 -37.11
CA HIS C 557 -29.42 18.14 -37.49
C HIS C 557 -28.20 18.01 -38.39
N GLU C 558 -27.60 16.82 -38.36
CA GLU C 558 -26.34 16.60 -39.07
C GLU C 558 -26.51 16.72 -40.58
N ALA C 559 -27.63 16.25 -41.12
CA ALA C 559 -27.82 16.19 -42.56
C ALA C 559 -28.27 17.50 -43.17
N LEU C 560 -28.54 18.51 -42.35
CA LEU C 560 -28.96 19.80 -42.89
C LEU C 560 -27.80 20.44 -43.65
N PRO C 561 -28.10 21.29 -44.64
CA PRO C 561 -26.99 21.92 -45.39
C PRO C 561 -26.11 22.78 -44.52
N ASN C 562 -26.68 23.40 -43.49
CA ASN C 562 -25.94 24.22 -42.54
C ASN C 562 -25.91 23.62 -41.15
N ARG C 563 -26.42 22.42 -40.97
CA ARG C 563 -26.49 21.73 -39.69
C ARG C 563 -27.38 22.46 -38.69
N VAL C 564 -28.13 23.47 -39.13
CA VAL C 564 -29.04 24.19 -38.25
C VAL C 564 -30.06 24.93 -39.10
N THR C 565 -31.24 25.15 -38.55
CA THR C 565 -32.31 25.90 -39.21
C THR C 565 -33.22 26.45 -38.13
N GLU C 566 -34.21 27.21 -38.55
CA GLU C 566 -35.17 27.75 -37.59
C GLU C 566 -36.43 28.21 -38.31
N ARG C 567 -37.55 28.16 -37.59
CA ARG C 567 -38.84 28.61 -38.09
C ARG C 567 -39.42 29.62 -37.10
N THR C 568 -40.67 30.01 -37.33
CA THR C 568 -41.27 31.09 -36.55
C THR C 568 -42.77 31.14 -36.75
N VAL C 569 -43.51 31.25 -35.64
CA VAL C 569 -44.93 31.58 -35.65
C VAL C 569 -45.17 32.58 -34.52
N ASP C 570 -45.97 33.63 -34.80
CA ASP C 570 -46.28 34.59 -33.76
C ASP C 570 -47.76 34.67 -33.42
N LYS C 571 -48.61 35.22 -34.30
CA LYS C 571 -50.05 35.01 -34.22
C LYS C 571 -50.67 35.16 -35.61
N SER C 572 -49.87 35.59 -36.57
CA SER C 572 -50.36 36.05 -37.87
C SER C 572 -49.77 35.18 -38.96
N THR C 573 -50.61 34.76 -39.89
CA THR C 573 -50.23 33.72 -40.84
C THR C 573 -49.06 34.14 -41.71
N GLU C 574 -49.29 35.09 -42.63
CA GLU C 574 -48.28 35.51 -43.59
C GLU C 574 -48.87 36.60 -44.48
N GLY C 575 -48.07 37.18 -45.37
CA GLY C 575 -48.59 38.12 -46.34
C GLY C 575 -47.57 38.50 -47.39
N GLU C 576 -48.00 38.62 -48.65
CA GLU C 576 -47.12 39.10 -49.73
C GLU C 576 -47.84 40.22 -50.48
N VAL C 577 -47.82 41.41 -49.87
CA VAL C 577 -48.15 42.69 -50.50
C VAL C 577 -47.30 43.71 -49.77
N SER C 578 -47.40 44.97 -50.14
CA SER C 578 -46.68 46.02 -49.41
C SER C 578 -47.58 46.79 -48.46
N ALA C 579 -48.81 46.33 -48.24
CA ALA C 579 -49.85 46.95 -47.44
C ALA C 579 -50.44 48.19 -48.08
N ASP C 580 -49.88 48.64 -49.21
CA ASP C 580 -50.45 49.74 -49.97
C ASP C 580 -50.87 49.35 -51.38
N GLU C 581 -50.29 48.30 -51.96
CA GLU C 581 -50.66 47.87 -53.30
C GLU C 581 -51.85 46.94 -53.33
N GLU C 582 -52.68 46.94 -52.30
CA GLU C 582 -53.92 46.17 -52.29
C GLU C 582 -55.16 47.07 -52.31
N GLY C 583 -54.98 48.38 -52.46
CA GLY C 583 -56.12 49.28 -52.57
C GLY C 583 -57.00 49.31 -51.34
N PHE C 584 -56.41 49.39 -50.16
CA PHE C 584 -57.18 49.41 -48.93
C PHE C 584 -57.84 50.75 -48.66
N GLU C 585 -57.22 51.85 -49.09
CA GLU C 585 -57.66 53.19 -48.73
C GLU C 585 -58.77 53.72 -49.62
N ASN C 586 -59.07 53.08 -50.75
CA ASN C 586 -60.07 53.58 -51.68
C ASN C 586 -61.34 52.73 -51.74
N LEU C 587 -61.31 51.50 -51.24
CA LEU C 587 -62.42 50.59 -51.49
C LEU C 587 -63.71 51.07 -50.86
N TRP C 588 -63.64 51.70 -49.69
CA TRP C 588 -64.84 52.21 -49.05
C TRP C 588 -65.48 53.30 -49.91
N ALA C 589 -64.66 54.19 -50.48
CA ALA C 589 -65.19 55.23 -51.34
C ALA C 589 -65.89 54.66 -52.55
N THR C 590 -65.28 53.66 -53.19
CA THR C 590 -65.88 53.02 -54.35
C THR C 590 -67.21 52.37 -53.99
N ALA C 591 -67.25 51.62 -52.89
CA ALA C 591 -68.48 50.96 -52.49
C ALA C 591 -69.59 51.96 -52.21
N SER C 592 -69.27 53.03 -51.47
CA SER C 592 -70.29 54.00 -51.10
C SER C 592 -70.80 54.75 -52.33
N THR C 593 -69.89 55.19 -53.20
CA THR C 593 -70.32 55.93 -54.38
C THR C 593 -71.16 55.05 -55.29
N PHE C 594 -70.82 53.76 -55.40
CA PHE C 594 -71.61 52.91 -56.28
C PHE C 594 -72.97 52.60 -55.68
N ILE C 595 -73.07 52.50 -54.35
CA ILE C 595 -74.38 52.33 -53.75
C ILE C 595 -75.26 53.56 -54.02
N VAL C 596 -74.70 54.75 -53.80
CA VAL C 596 -75.53 55.95 -53.93
C VAL C 596 -75.92 56.17 -55.39
N LEU C 597 -75.01 55.90 -56.34
CA LEU C 597 -75.39 56.13 -57.73
C LEU C 597 -76.20 54.98 -58.31
N PHE C 598 -76.15 53.78 -57.71
CA PHE C 598 -77.10 52.74 -58.07
C PHE C 598 -78.50 53.13 -57.64
N LEU C 599 -78.65 53.71 -56.45
CA LEU C 599 -79.97 54.21 -56.04
C LEU C 599 -80.42 55.34 -56.96
N LEU C 600 -79.50 56.24 -57.34
CA LEU C 600 -79.85 57.29 -58.27
C LEU C 600 -80.30 56.74 -59.63
N SER C 601 -79.62 55.70 -60.13
CA SER C 601 -80.05 55.07 -61.36
C SER C 601 -81.39 54.36 -61.21
N LEU C 602 -81.67 53.77 -60.05
CA LEU C 602 -82.95 53.14 -59.78
C LEU C 602 -84.08 54.14 -59.66
N PHE C 603 -83.76 55.40 -59.35
CA PHE C 603 -84.72 56.48 -59.47
C PHE C 603 -84.84 57.07 -60.88
N TYR C 604 -83.77 57.03 -61.65
CA TYR C 604 -83.83 57.54 -63.03
C TYR C 604 -84.53 56.59 -63.98
N SER C 605 -84.44 55.28 -63.75
CA SER C 605 -85.09 54.32 -64.64
C SER C 605 -86.60 54.51 -64.64
N THR C 606 -87.17 54.76 -63.46
CA THR C 606 -88.61 55.01 -63.38
C THR C 606 -89.00 56.31 -64.08
N THR C 607 -88.22 57.37 -63.87
CA THR C 607 -88.47 58.62 -64.59
C THR C 607 -88.44 58.41 -66.10
N VAL C 608 -87.54 57.53 -66.57
CA VAL C 608 -87.52 57.19 -67.98
C VAL C 608 -88.82 56.50 -68.39
N THR C 609 -89.13 55.38 -67.74
CA THR C 609 -90.21 54.51 -68.21
C THR C 609 -91.59 55.16 -68.12
N LEU C 610 -91.72 56.28 -67.42
CA LEU C 610 -93.03 56.85 -67.16
C LEU C 610 -93.49 57.81 -68.25
N PHE C 611 -92.60 58.23 -69.15
CA PHE C 611 -92.94 59.24 -70.12
C PHE C 611 -94.09 58.82 -71.03
N LYS C 612 -95.07 59.70 -71.16
CA LYS C 612 -96.17 59.51 -72.11
C LYS C 612 -95.90 60.33 -73.37
N VAL C 613 -94.90 59.90 -74.12
CA VAL C 613 -94.53 60.58 -75.36
C VAL C 613 -95.55 60.21 -76.44
N LYS C 614 -96.04 61.21 -77.15
CA LYS C 614 -96.99 60.98 -78.24
C LYS C 614 -96.30 60.32 -79.42
N GLU D 41 36.27 -18.89 53.06
CA GLU D 41 37.66 -19.13 52.67
C GLU D 41 38.46 -19.75 53.81
N ILE D 42 38.02 -19.49 55.03
CA ILE D 42 38.68 -20.03 56.22
C ILE D 42 37.64 -20.64 57.14
N VAL D 43 38.09 -21.21 58.27
CA VAL D 43 37.19 -21.82 59.24
C VAL D 43 36.44 -20.72 59.99
N LEU D 44 37.10 -19.59 60.22
CA LEU D 44 36.48 -18.49 60.94
C LEU D 44 35.52 -17.74 60.01
N THR D 45 34.27 -17.63 60.43
CA THR D 45 33.23 -16.95 59.65
C THR D 45 32.56 -15.90 60.53
N GLN D 46 32.47 -14.68 60.03
CA GLN D 46 31.80 -13.59 60.74
C GLN D 46 30.36 -13.47 60.26
N SER D 47 29.43 -13.45 61.22
CA SER D 47 28.02 -13.39 60.92
C SER D 47 27.65 -12.03 60.32
N PRO D 48 27.77 -10.94 61.08
CA PRO D 48 27.38 -9.63 60.55
C PRO D 48 28.43 -9.03 59.64
N GLY D 49 28.17 -9.02 58.33
CA GLY D 49 29.07 -8.35 57.41
C GLY D 49 29.10 -6.85 57.59
N THR D 50 27.93 -6.24 57.80
CA THR D 50 27.82 -4.81 58.03
C THR D 50 26.84 -4.57 59.17
N LEU D 51 27.03 -3.44 59.86
CA LEU D 51 26.21 -3.10 61.02
C LEU D 51 25.91 -1.60 60.97
N SER D 52 24.64 -1.26 60.81
CA SER D 52 24.20 0.14 60.78
C SER D 52 23.54 0.45 62.12
N LEU D 53 24.32 1.02 63.03
CA LEU D 53 23.86 1.34 64.37
C LEU D 53 24.14 2.80 64.69
N SER D 54 23.29 3.39 65.53
CA SER D 54 23.39 4.78 65.96
C SER D 54 24.25 4.89 67.21
N PRO D 55 24.81 6.07 67.47
CA PRO D 55 25.64 6.25 68.67
C PRO D 55 24.83 6.09 69.95
N GLY D 56 25.22 5.11 70.78
CA GLY D 56 24.50 4.84 72.01
C GLY D 56 23.97 3.42 72.07
N GLU D 57 23.76 2.83 70.89
CA GLU D 57 23.26 1.47 70.81
C GLU D 57 24.40 0.47 71.01
N THR D 58 24.04 -0.80 71.13
CA THR D 58 25.00 -1.88 71.36
C THR D 58 25.23 -2.65 70.07
N ALA D 59 26.50 -2.78 69.68
CA ALA D 59 26.88 -3.51 68.47
C ALA D 59 27.47 -4.85 68.89
N ILE D 60 26.94 -5.94 68.32
CA ILE D 60 27.37 -7.30 68.64
C ILE D 60 27.91 -7.92 67.36
N ILE D 61 29.14 -8.41 67.42
CA ILE D 61 29.77 -9.10 66.30
C ILE D 61 30.12 -10.51 66.73
N SER D 62 29.70 -11.49 65.94
CA SER D 62 29.90 -12.90 66.25
C SER D 62 30.85 -13.53 65.24
N CYS D 63 31.69 -14.43 65.74
CA CYS D 63 32.66 -15.13 64.90
C CYS D 63 32.89 -16.51 65.50
N ARG D 64 32.53 -17.55 64.77
CA ARG D 64 32.67 -18.93 65.22
C ARG D 64 33.88 -19.55 64.55
N THR D 65 34.78 -20.11 65.35
CA THR D 65 35.99 -20.75 64.86
C THR D 65 35.87 -22.26 65.06
N SER D 66 36.27 -23.01 64.04
CA SER D 66 36.19 -24.47 64.04
C SER D 66 37.57 -25.11 64.22
N GLN D 67 38.45 -24.44 64.98
CA GLN D 67 39.78 -24.96 65.23
C GLN D 67 40.26 -24.47 66.58
N TYR D 68 41.22 -25.19 67.15
CA TYR D 68 41.79 -24.83 68.44
C TYR D 68 42.76 -23.67 68.28
N GLY D 69 42.63 -22.67 69.15
CA GLY D 69 43.50 -21.50 69.09
C GLY D 69 42.87 -20.25 69.68
N SER D 70 43.70 -19.36 70.19
CA SER D 70 43.19 -18.12 70.77
C SER D 70 42.59 -17.23 69.69
N LEU D 71 41.46 -16.62 70.03
CA LEU D 71 40.75 -15.72 69.11
C LEU D 71 40.92 -14.28 69.57
N ALA D 72 41.32 -13.41 68.65
CA ALA D 72 41.55 -12.01 68.94
C ALA D 72 40.75 -11.15 67.96
N TRP D 73 40.35 -9.97 68.43
CA TRP D 73 39.58 -9.03 67.63
C TRP D 73 40.34 -7.72 67.51
N TYR D 74 40.39 -7.18 66.29
CA TYR D 74 41.07 -5.94 66.02
C TYR D 74 40.14 -4.99 65.27
N GLN D 75 40.21 -3.71 65.62
CA GLN D 75 39.40 -2.66 65.00
C GLN D 75 40.29 -1.77 64.16
N GLN D 76 39.92 -1.59 62.90
CA GLN D 76 40.69 -0.79 61.95
C GLN D 76 39.85 0.40 61.52
N ARG D 77 40.24 1.60 61.95
CA ARG D 77 39.56 2.81 61.55
C ARG D 77 39.89 3.16 60.10
N PRO D 78 39.07 3.99 59.46
CA PRO D 78 39.33 4.36 58.07
C PRO D 78 40.63 5.13 57.91
N GLY D 79 41.59 4.56 57.18
CA GLY D 79 42.86 5.21 56.95
C GLY D 79 43.93 4.77 57.94
N GLN D 80 43.55 4.62 59.20
CA GLN D 80 44.49 4.20 60.24
C GLN D 80 44.70 2.69 60.19
N ALA D 81 45.79 2.24 60.82
CA ALA D 81 46.10 0.81 60.87
C ALA D 81 45.22 0.12 61.91
N PRO D 82 45.05 -1.19 61.78
CA PRO D 82 44.22 -1.93 62.76
C PRO D 82 44.78 -1.87 64.16
N ARG D 83 43.90 -1.81 65.16
CA ARG D 83 44.30 -1.75 66.56
C ARG D 83 43.65 -2.91 67.30
N LEU D 84 44.44 -3.61 68.11
CA LEU D 84 43.95 -4.76 68.87
C LEU D 84 43.02 -4.28 69.98
N VAL D 85 41.83 -4.85 70.05
CA VAL D 85 40.85 -4.50 71.07
C VAL D 85 40.68 -5.62 72.09
N ILE D 86 40.46 -6.84 71.62
CA ILE D 86 40.26 -8.01 72.49
C ILE D 86 41.25 -9.08 72.09
N TYR D 87 41.90 -9.69 73.08
CA TYR D 87 42.86 -10.75 72.85
C TYR D 87 42.54 -11.92 73.76
N SER D 88 42.95 -13.12 73.32
CA SER D 88 42.75 -14.37 74.06
C SER D 88 41.28 -14.63 74.40
N GLY D 89 40.37 -14.20 73.52
CA GLY D 89 38.96 -14.44 73.74
C GLY D 89 38.23 -13.34 74.48
N SER D 90 38.62 -13.09 75.73
CA SER D 90 37.91 -12.12 76.57
C SER D 90 38.85 -11.20 77.34
N THR D 91 40.15 -11.24 77.09
CA THR D 91 41.10 -10.38 77.78
C THR D 91 41.24 -9.06 77.02
N ARG D 92 40.96 -7.95 77.71
CA ARG D 92 41.04 -6.64 77.09
C ARG D 92 42.49 -6.22 76.87
N ALA D 93 42.71 -5.46 75.80
CA ALA D 93 44.04 -4.97 75.47
C ALA D 93 44.32 -3.66 76.20
N ALA D 94 45.55 -3.17 76.10
CA ALA D 94 45.93 -1.94 76.76
C ALA D 94 45.25 -0.76 76.08
N GLY D 95 44.65 0.12 76.89
CA GLY D 95 43.95 1.28 76.37
C GLY D 95 42.55 1.01 75.87
N ILE D 96 42.08 -0.22 75.94
CA ILE D 96 40.75 -0.59 75.46
C ILE D 96 39.74 -0.18 76.54
N PRO D 97 38.72 0.61 76.20
CA PRO D 97 37.72 0.97 77.21
C PRO D 97 36.90 -0.23 77.65
N ASP D 98 36.34 -0.13 78.86
CA ASP D 98 35.55 -1.22 79.43
C ASP D 98 34.24 -1.45 78.70
N ARG D 99 33.83 -0.54 77.82
CA ARG D 99 32.58 -0.74 77.08
C ARG D 99 32.63 -1.96 76.18
N PHE D 100 33.76 -2.19 75.51
CA PHE D 100 33.91 -3.36 74.65
C PHE D 100 34.33 -4.57 75.47
N SER D 101 33.56 -5.65 75.34
CA SER D 101 33.83 -6.88 76.07
C SER D 101 33.53 -8.07 75.17
N GLY D 102 34.41 -9.07 75.21
CA GLY D 102 34.27 -10.26 74.41
C GLY D 102 33.83 -11.43 75.26
N SER D 103 33.02 -12.32 74.66
CA SER D 103 32.54 -13.51 75.33
C SER D 103 32.70 -14.71 74.42
N ARG D 104 33.01 -15.86 75.01
CA ARG D 104 33.21 -17.09 74.27
C ARG D 104 32.32 -18.18 74.85
N TRP D 105 31.59 -18.87 73.96
CA TRP D 105 30.71 -19.97 74.32
C TRP D 105 31.04 -21.16 73.41
N GLY D 106 32.00 -21.97 73.83
CA GLY D 106 32.47 -23.09 73.03
C GLY D 106 33.28 -22.62 71.85
N PRO D 107 32.79 -22.89 70.63
CA PRO D 107 33.53 -22.46 69.44
C PRO D 107 33.12 -21.08 68.94
N ASP D 108 32.02 -20.52 69.43
CA ASP D 108 31.55 -19.22 68.98
C ASP D 108 32.09 -18.11 69.88
N TYR D 109 32.63 -17.07 69.25
CA TYR D 109 33.14 -15.91 69.97
C TYR D 109 32.36 -14.66 69.57
N ASN D 110 31.96 -13.88 70.56
CA ASN D 110 31.15 -12.70 70.35
C ASN D 110 31.81 -11.50 71.02
N LEU D 111 31.95 -10.40 70.28
CA LEU D 111 32.47 -9.14 70.80
C LEU D 111 31.35 -8.12 70.78
N THR D 112 30.99 -7.61 71.96
CA THR D 112 29.87 -6.69 72.11
C THR D 112 30.37 -5.39 72.73
N ILE D 113 30.00 -4.27 72.12
CA ILE D 113 30.32 -2.95 72.65
C ILE D 113 29.06 -2.36 73.25
N SER D 114 29.15 -1.91 74.51
CA SER D 114 28.00 -1.40 75.24
C SER D 114 27.78 0.09 75.04
N ASN D 115 28.68 0.79 74.36
CA ASN D 115 28.53 2.23 74.15
C ASN D 115 29.20 2.67 72.85
N LEU D 116 28.40 2.87 71.81
CA LEU D 116 28.93 3.35 70.53
C LEU D 116 29.45 4.78 70.68
N GLU D 117 30.61 5.04 70.08
CA GLU D 117 31.25 6.34 70.13
C GLU D 117 31.70 6.74 68.73
N SER D 118 32.20 7.97 68.62
CA SER D 118 32.69 8.47 67.34
C SER D 118 33.88 7.66 66.85
N GLY D 119 34.80 7.33 67.75
CA GLY D 119 35.97 6.55 67.40
C GLY D 119 35.77 5.05 67.42
N ASP D 120 34.59 4.57 67.79
CA ASP D 120 34.32 3.15 67.79
C ASP D 120 33.83 2.63 66.44
N PHE D 121 33.48 3.53 65.52
CA PHE D 121 33.04 3.12 64.20
C PHE D 121 34.25 2.74 63.34
N GLY D 122 34.09 1.69 62.55
CA GLY D 122 35.16 1.22 61.70
C GLY D 122 34.92 -0.21 61.27
N VAL D 123 36.02 -0.92 61.02
CA VAL D 123 35.99 -2.32 60.59
C VAL D 123 36.59 -3.16 61.70
N TYR D 124 35.83 -4.16 62.16
CA TYR D 124 36.29 -5.08 63.19
C TYR D 124 36.48 -6.47 62.59
N TYR D 125 37.67 -7.03 62.79
CA TYR D 125 38.03 -8.32 62.22
C TYR D 125 38.52 -9.25 63.32
N CYS D 126 38.10 -10.51 63.25
CA CYS D 126 38.52 -11.53 64.19
C CYS D 126 39.69 -12.32 63.59
N GLN D 127 40.69 -12.59 64.43
CA GLN D 127 41.90 -13.28 63.99
C GLN D 127 42.15 -14.49 64.87
N GLN D 128 42.44 -15.62 64.22
CA GLN D 128 42.77 -16.86 64.91
C GLN D 128 44.06 -17.41 64.30
N TYR D 129 45.15 -17.34 65.06
CA TYR D 129 46.49 -17.75 64.62
C TYR D 129 46.84 -16.90 63.39
N GLU D 130 47.12 -17.51 62.23
CA GLU D 130 47.45 -16.76 61.03
C GLU D 130 46.24 -16.48 60.15
N PHE D 131 45.05 -16.90 60.55
CA PHE D 131 43.84 -16.71 59.78
C PHE D 131 43.03 -15.55 60.33
N PHE D 132 42.51 -14.72 59.42
CA PHE D 132 41.68 -13.59 59.78
C PHE D 132 40.28 -13.75 59.21
N GLY D 133 39.30 -13.21 59.92
CA GLY D 133 37.92 -13.31 59.50
C GLY D 133 37.56 -12.31 58.41
N GLN D 134 36.34 -12.45 57.89
CA GLN D 134 35.87 -11.58 56.83
C GLN D 134 35.72 -10.13 57.28
N GLY D 135 35.61 -9.89 58.59
CA GLY D 135 35.51 -8.55 59.12
C GLY D 135 34.07 -8.11 59.28
N THR D 136 33.88 -7.13 60.17
CA THR D 136 32.57 -6.55 60.43
C THR D 136 32.67 -5.04 60.28
N LYS D 137 31.80 -4.47 59.44
CA LYS D 137 31.82 -3.05 59.14
C LYS D 137 30.73 -2.37 59.95
N VAL D 138 31.14 -1.59 60.95
CA VAL D 138 30.21 -0.82 61.77
C VAL D 138 30.11 0.58 61.19
N GLN D 139 28.89 1.00 60.84
CA GLN D 139 28.66 2.29 60.23
C GLN D 139 27.50 2.99 60.94
N VAL D 140 27.55 4.32 60.94
CA VAL D 140 26.50 5.10 61.59
C VAL D 140 25.19 4.97 60.81
N ASP D 141 24.07 5.05 61.53
CA ASP D 141 22.75 4.95 60.93
C ASP D 141 21.87 6.03 61.56
N ILE D 142 21.58 7.09 60.81
CA ILE D 142 20.76 8.17 61.33
C ILE D 142 19.32 7.69 61.47
N LYS D 143 18.75 7.89 62.65
CA LYS D 143 17.38 7.47 62.91
C LYS D 143 16.39 8.35 62.17
N ARG D 144 15.33 7.72 61.65
CA ARG D 144 14.28 8.43 60.92
C ARG D 144 13.00 7.61 60.98
N THR D 145 11.92 8.22 60.52
CA THR D 145 10.63 7.52 60.50
C THR D 145 10.68 6.37 59.50
N VAL D 146 10.05 5.25 59.86
CA VAL D 146 10.05 4.06 59.02
C VAL D 146 9.24 4.32 57.77
N ALA D 147 9.84 4.05 56.61
CA ALA D 147 9.20 4.27 55.32
C ALA D 147 8.97 2.93 54.61
N ALA D 148 8.36 3.02 53.43
CA ALA D 148 8.06 1.85 52.62
C ALA D 148 8.93 1.85 51.37
N PRO D 149 9.75 0.82 51.16
CA PRO D 149 10.62 0.81 49.97
C PRO D 149 9.87 0.42 48.71
N SER D 150 9.92 1.29 47.70
CA SER D 150 9.28 1.00 46.42
C SER D 150 10.01 -0.11 45.70
N VAL D 151 9.38 -1.30 45.63
CA VAL D 151 10.01 -2.46 45.02
C VAL D 151 9.81 -2.41 43.51
N PHE D 152 10.91 -2.60 42.77
CA PHE D 152 10.87 -2.59 41.32
C PHE D 152 11.59 -3.81 40.76
N ILE D 153 11.51 -4.02 39.45
CA ILE D 153 12.16 -5.15 38.80
C ILE D 153 12.48 -4.80 37.36
N PHE D 154 13.63 -5.24 36.87
CA PHE D 154 14.07 -4.95 35.51
C PHE D 154 14.39 -6.26 34.79
N PRO D 155 13.72 -6.55 33.67
CA PRO D 155 14.04 -7.77 32.93
C PRO D 155 15.29 -7.60 32.10
N PRO D 156 15.86 -8.69 31.60
CA PRO D 156 17.07 -8.57 30.76
C PRO D 156 16.79 -7.77 29.49
N SER D 157 17.77 -6.98 29.09
CA SER D 157 17.64 -6.20 27.87
C SER D 157 17.78 -7.08 26.64
N ASP D 158 17.19 -6.63 25.53
CA ASP D 158 17.27 -7.39 24.29
C ASP D 158 18.72 -7.50 23.80
N GLU D 159 19.47 -6.40 23.86
CA GLU D 159 20.87 -6.44 23.44
C GLU D 159 21.72 -7.27 24.38
N GLN D 160 21.48 -7.17 25.69
CA GLN D 160 22.26 -7.92 26.67
C GLN D 160 22.01 -9.42 26.56
N LEU D 161 20.75 -9.81 26.31
CA LEU D 161 20.42 -11.23 26.24
C LEU D 161 21.01 -11.88 24.99
N LYS D 162 21.13 -11.14 23.89
CA LYS D 162 21.63 -11.72 22.66
C LYS D 162 23.12 -12.02 22.73
N SER D 163 23.88 -11.23 23.49
CA SER D 163 25.33 -11.35 23.57
C SER D 163 25.72 -11.68 25.01
N GLY D 164 25.94 -12.97 25.27
CA GLY D 164 26.46 -13.40 26.56
C GLY D 164 25.39 -13.78 27.57
N THR D 165 25.52 -13.27 28.78
CA THR D 165 24.61 -13.58 29.87
C THR D 165 23.58 -12.46 30.04
N ALA D 166 22.70 -12.63 31.03
CA ALA D 166 21.64 -11.68 31.31
C ALA D 166 21.61 -11.38 32.81
N SER D 167 21.27 -10.15 33.15
CA SER D 167 21.19 -9.70 34.53
C SER D 167 19.76 -9.23 34.82
N VAL D 168 19.21 -9.70 35.93
CA VAL D 168 17.87 -9.31 36.37
C VAL D 168 18.02 -8.41 37.58
N VAL D 169 17.62 -7.15 37.45
CA VAL D 169 17.77 -6.19 38.54
C VAL D 169 16.53 -6.20 39.42
N CYS D 170 16.69 -5.67 40.63
CA CYS D 170 15.58 -5.54 41.58
C CYS D 170 15.86 -4.30 42.43
N LEU D 171 15.24 -3.19 42.06
CA LEU D 171 15.50 -1.91 42.72
C LEU D 171 14.55 -1.71 43.89
N LEU D 172 15.12 -1.28 45.02
CA LEU D 172 14.36 -0.98 46.24
C LEU D 172 14.87 0.37 46.75
N ASN D 173 14.25 1.44 46.31
CA ASN D 173 14.67 2.79 46.67
C ASN D 173 13.76 3.37 47.75
N ASN D 174 14.21 4.45 48.37
CA ASN D 174 13.47 5.14 49.42
C ASN D 174 13.12 4.20 50.57
N PHE D 175 14.13 3.60 51.18
CA PHE D 175 13.96 2.71 52.30
C PHE D 175 14.61 3.30 53.55
N TYR D 176 13.83 3.43 54.60
CA TYR D 176 14.33 3.97 55.87
C TYR D 176 15.12 2.88 56.60
N PRO D 177 14.60 1.66 56.67
CA PRO D 177 15.34 0.59 57.35
C PRO D 177 16.39 -0.03 56.46
N ARG D 178 17.66 0.01 56.87
CA ARG D 178 18.74 -0.55 56.07
C ARG D 178 18.57 -2.05 55.91
N GLU D 179 18.21 -2.73 56.99
CA GLU D 179 18.02 -4.19 56.95
C GLU D 179 16.86 -4.55 56.03
N ALA D 180 17.10 -5.53 55.16
CA ALA D 180 16.08 -5.99 54.22
C ALA D 180 16.44 -7.39 53.77
N LYS D 181 15.42 -8.22 53.57
CA LYS D 181 15.59 -9.60 53.10
C LYS D 181 15.03 -9.68 51.68
N VAL D 182 15.86 -9.38 50.70
CA VAL D 182 15.48 -9.43 49.30
C VAL D 182 15.90 -10.80 48.77
N GLN D 183 14.92 -11.68 48.57
CA GLN D 183 15.17 -13.04 48.10
C GLN D 183 14.58 -13.19 46.71
N TRP D 184 15.41 -13.61 45.76
CA TRP D 184 14.94 -13.84 44.39
C TRP D 184 14.10 -15.11 44.32
N LYS D 185 12.97 -15.02 43.62
CA LYS D 185 12.07 -16.15 43.45
C LYS D 185 11.76 -16.31 41.97
N VAL D 186 12.32 -17.34 41.35
CA VAL D 186 12.08 -17.65 39.95
C VAL D 186 11.26 -18.93 39.90
N ASP D 187 10.04 -18.83 39.38
CA ASP D 187 9.09 -19.95 39.33
C ASP D 187 8.89 -20.56 40.72
N ASN D 188 8.77 -19.69 41.73
CA ASN D 188 8.58 -20.07 43.12
C ASN D 188 9.73 -20.92 43.65
N ALA D 189 10.92 -20.80 43.06
CA ALA D 189 12.10 -21.53 43.50
C ALA D 189 13.11 -20.51 44.02
N LEU D 190 13.35 -20.56 45.33
CA LEU D 190 14.28 -19.63 45.97
C LEU D 190 15.70 -19.82 45.46
N GLN D 191 16.26 -18.80 44.82
CA GLN D 191 17.62 -18.87 44.32
C GLN D 191 18.61 -18.47 45.41
N SER D 192 19.80 -19.06 45.34
CA SER D 192 20.86 -18.79 46.32
C SER D 192 22.23 -19.04 45.72
N GLY D 193 23.04 -18.00 45.58
CA GLY D 193 24.37 -18.13 45.03
C GLY D 193 24.59 -17.27 43.80
N ASN D 194 23.56 -17.15 42.96
CA ASN D 194 23.63 -16.34 41.76
C ASN D 194 23.14 -14.91 41.96
N SER D 195 22.72 -14.56 43.17
CA SER D 195 22.23 -13.23 43.45
C SER D 195 23.37 -12.30 43.87
N GLN D 196 23.16 -11.01 43.66
CA GLN D 196 24.16 -10.00 44.01
C GLN D 196 23.48 -8.69 44.38
N GLU D 197 23.52 -8.33 45.65
CA GLU D 197 22.87 -7.13 46.15
C GLU D 197 23.86 -5.97 46.21
N SER D 198 23.30 -4.75 46.31
CA SER D 198 24.11 -3.55 46.39
C SER D 198 23.34 -2.43 47.09
N VAL D 199 23.91 -1.86 48.15
CA VAL D 199 23.27 -0.81 48.92
C VAL D 199 24.14 0.43 48.88
N THR D 200 23.53 1.55 48.52
CA THR D 200 24.23 2.83 48.45
C THR D 200 24.28 3.46 49.84
N GLU D 201 25.15 4.46 49.98
CA GLU D 201 25.29 5.17 51.25
C GLU D 201 24.01 5.93 51.56
N GLN D 202 23.74 6.10 52.86
CA GLN D 202 22.54 6.79 53.32
C GLN D 202 22.52 8.23 52.82
N ASP D 203 21.36 8.67 52.31
CA ASP D 203 21.22 10.03 51.81
C ASP D 203 21.39 11.04 52.93
N SER D 204 22.11 12.12 52.64
CA SER D 204 22.33 13.16 53.64
C SER D 204 21.03 13.85 54.01
N LYS D 205 20.17 14.13 53.03
CA LYS D 205 18.96 14.89 53.29
C LYS D 205 17.83 13.99 53.80
N ASP D 206 17.43 13.00 53.00
CA ASP D 206 16.27 12.18 53.32
C ASP D 206 16.58 11.06 54.29
N SER D 207 17.86 10.76 54.56
CA SER D 207 18.26 9.69 55.47
C SER D 207 17.65 8.36 55.06
N THR D 208 17.62 8.11 53.75
CA THR D 208 17.05 6.89 53.20
C THR D 208 18.07 6.21 52.31
N TYR D 209 18.12 4.88 52.39
CA TYR D 209 19.04 4.08 51.60
C TYR D 209 18.31 3.43 50.42
N SER D 210 19.11 2.94 49.47
CA SER D 210 18.58 2.29 48.29
C SER D 210 19.28 0.95 48.11
N LEU D 211 18.50 -0.09 47.86
CA LEU D 211 19.02 -1.44 47.67
C LEU D 211 18.68 -1.94 46.28
N SER D 212 19.68 -2.49 45.59
CA SER D 212 19.51 -3.04 44.25
C SER D 212 20.06 -4.46 44.24
N SER D 213 19.24 -5.41 43.79
CA SER D 213 19.61 -6.81 43.71
C SER D 213 19.69 -7.21 42.24
N THR D 214 20.90 -7.48 41.76
CA THR D 214 21.12 -7.87 40.38
C THR D 214 21.33 -9.38 40.32
N LEU D 215 20.38 -10.08 39.69
CA LEU D 215 20.46 -11.54 39.53
C LEU D 215 21.12 -11.84 38.20
N THR D 216 22.33 -12.39 38.24
CA THR D 216 23.09 -12.72 37.04
C THR D 216 22.88 -14.19 36.70
N LEU D 217 22.31 -14.43 35.52
CA LEU D 217 22.03 -15.78 35.04
C LEU D 217 22.50 -15.92 33.61
N SER D 218 22.49 -17.15 33.10
CA SER D 218 22.93 -17.44 31.74
C SER D 218 21.73 -17.43 30.80
N LYS D 219 22.01 -17.10 29.54
CA LYS D 219 20.94 -17.04 28.53
C LYS D 219 20.37 -18.42 28.24
N ALA D 220 21.15 -19.48 28.49
CA ALA D 220 20.71 -20.85 28.26
C ALA D 220 19.96 -21.44 29.44
N ASP D 221 19.78 -20.68 30.53
CA ASP D 221 19.08 -21.18 31.69
C ASP D 221 17.97 -20.22 32.10
N TYR D 222 18.08 -18.95 31.68
CA TYR D 222 17.05 -17.97 31.98
C TYR D 222 15.78 -18.16 31.14
N GLU D 223 15.88 -18.87 30.03
CA GLU D 223 14.72 -19.13 29.17
C GLU D 223 13.87 -20.29 29.66
N LYS D 224 14.32 -21.03 30.68
CA LYS D 224 13.56 -22.14 31.24
C LYS D 224 12.49 -21.68 32.23
N HIS D 225 12.52 -20.42 32.64
CA HIS D 225 11.52 -19.89 33.57
C HIS D 225 11.03 -18.55 33.03
N LYS D 226 9.81 -18.20 33.39
CA LYS D 226 9.20 -16.96 32.93
C LYS D 226 8.67 -16.14 34.10
N VAL D 227 8.37 -16.81 35.21
CA VAL D 227 7.86 -16.14 36.40
C VAL D 227 9.06 -15.84 37.30
N TYR D 228 9.49 -14.58 37.30
CA TYR D 228 10.60 -14.13 38.11
C TYR D 228 10.10 -13.10 39.12
N ALA D 229 10.47 -13.28 40.39
CA ALA D 229 10.02 -12.39 41.44
C ALA D 229 11.16 -12.16 42.42
N CYS D 230 11.08 -11.03 43.13
CA CYS D 230 12.06 -10.67 44.16
C CYS D 230 11.30 -10.40 45.45
N GLU D 231 11.32 -11.39 46.36
CA GLU D 231 10.63 -11.26 47.63
C GLU D 231 11.40 -10.29 48.52
N VAL D 232 10.86 -9.09 48.70
CA VAL D 232 11.52 -8.04 49.48
C VAL D 232 10.76 -7.88 50.79
N THR D 233 11.49 -8.01 51.90
CA THR D 233 10.93 -7.86 53.24
C THR D 233 11.63 -6.72 53.97
N HIS D 234 10.84 -5.93 54.68
CA HIS D 234 11.34 -4.77 55.41
C HIS D 234 10.36 -4.45 56.52
N GLN D 235 10.80 -3.60 57.45
CA GLN D 235 9.97 -3.21 58.59
C GLN D 235 8.80 -2.32 58.19
N GLY D 236 8.95 -1.59 57.08
CA GLY D 236 7.90 -0.71 56.61
C GLY D 236 6.80 -1.38 55.82
N LEU D 237 6.88 -2.69 55.62
CA LEU D 237 5.86 -3.43 54.88
C LEU D 237 5.21 -4.45 55.81
N SER D 238 3.88 -4.43 55.85
CA SER D 238 3.15 -5.39 56.68
C SER D 238 3.38 -6.82 56.19
N SER D 239 3.40 -7.00 54.88
CA SER D 239 3.67 -8.29 54.26
C SER D 239 4.78 -8.14 53.24
N PRO D 240 5.53 -9.23 52.97
CA PRO D 240 6.64 -9.14 52.02
C PRO D 240 6.20 -8.73 50.62
N VAL D 241 6.99 -7.88 49.96
CA VAL D 241 6.67 -7.47 48.61
C VAL D 241 6.93 -8.62 47.65
N THR D 242 6.06 -8.75 46.64
CA THR D 242 6.15 -9.82 45.65
C THR D 242 6.04 -9.25 44.24
N LYS D 243 6.79 -8.17 43.99
CA LYS D 243 6.83 -7.58 42.66
C LYS D 243 7.45 -8.55 41.66
N SER D 244 6.64 -9.06 40.75
CA SER D 244 7.07 -10.08 39.79
C SER D 244 6.85 -9.59 38.37
N PHE D 245 7.44 -10.31 37.42
CA PHE D 245 7.29 -10.00 36.02
C PHE D 245 7.24 -11.29 35.23
N ASN D 246 6.50 -11.27 34.12
CA ASN D 246 6.34 -12.43 33.25
C ASN D 246 7.18 -12.23 32.00
N ARG D 247 8.04 -13.22 31.71
CA ARG D 247 8.87 -13.14 30.51
C ARG D 247 8.01 -13.27 29.26
N GLY D 248 8.39 -12.53 28.22
CA GLY D 248 7.65 -12.57 26.97
C GLY D 248 6.50 -11.59 26.92
N GLU D 249 5.44 -11.88 27.68
CA GLU D 249 4.25 -11.02 27.73
C GLU D 249 4.54 -9.85 28.66
N CYS D 250 4.98 -8.73 28.09
CA CYS D 250 5.30 -7.55 28.88
C CYS D 250 4.36 -6.39 28.51
N LEU E 33 -16.85 54.20 -38.65
CA LEU E 33 -17.90 53.28 -38.24
C LEU E 33 -18.85 53.01 -39.39
N TRP E 34 -18.58 51.94 -40.12
CA TRP E 34 -19.40 51.54 -41.25
C TRP E 34 -20.53 50.59 -40.86
N MET E 35 -20.45 49.97 -39.69
CA MET E 35 -21.58 49.25 -39.15
C MET E 35 -22.74 50.22 -38.93
N HIS E 36 -23.93 49.67 -38.67
CA HIS E 36 -25.16 50.40 -38.46
C HIS E 36 -25.64 51.09 -39.73
N LYS E 37 -24.88 51.03 -40.82
CA LYS E 37 -25.24 51.69 -42.07
C LYS E 37 -25.60 50.74 -43.19
N VAL E 38 -25.43 49.44 -42.99
CA VAL E 38 -25.77 48.44 -43.98
C VAL E 38 -27.29 48.30 -44.04
N PRO E 39 -27.88 47.97 -45.18
CA PRO E 39 -29.34 47.82 -45.25
C PRO E 39 -29.84 46.77 -44.29
N ALA E 40 -31.02 47.01 -43.73
CA ALA E 40 -31.61 46.06 -42.80
C ALA E 40 -32.30 44.90 -43.49
N SER E 41 -32.47 44.96 -44.80
CA SER E 41 -33.05 43.87 -45.55
C SER E 41 -32.69 44.00 -47.01
N LEU E 42 -32.75 42.89 -47.72
CA LEU E 42 -32.56 42.84 -49.17
C LEU E 42 -33.75 42.17 -49.80
N MET E 43 -34.32 42.80 -50.81
CA MET E 43 -35.46 42.25 -51.53
C MET E 43 -34.97 41.64 -52.84
N VAL E 44 -35.34 40.39 -53.08
CA VAL E 44 -34.87 39.66 -54.26
C VAL E 44 -35.90 38.59 -54.59
N SER E 45 -35.98 38.24 -55.87
CA SER E 45 -36.91 37.24 -56.38
C SER E 45 -36.23 35.90 -56.54
N LEU E 46 -37.03 34.83 -56.49
CA LEU E 46 -36.50 33.48 -56.68
C LEU E 46 -35.82 33.37 -58.03
N GLY E 47 -34.67 32.70 -58.06
CA GLY E 47 -33.90 32.56 -59.27
C GLY E 47 -33.38 33.88 -59.80
N GLU E 48 -32.79 34.69 -58.92
CA GLU E 48 -32.26 36.00 -59.28
C GLU E 48 -30.94 36.21 -58.51
N ASP E 49 -30.26 37.31 -58.80
CA ASP E 49 -28.93 37.59 -58.28
C ASP E 49 -29.02 38.52 -57.07
N ALA E 50 -28.29 38.16 -56.00
CA ALA E 50 -28.28 38.91 -54.75
C ALA E 50 -26.89 39.47 -54.52
N HIS E 51 -26.79 40.80 -54.43
CA HIS E 51 -25.52 41.49 -54.23
C HIS E 51 -25.51 42.13 -52.85
N PHE E 52 -24.55 41.73 -52.02
CA PHE E 52 -24.33 42.33 -50.71
C PHE E 52 -23.12 43.24 -50.77
N GLN E 53 -22.95 44.04 -49.73
CA GLN E 53 -21.83 44.96 -49.67
C GLN E 53 -21.27 44.98 -48.25
N CYS E 54 -19.98 45.28 -48.14
CA CYS E 54 -19.33 45.51 -46.84
C CYS E 54 -18.54 46.80 -46.95
N PRO E 55 -19.18 47.96 -46.73
CA PRO E 55 -18.57 49.26 -47.04
C PRO E 55 -17.62 49.75 -45.95
N HIS E 56 -16.58 48.96 -45.68
CA HIS E 56 -15.70 49.28 -44.57
C HIS E 56 -14.82 50.50 -44.89
N ASN E 57 -14.30 51.11 -43.84
CA ASN E 57 -13.34 52.20 -43.93
C ASN E 57 -11.99 51.79 -43.36
N SER E 58 -11.52 50.59 -43.72
CA SER E 58 -10.23 50.10 -43.28
C SER E 58 -9.19 50.37 -44.36
N SER E 59 -7.97 49.87 -44.14
CA SER E 59 -6.82 50.18 -45.00
C SER E 59 -6.65 49.18 -46.13
N ASN E 60 -7.70 49.04 -46.94
CA ASN E 60 -7.74 48.40 -48.27
C ASN E 60 -6.87 47.14 -48.38
N ASN E 61 -6.75 46.40 -47.28
CA ASN E 61 -6.13 45.09 -47.31
C ASN E 61 -6.80 44.10 -46.37
N ALA E 62 -7.89 44.48 -45.72
CA ALA E 62 -8.47 43.65 -44.68
C ALA E 62 -9.06 42.37 -45.25
N ASN E 63 -8.96 41.31 -44.47
CA ASN E 63 -9.49 40.01 -44.85
C ASN E 63 -10.99 39.96 -44.56
N VAL E 64 -11.81 40.33 -45.54
CA VAL E 64 -13.27 40.30 -45.39
C VAL E 64 -13.75 38.87 -45.51
N THR E 65 -14.64 38.46 -44.62
CA THR E 65 -15.27 37.16 -44.69
C THR E 65 -16.76 37.31 -44.46
N TRP E 66 -17.54 36.58 -45.23
CA TRP E 66 -18.99 36.70 -45.23
C TRP E 66 -19.60 35.51 -44.52
N TRP E 67 -20.47 35.79 -43.56
CA TRP E 67 -21.05 34.76 -42.72
C TRP E 67 -22.56 34.77 -42.83
N ARG E 68 -23.19 33.80 -42.19
CA ARG E 68 -24.65 33.70 -42.14
C ARG E 68 -25.03 33.29 -40.73
N VAL E 69 -25.50 34.26 -39.94
CA VAL E 69 -25.75 34.06 -38.53
C VAL E 69 -27.24 33.83 -38.31
N LEU E 70 -27.58 33.39 -37.10
CA LEU E 70 -28.97 33.14 -36.73
C LEU E 70 -29.55 34.39 -36.08
N HIS E 71 -30.77 34.27 -35.56
CA HIS E 71 -31.52 35.38 -35.00
C HIS E 71 -31.18 35.56 -33.53
N GLY E 72 -30.54 36.67 -33.20
CA GLY E 72 -30.39 37.04 -31.81
C GLY E 72 -29.19 36.41 -31.13
N ASN E 73 -29.39 36.03 -29.87
CA ASN E 73 -28.35 35.45 -29.02
C ASN E 73 -28.32 33.93 -29.22
N TYR E 74 -27.89 33.54 -30.40
CA TYR E 74 -27.88 32.14 -30.80
C TYR E 74 -26.79 31.38 -30.04
N THR E 75 -26.67 30.09 -30.35
CA THR E 75 -25.62 29.26 -29.75
C THR E 75 -24.80 28.51 -30.78
N TRP E 76 -25.14 28.57 -32.07
CA TRP E 76 -24.45 27.79 -33.08
C TRP E 76 -23.52 28.67 -33.91
N PRO E 77 -22.38 28.14 -34.35
CA PRO E 77 -21.41 28.94 -35.11
C PRO E 77 -21.98 29.39 -36.46
N PRO E 78 -21.54 30.55 -36.95
CA PRO E 78 -22.02 31.04 -38.25
C PRO E 78 -21.43 30.25 -39.42
N GLU E 79 -22.14 30.32 -40.54
CA GLU E 79 -21.72 29.63 -41.77
C GLU E 79 -20.82 30.53 -42.59
N PHE E 80 -19.52 30.25 -42.54
CA PHE E 80 -18.57 30.92 -43.43
C PHE E 80 -19.02 30.77 -44.88
N LEU E 81 -19.14 31.91 -45.57
CA LEU E 81 -19.57 31.90 -46.97
C LEU E 81 -18.48 32.32 -47.94
N GLY E 82 -17.27 32.58 -47.47
CA GLY E 82 -16.18 32.91 -48.36
C GLY E 82 -15.85 34.38 -48.33
N PRO E 83 -14.68 34.73 -48.80
CA PRO E 83 -14.29 36.13 -48.88
C PRO E 83 -15.17 36.90 -49.85
N GLY E 84 -15.01 38.21 -49.84
CA GLY E 84 -15.59 39.01 -50.89
C GLY E 84 -14.96 38.65 -52.22
N GLU E 85 -15.72 38.83 -53.30
CA GLU E 85 -15.22 38.46 -54.61
C GLU E 85 -14.00 39.29 -54.97
N ASP E 86 -14.16 40.62 -55.02
CA ASP E 86 -13.03 41.53 -55.12
C ASP E 86 -13.49 42.91 -54.68
N PRO E 87 -14.26 43.70 -55.50
CA PRO E 87 -14.51 45.09 -55.11
C PRO E 87 -15.23 45.20 -53.78
N ASN E 88 -14.54 45.70 -52.76
CA ASN E 88 -15.12 46.05 -51.47
C ASN E 88 -16.01 44.95 -50.91
N GLY E 89 -15.48 43.73 -50.95
CA GLY E 89 -16.08 42.60 -50.27
C GLY E 89 -17.47 42.22 -50.73
N THR E 90 -17.85 42.62 -51.94
CA THR E 90 -19.16 42.32 -52.48
C THR E 90 -19.42 40.82 -52.51
N LEU E 91 -20.58 40.41 -52.02
CA LEU E 91 -21.00 39.02 -52.06
C LEU E 91 -22.04 38.85 -53.15
N ILE E 92 -21.88 37.83 -53.98
CA ILE E 92 -22.77 37.55 -55.09
C ILE E 92 -23.35 36.16 -54.89
N ILE E 93 -24.59 36.08 -54.42
CA ILE E 93 -25.35 34.86 -54.35
C ILE E 93 -26.18 34.77 -55.62
N GLN E 94 -26.10 33.66 -56.33
CA GLN E 94 -26.80 33.50 -57.59
C GLN E 94 -27.80 32.36 -57.51
N ASN E 95 -28.87 32.49 -58.31
CA ASN E 95 -29.99 31.54 -58.30
C ASN E 95 -30.59 31.46 -56.89
N VAL E 96 -31.01 32.61 -56.39
CA VAL E 96 -31.55 32.70 -55.05
C VAL E 96 -32.85 31.92 -54.95
N ASN E 97 -33.03 31.17 -53.87
CA ASN E 97 -34.22 30.37 -53.64
C ASN E 97 -34.43 30.20 -52.14
N LYS E 98 -35.46 29.46 -51.78
CA LYS E 98 -36.07 29.60 -50.45
C LYS E 98 -35.13 29.25 -49.31
N SER E 99 -34.11 28.45 -49.55
CA SER E 99 -33.17 28.13 -48.48
C SER E 99 -32.25 29.29 -48.14
N HIS E 100 -32.09 30.25 -49.04
CA HIS E 100 -31.13 31.34 -48.86
C HIS E 100 -31.65 32.48 -47.99
N GLY E 101 -32.75 32.27 -47.27
CA GLY E 101 -33.25 33.32 -46.39
C GLY E 101 -32.51 33.30 -45.06
N GLY E 102 -32.03 34.47 -44.63
CA GLY E 102 -31.28 34.56 -43.40
C GLY E 102 -30.49 35.85 -43.35
N ILE E 103 -29.73 35.98 -42.27
CA ILE E 103 -28.96 37.19 -41.98
C ILE E 103 -27.53 37.01 -42.43
N TYR E 104 -27.03 37.94 -43.24
CA TYR E 104 -25.70 37.87 -43.81
C TYR E 104 -24.85 38.99 -43.26
N VAL E 105 -23.60 38.67 -42.91
CA VAL E 105 -22.79 39.48 -42.01
C VAL E 105 -21.33 39.39 -42.41
N CYS E 106 -20.71 40.52 -42.70
CA CYS E 106 -19.26 40.53 -42.95
C CYS E 106 -18.51 40.76 -41.65
N ARG E 107 -17.22 40.44 -41.67
CA ARG E 107 -16.38 40.45 -40.48
C ARG E 107 -15.02 41.05 -40.80
N VAL E 108 -15.01 42.25 -41.38
CA VAL E 108 -13.75 42.91 -41.76
C VAL E 108 -12.76 42.86 -40.61
N GLN E 109 -11.51 42.55 -40.93
CA GLN E 109 -10.45 42.46 -39.94
C GLN E 109 -9.13 42.85 -40.60
N GLU E 110 -8.46 43.84 -40.05
CA GLU E 110 -7.16 44.27 -40.56
C GLU E 110 -6.05 43.66 -39.72
N GLY E 111 -5.05 43.09 -40.39
CA GLY E 111 -3.86 42.63 -39.68
C GLY E 111 -4.18 41.53 -38.69
N ASN E 112 -4.02 41.86 -37.40
CA ASN E 112 -4.14 40.88 -36.32
C ASN E 112 -5.12 41.25 -35.22
N GLU E 113 -5.71 42.44 -35.24
CA GLU E 113 -6.61 42.80 -34.17
C GLU E 113 -7.94 42.05 -34.30
N SER E 114 -8.87 42.37 -33.41
CA SER E 114 -10.15 41.67 -33.38
C SER E 114 -11.08 42.21 -34.46
N TYR E 115 -11.86 41.30 -35.05
CA TYR E 115 -12.72 41.66 -36.16
C TYR E 115 -13.81 42.62 -35.71
N GLN E 116 -14.31 43.40 -36.67
CA GLN E 116 -15.44 44.28 -36.45
C GLN E 116 -16.54 43.89 -37.44
N GLN E 117 -17.75 43.72 -36.93
CA GLN E 117 -18.76 42.91 -37.59
C GLN E 117 -19.97 43.74 -37.97
N SER E 118 -20.40 43.62 -39.23
CA SER E 118 -21.60 44.27 -39.70
C SER E 118 -22.82 43.75 -38.96
N CYS E 119 -23.87 44.57 -38.91
CA CYS E 119 -25.06 44.20 -38.14
C CYS E 119 -25.86 43.10 -38.81
N GLY E 120 -25.96 43.11 -40.14
CA GLY E 120 -26.73 42.10 -40.82
C GLY E 120 -27.62 42.68 -41.91
N THR E 121 -27.91 41.84 -42.90
CA THR E 121 -28.76 42.20 -44.02
C THR E 121 -29.71 41.05 -44.32
N TYR E 122 -30.88 41.09 -43.71
CA TYR E 122 -31.86 40.00 -43.81
C TYR E 122 -32.31 39.89 -45.26
N LEU E 123 -31.98 38.76 -45.90
CA LEU E 123 -32.39 38.52 -47.28
C LEU E 123 -33.73 37.80 -47.30
N ARG E 124 -34.72 38.42 -47.96
CA ARG E 124 -36.06 37.87 -48.05
C ARG E 124 -36.43 37.66 -49.52
N VAL E 125 -37.19 36.60 -49.78
CA VAL E 125 -37.44 36.13 -51.14
C VAL E 125 -38.94 36.00 -51.38
N ARG E 126 -39.34 36.28 -52.62
CA ARG E 126 -40.72 36.10 -53.07
C ARG E 126 -40.72 36.11 -54.59
N GLN E 127 -41.84 35.67 -55.16
CA GLN E 127 -42.02 35.69 -56.60
C GLN E 127 -42.93 36.86 -56.98
N PRO E 128 -42.49 37.79 -57.82
CA PRO E 128 -43.27 39.00 -58.06
C PRO E 128 -44.42 38.73 -59.00
N PRO E 129 -45.62 39.22 -58.69
CA PRO E 129 -46.78 39.01 -59.56
C PRO E 129 -46.68 39.87 -60.80
N PRO E 130 -47.04 39.34 -61.97
CA PRO E 130 -47.23 40.20 -63.13
C PRO E 130 -48.65 40.74 -63.16
N ARG E 131 -48.96 41.61 -64.12
CA ARG E 131 -50.26 42.27 -64.19
C ARG E 131 -50.62 42.53 -65.64
N PRO E 132 -51.81 42.11 -66.11
CA PRO E 132 -52.11 42.15 -67.55
C PRO E 132 -52.24 43.55 -68.11
N PHE E 133 -53.08 44.38 -67.50
CA PHE E 133 -53.23 45.76 -67.94
C PHE E 133 -51.97 46.50 -67.49
N LEU E 134 -51.85 47.78 -67.87
CA LEU E 134 -50.58 48.45 -67.60
C LEU E 134 -50.52 48.89 -66.16
N ASP E 135 -50.94 47.99 -65.27
CA ASP E 135 -50.62 47.83 -63.85
C ASP E 135 -51.07 49.00 -62.98
N MET E 136 -51.23 50.19 -63.59
CA MET E 136 -52.07 51.30 -63.17
C MET E 136 -52.34 51.34 -61.67
N GLY E 137 -51.32 51.12 -60.84
CA GLY E 137 -51.52 51.05 -59.41
C GLY E 137 -52.66 50.12 -59.02
N GLU E 138 -53.16 50.30 -57.80
CA GLU E 138 -54.41 49.68 -57.37
C GLU E 138 -55.43 50.72 -56.92
N GLY E 139 -55.03 51.63 -56.03
CA GLY E 139 -55.91 52.74 -55.69
C GLY E 139 -56.23 53.60 -56.89
N THR E 140 -55.30 53.68 -57.84
CA THR E 140 -55.60 54.34 -59.10
C THR E 140 -56.72 53.62 -59.84
N LYS E 141 -56.72 52.28 -59.80
CA LYS E 141 -57.81 51.53 -60.42
C LYS E 141 -59.14 51.84 -59.75
N ASN E 142 -59.16 51.90 -58.42
CA ASN E 142 -60.42 52.23 -57.74
C ASN E 142 -60.88 53.65 -58.09
N ARG E 143 -59.95 54.61 -58.11
CA ARG E 143 -60.31 55.98 -58.43
C ARG E 143 -60.85 56.10 -59.85
N ILE E 144 -60.22 55.41 -60.81
CA ILE E 144 -60.69 55.45 -62.18
C ILE E 144 -62.04 54.75 -62.33
N ILE E 145 -62.26 53.66 -61.60
CA ILE E 145 -63.56 53.01 -61.63
C ILE E 145 -64.65 53.96 -61.14
N THR E 146 -64.39 54.66 -60.04
CA THR E 146 -65.37 55.62 -59.54
C THR E 146 -65.61 56.76 -60.53
N ALA E 147 -64.54 57.29 -61.10
CA ALA E 147 -64.68 58.40 -62.04
C ALA E 147 -65.47 57.97 -63.27
N GLU E 148 -65.19 56.78 -63.79
CA GLU E 148 -65.95 56.29 -64.94
C GLU E 148 -67.39 56.04 -64.57
N GLY E 149 -67.66 55.59 -63.34
CA GLY E 149 -69.04 55.43 -62.92
C GLY E 149 -69.80 56.75 -62.96
N ILE E 150 -69.20 57.80 -62.40
CA ILE E 150 -69.86 59.11 -62.40
C ILE E 150 -70.08 59.60 -63.82
N ILE E 151 -69.04 59.53 -64.65
CA ILE E 151 -69.14 60.01 -66.03
C ILE E 151 -70.19 59.24 -66.80
N LEU E 152 -70.22 57.92 -66.62
CA LEU E 152 -71.17 57.09 -67.33
C LEU E 152 -72.60 57.40 -66.92
N LEU E 153 -72.82 57.62 -65.61
CA LEU E 153 -74.15 57.96 -65.15
C LEU E 153 -74.62 59.28 -65.77
N PHE E 154 -73.75 60.29 -65.78
CA PHE E 154 -74.17 61.56 -66.36
C PHE E 154 -74.39 61.46 -67.87
N CYS E 155 -73.54 60.72 -68.57
CA CYS E 155 -73.69 60.58 -70.01
C CYS E 155 -74.86 59.67 -70.36
N ALA E 156 -75.39 58.97 -69.37
CA ALA E 156 -76.63 58.22 -69.57
C ALA E 156 -77.84 59.12 -69.34
N VAL E 157 -77.80 59.89 -68.25
CA VAL E 157 -78.98 60.68 -67.87
C VAL E 157 -79.21 61.84 -68.82
N VAL E 158 -78.16 62.55 -69.21
CA VAL E 158 -78.37 63.77 -69.99
C VAL E 158 -78.96 63.46 -71.36
N PRO E 159 -78.27 62.71 -72.26
CA PRO E 159 -78.81 62.52 -73.62
C PRO E 159 -80.18 61.85 -73.61
N GLY E 160 -80.39 60.94 -72.68
CA GLY E 160 -81.64 60.23 -72.59
C GLY E 160 -82.83 61.14 -72.46
N THR E 161 -82.91 61.89 -71.36
CA THR E 161 -84.02 62.80 -71.17
C THR E 161 -84.01 63.93 -72.20
N LEU E 162 -82.83 64.34 -72.67
CA LEU E 162 -82.78 65.36 -73.72
C LEU E 162 -83.52 64.92 -74.96
N LEU E 163 -83.20 63.73 -75.48
CA LEU E 163 -83.84 63.24 -76.69
C LEU E 163 -85.24 62.71 -76.45
N LEU E 164 -85.61 62.40 -75.20
CA LEU E 164 -86.99 62.06 -74.93
C LEU E 164 -87.87 63.30 -74.88
N PHE E 165 -87.34 64.42 -74.41
CA PHE E 165 -88.06 65.69 -74.48
C PHE E 165 -88.16 66.17 -75.92
N ARG E 166 -87.05 66.11 -76.66
CA ARG E 166 -87.05 66.61 -78.03
C ARG E 166 -88.09 65.88 -78.88
N LYS E 167 -88.14 64.56 -78.77
CA LYS E 167 -89.14 63.80 -79.52
C LYS E 167 -90.55 64.18 -79.10
N ARG E 168 -90.81 64.22 -77.79
CA ARG E 168 -92.14 64.59 -77.32
C ARG E 168 -92.46 66.03 -77.71
N TRP E 169 -91.50 66.93 -77.59
CA TRP E 169 -91.68 68.29 -78.09
C TRP E 169 -91.97 68.29 -79.58
N GLN E 170 -91.23 67.48 -80.34
CA GLN E 170 -91.52 67.32 -81.76
C GLN E 170 -92.93 66.77 -81.98
N ASN E 171 -93.47 66.03 -81.02
CA ASN E 171 -94.81 65.48 -81.14
C ASN E 171 -95.80 66.29 -80.30
N ALA F 42 -19.51 50.65 -15.41
CA ALA F 42 -19.82 49.50 -16.25
C ALA F 42 -20.87 49.86 -17.30
N CYS F 43 -20.44 49.95 -18.56
CA CYS F 43 -21.31 50.31 -19.67
C CYS F 43 -21.17 49.23 -20.74
N SER F 44 -22.04 48.21 -20.69
CA SER F 44 -22.00 47.14 -21.67
C SER F 44 -22.66 47.59 -22.97
N ARG F 45 -22.42 46.82 -24.02
CA ARG F 45 -22.93 47.15 -25.34
C ARG F 45 -24.43 46.87 -25.44
N ILE F 46 -25.12 47.73 -26.16
CA ILE F 46 -26.56 47.59 -26.40
C ILE F 46 -26.76 46.76 -27.66
N TRP F 47 -27.66 45.78 -27.58
CA TRP F 47 -28.06 45.05 -28.79
C TRP F 47 -29.56 44.86 -28.78
N GLN F 48 -30.14 44.88 -29.97
CA GLN F 48 -31.58 44.92 -30.16
C GLN F 48 -32.04 43.69 -30.91
N SER F 49 -33.06 43.02 -30.40
CA SER F 49 -33.29 41.61 -30.74
C SER F 49 -33.68 41.39 -32.21
N PRO F 50 -34.81 41.88 -32.71
CA PRO F 50 -35.19 41.56 -34.08
C PRO F 50 -34.57 42.50 -35.09
N ARG F 51 -34.09 41.93 -36.19
CA ARG F 51 -33.55 42.72 -37.29
C ARG F 51 -34.58 43.03 -38.36
N PHE F 52 -35.68 42.30 -38.41
CA PHE F 52 -36.69 42.53 -39.43
C PHE F 52 -38.01 41.91 -38.98
N ILE F 53 -39.06 42.72 -38.95
CA ILE F 53 -40.40 42.27 -38.60
C ILE F 53 -41.32 42.60 -39.77
N ALA F 54 -42.16 41.63 -40.16
CA ALA F 54 -43.09 41.84 -41.26
C ALA F 54 -44.43 41.22 -40.86
N ARG F 55 -45.37 42.06 -40.45
CA ARG F 55 -46.66 41.60 -39.95
C ARG F 55 -47.78 42.27 -40.73
N LYS F 56 -48.94 41.62 -40.73
CA LYS F 56 -50.13 42.22 -41.30
C LYS F 56 -50.59 43.39 -40.43
N ARG F 57 -51.33 44.30 -41.05
CA ARG F 57 -51.78 45.48 -40.32
C ARG F 57 -52.84 45.09 -39.29
N GLY F 58 -52.81 45.77 -38.16
CA GLY F 58 -53.73 45.49 -37.07
C GLY F 58 -53.08 44.82 -35.88
N PHE F 59 -52.16 43.88 -36.15
CA PHE F 59 -51.52 43.14 -35.08
C PHE F 59 -50.48 43.99 -34.37
N THR F 60 -50.20 43.66 -33.11
CA THR F 60 -49.20 44.40 -32.35
C THR F 60 -47.81 43.94 -32.76
N VAL F 61 -46.81 44.72 -32.36
CA VAL F 61 -45.41 44.42 -32.65
C VAL F 61 -44.57 44.83 -31.45
N LYS F 62 -43.52 44.07 -31.18
CA LYS F 62 -42.68 44.29 -30.02
C LYS F 62 -41.22 44.31 -30.45
N MET F 63 -40.45 45.22 -29.86
CA MET F 63 -39.04 45.37 -30.17
C MET F 63 -38.26 45.49 -28.87
N HIS F 64 -37.32 44.58 -28.66
CA HIS F 64 -36.63 44.45 -27.39
C HIS F 64 -35.18 44.90 -27.52
N CYS F 65 -34.71 45.60 -26.49
CA CYS F 65 -33.42 46.27 -26.53
C CYS F 65 -32.67 45.92 -25.25
N TYR F 66 -31.84 44.89 -25.29
CA TYR F 66 -31.16 44.39 -24.10
C TYR F 66 -30.06 45.36 -23.74
N MET F 67 -30.42 46.38 -22.99
CA MET F 67 -29.52 47.47 -22.64
C MET F 67 -28.61 47.02 -21.49
N ASN F 68 -27.91 47.99 -20.90
CA ASN F 68 -27.26 47.81 -19.61
C ASN F 68 -28.11 48.45 -18.52
N SER F 69 -28.13 47.84 -17.35
CA SER F 69 -29.14 48.16 -16.35
C SER F 69 -29.08 49.58 -15.79
N ALA F 70 -28.06 49.86 -15.00
CA ALA F 70 -27.99 51.13 -14.26
C ALA F 70 -27.08 52.14 -14.96
N SER F 71 -27.38 52.43 -16.22
CA SER F 71 -26.60 53.41 -16.96
C SER F 71 -27.44 54.52 -17.55
N GLY F 72 -28.74 54.32 -17.67
CA GLY F 72 -29.59 55.39 -18.14
C GLY F 72 -30.87 54.85 -18.73
N ASN F 73 -31.83 55.77 -18.88
CA ASN F 73 -33.12 55.44 -19.47
C ASN F 73 -33.03 55.45 -20.98
N VAL F 74 -33.52 54.39 -21.62
CA VAL F 74 -33.46 54.29 -23.07
C VAL F 74 -34.42 55.30 -23.67
N SER F 75 -34.29 55.53 -24.97
CA SER F 75 -35.25 56.32 -25.72
C SER F 75 -35.18 55.86 -27.17
N TRP F 76 -36.29 55.38 -27.70
CA TRP F 76 -36.32 54.88 -29.07
C TRP F 76 -36.27 56.04 -30.05
N LEU F 77 -35.81 55.74 -31.25
CA LEU F 77 -35.80 56.69 -32.34
C LEU F 77 -36.41 56.03 -33.56
N TRP F 78 -36.68 56.83 -34.57
CA TRP F 78 -37.34 56.36 -35.78
C TRP F 78 -36.60 56.89 -36.98
N LYS F 79 -36.59 56.12 -38.06
CA LYS F 79 -35.87 56.51 -39.27
C LYS F 79 -36.58 55.86 -40.45
N GLN F 80 -37.20 56.67 -41.31
CA GLN F 80 -37.99 56.11 -42.40
C GLN F 80 -37.12 55.45 -43.45
N GLU F 81 -35.89 55.91 -43.59
CA GLU F 81 -34.90 55.33 -44.49
C GLU F 81 -33.59 55.31 -43.70
N MET F 82 -32.46 55.19 -44.38
CA MET F 82 -31.18 55.01 -43.70
C MET F 82 -30.34 56.28 -43.79
N ASP F 83 -30.97 57.44 -43.56
CA ASP F 83 -30.30 58.73 -43.69
C ASP F 83 -30.10 59.45 -42.36
N GLU F 84 -31.16 59.70 -41.59
CA GLU F 84 -31.05 60.43 -40.34
C GLU F 84 -32.34 60.29 -39.55
N ASN F 85 -32.22 60.12 -38.23
CA ASN F 85 -33.32 59.67 -37.39
C ASN F 85 -33.76 60.75 -36.42
N PRO F 86 -35.04 61.11 -36.40
CA PRO F 86 -35.56 61.94 -35.32
C PRO F 86 -36.15 61.10 -34.19
N GLN F 87 -36.28 61.74 -33.04
CA GLN F 87 -36.92 61.13 -31.89
C GLN F 87 -38.37 60.82 -32.20
N GLN F 88 -38.83 59.63 -31.84
CA GLN F 88 -40.26 59.33 -31.99
C GLN F 88 -40.97 59.58 -30.66
N LEU F 89 -41.07 60.87 -30.35
CA LEU F 89 -42.03 61.38 -29.38
C LEU F 89 -43.44 61.38 -29.93
N LYS F 90 -43.64 60.82 -31.13
CA LYS F 90 -44.95 60.64 -31.73
C LYS F 90 -45.66 59.41 -31.18
N LEU F 91 -45.18 58.87 -30.08
CA LEU F 91 -45.87 57.77 -29.44
C LEU F 91 -47.19 58.27 -28.86
N GLU F 92 -48.29 57.93 -29.52
CA GLU F 92 -49.60 58.21 -28.97
C GLU F 92 -49.82 57.33 -27.74
N LYS F 93 -50.55 57.88 -26.76
CA LYS F 93 -50.85 57.09 -25.58
C LYS F 93 -51.61 55.83 -25.94
N GLY F 94 -52.33 55.84 -27.06
CA GLY F 94 -53.01 54.66 -27.53
C GLY F 94 -52.09 53.55 -27.97
N ARG F 95 -51.34 53.77 -29.05
CA ARG F 95 -50.66 52.66 -29.72
C ARG F 95 -49.25 52.41 -29.21
N MET F 96 -48.34 53.37 -29.35
CA MET F 96 -46.96 53.17 -28.93
C MET F 96 -46.84 53.38 -27.43
N GLU F 97 -46.18 52.44 -26.76
CA GLU F 97 -45.87 52.55 -25.35
C GLU F 97 -44.58 51.80 -25.06
N GLU F 98 -43.64 52.49 -24.42
CA GLU F 98 -42.32 51.95 -24.14
C GLU F 98 -42.14 51.76 -22.64
N SER F 99 -41.48 50.67 -22.27
CA SER F 99 -41.29 50.34 -20.87
C SER F 99 -39.83 49.94 -20.67
N GLN F 100 -39.54 49.43 -19.47
CA GLN F 100 -38.18 49.09 -19.09
C GLN F 100 -38.20 48.13 -17.92
N ASN F 101 -37.68 46.92 -18.14
CA ASN F 101 -37.66 45.87 -17.13
C ASN F 101 -36.31 45.77 -16.42
N GLU F 102 -35.56 46.88 -16.39
CA GLU F 102 -34.33 47.04 -15.65
C GLU F 102 -33.17 46.23 -16.24
N SER F 103 -33.47 45.36 -17.21
CA SER F 103 -32.43 44.81 -18.08
C SER F 103 -32.91 44.60 -19.49
N LEU F 104 -34.13 45.03 -19.82
CA LEU F 104 -34.71 44.80 -21.15
C LEU F 104 -35.75 45.90 -21.34
N ALA F 105 -35.52 46.76 -22.30
CA ALA F 105 -36.49 47.79 -22.63
C ALA F 105 -37.21 47.41 -23.91
N THR F 106 -38.51 47.70 -23.95
CA THR F 106 -39.34 47.22 -25.04
C THR F 106 -40.30 48.30 -25.48
N LEU F 107 -40.68 48.24 -26.75
CA LEU F 107 -41.65 49.15 -27.33
C LEU F 107 -42.69 48.35 -28.10
N THR F 108 -43.95 48.57 -27.79
CA THR F 108 -45.07 47.89 -28.41
C THR F 108 -45.94 48.88 -29.17
N ILE F 109 -46.29 48.53 -30.40
CA ILE F 109 -47.17 49.34 -31.22
C ILE F 109 -48.40 48.49 -31.54
N GLN F 110 -49.51 48.75 -30.83
CA GLN F 110 -50.66 47.87 -30.95
C GLN F 110 -51.28 47.94 -32.35
N GLY F 111 -51.74 49.11 -32.75
CA GLY F 111 -52.35 49.22 -34.06
C GLY F 111 -51.35 49.52 -35.14
N ILE F 112 -50.89 48.49 -35.84
CA ILE F 112 -49.91 48.66 -36.91
C ILE F 112 -50.63 49.06 -38.18
N ARG F 113 -50.30 50.24 -38.69
CA ARG F 113 -50.80 50.74 -39.96
C ARG F 113 -49.62 51.02 -40.88
N PHE F 114 -49.92 51.28 -42.15
CA PHE F 114 -48.85 51.35 -43.15
C PHE F 114 -47.90 52.51 -42.91
N GLU F 115 -48.35 53.57 -42.24
CA GLU F 115 -47.48 54.70 -42.00
C GLU F 115 -46.49 54.46 -40.86
N ASP F 116 -46.31 53.22 -40.44
CA ASP F 116 -45.38 52.86 -39.38
C ASP F 116 -44.09 52.26 -39.90
N ASN F 117 -43.91 52.16 -41.21
CA ASN F 117 -42.68 51.58 -41.73
C ASN F 117 -41.48 52.45 -41.35
N GLY F 118 -40.35 51.80 -41.18
CA GLY F 118 -39.14 52.49 -40.80
C GLY F 118 -38.23 51.66 -39.95
N ILE F 119 -37.13 52.25 -39.49
CA ILE F 119 -36.14 51.56 -38.67
C ILE F 119 -36.14 52.19 -37.29
N TYR F 120 -36.25 51.35 -36.26
CA TYR F 120 -36.41 51.80 -34.88
C TYR F 120 -35.17 51.48 -34.08
N PHE F 121 -34.53 52.51 -33.52
CA PHE F 121 -33.30 52.36 -32.74
C PHE F 121 -33.59 52.51 -31.26
N CYS F 122 -32.55 52.39 -30.45
CA CYS F 122 -32.69 52.33 -29.00
C CYS F 122 -31.59 53.13 -28.30
N GLN F 123 -31.36 54.37 -28.74
CA GLN F 123 -30.26 55.15 -28.19
C GLN F 123 -30.42 55.35 -26.68
N GLN F 124 -29.47 54.81 -25.91
CA GLN F 124 -29.46 54.95 -24.45
C GLN F 124 -28.29 55.79 -24.00
N LYS F 125 -28.58 56.82 -23.21
CA LYS F 125 -27.58 57.80 -22.76
C LYS F 125 -26.81 57.21 -21.59
N CYS F 126 -25.76 56.45 -21.89
CA CYS F 126 -24.97 55.82 -20.83
C CYS F 126 -24.31 56.86 -19.94
N ASN F 127 -24.47 56.70 -18.63
CA ASN F 127 -23.92 57.64 -17.66
C ASN F 127 -22.63 57.11 -17.05
N ASN F 128 -21.57 57.18 -17.85
CA ASN F 128 -20.20 57.07 -17.35
C ASN F 128 -19.37 58.15 -18.04
N THR F 129 -19.77 58.48 -19.26
CA THR F 129 -19.18 59.55 -20.06
C THR F 129 -20.31 60.27 -20.75
N SER F 130 -19.98 61.09 -21.74
CA SER F 130 -20.96 61.92 -22.44
C SER F 130 -21.54 61.24 -23.68
N GLU F 131 -21.04 60.08 -24.06
CA GLU F 131 -21.47 59.44 -25.30
C GLU F 131 -22.74 58.62 -25.06
N VAL F 132 -23.40 58.27 -26.17
CA VAL F 132 -24.61 57.45 -26.15
C VAL F 132 -24.40 56.26 -27.06
N TYR F 133 -24.74 55.07 -26.58
CA TYR F 133 -24.73 53.90 -27.44
C TYR F 133 -25.97 53.91 -28.32
N GLN F 134 -26.11 52.89 -29.15
CA GLN F 134 -27.29 52.78 -30.00
C GLN F 134 -27.36 51.37 -30.55
N GLY F 135 -28.46 50.66 -30.29
CA GLY F 135 -28.68 49.40 -30.98
C GLY F 135 -28.89 49.64 -32.46
N CYS F 136 -28.67 48.59 -33.26
CA CYS F 136 -28.81 48.81 -34.69
C CYS F 136 -30.08 48.26 -35.28
N GLY F 137 -31.14 49.07 -35.27
CA GLY F 137 -32.23 48.92 -36.19
C GLY F 137 -33.14 47.74 -35.92
N THR F 138 -34.40 47.92 -36.30
CA THR F 138 -35.37 46.84 -36.45
C THR F 138 -36.36 47.27 -37.52
N GLU F 139 -36.14 46.83 -38.74
CA GLU F 139 -36.93 47.29 -39.88
C GLU F 139 -38.30 46.65 -39.83
N LEU F 140 -39.33 47.46 -39.63
CA LEU F 140 -40.70 47.00 -39.67
C LEU F 140 -41.30 47.34 -41.03
N ARG F 141 -41.73 46.31 -41.75
CA ARG F 141 -42.45 46.48 -43.01
C ARG F 141 -43.80 45.81 -42.84
N VAL F 142 -44.84 46.61 -42.65
CA VAL F 142 -46.18 46.06 -42.45
C VAL F 142 -46.69 45.47 -43.75
N MET F 143 -47.15 44.22 -43.68
CA MET F 143 -47.73 43.54 -44.82
C MET F 143 -49.23 43.84 -44.85
N GLY F 144 -49.96 43.14 -45.70
CA GLY F 144 -51.39 43.36 -45.80
C GLY F 144 -52.10 42.06 -46.11
N PHE F 145 -53.42 42.15 -46.22
CA PHE F 145 -54.29 41.01 -46.45
C PHE F 145 -54.24 40.64 -47.93
N SER F 146 -55.20 39.83 -48.39
CA SER F 146 -55.41 39.59 -49.82
C SER F 146 -54.17 38.94 -50.46
N THR F 147 -53.98 37.66 -50.11
CA THR F 147 -52.92 36.83 -50.65
C THR F 147 -52.89 36.86 -52.18
N LEU F 148 -51.77 36.39 -52.76
CA LEU F 148 -51.42 36.72 -54.14
C LEU F 148 -52.51 36.29 -55.13
N ALA F 149 -53.12 35.12 -54.93
CA ALA F 149 -54.16 34.65 -55.83
C ALA F 149 -55.33 35.63 -55.86
N GLN F 150 -55.76 36.08 -54.67
CA GLN F 150 -56.85 37.05 -54.60
C GLN F 150 -56.46 38.34 -55.30
N LEU F 151 -55.22 38.77 -55.13
CA LEU F 151 -54.75 39.99 -55.79
C LEU F 151 -54.84 39.86 -57.30
N LYS F 152 -54.40 38.72 -57.84
CA LYS F 152 -54.47 38.51 -59.28
C LYS F 152 -55.91 38.49 -59.78
N GLN F 153 -56.79 37.79 -59.07
CA GLN F 153 -58.19 37.70 -59.49
C GLN F 153 -58.85 39.07 -59.48
N ARG F 154 -58.63 39.83 -58.40
CA ARG F 154 -59.20 41.17 -58.31
C ARG F 154 -58.62 42.08 -59.39
N ASN F 155 -57.35 41.92 -59.73
CA ASN F 155 -56.78 42.74 -60.80
C ASN F 155 -57.44 42.45 -62.14
N THR F 156 -57.63 41.16 -62.45
CA THR F 156 -58.30 40.82 -63.71
C THR F 156 -59.72 41.37 -63.74
N LEU F 157 -60.46 41.21 -62.63
CA LEU F 157 -61.83 41.68 -62.60
C LEU F 157 -61.91 43.21 -62.73
N LYS F 158 -61.02 43.92 -62.04
CA LYS F 158 -61.01 45.38 -62.13
C LYS F 158 -60.65 45.83 -63.54
N ASP F 159 -59.71 45.15 -64.19
CA ASP F 159 -59.37 45.49 -65.57
C ASP F 159 -60.57 45.31 -66.49
N GLY F 160 -61.29 44.20 -66.32
CA GLY F 160 -62.49 43.99 -67.12
C GLY F 160 -63.53 45.08 -66.89
N ILE F 161 -63.75 45.45 -65.63
CA ILE F 161 -64.73 46.48 -65.32
C ILE F 161 -64.33 47.81 -65.95
N ILE F 162 -63.04 48.16 -65.87
CA ILE F 162 -62.59 49.44 -66.43
C ILE F 162 -62.75 49.46 -67.94
N MET F 163 -62.38 48.36 -68.61
CA MET F 163 -62.54 48.33 -70.06
C MET F 163 -64.01 48.42 -70.45
N ILE F 164 -64.88 47.71 -69.74
CA ILE F 164 -66.31 47.74 -70.05
C ILE F 164 -66.86 49.15 -69.86
N GLN F 165 -66.48 49.81 -68.78
CA GLN F 165 -66.97 51.17 -68.52
C GLN F 165 -66.47 52.14 -69.58
N THR F 166 -65.22 52.02 -70.01
CA THR F 166 -64.72 52.90 -71.06
C THR F 166 -65.46 52.67 -72.37
N LEU F 167 -65.74 51.41 -72.70
CA LEU F 167 -66.52 51.11 -73.89
C LEU F 167 -67.90 51.73 -73.80
N LEU F 168 -68.57 51.62 -72.65
CA LEU F 168 -69.87 52.23 -72.50
C LEU F 168 -69.79 53.75 -72.59
N ILE F 169 -68.71 54.34 -72.09
CA ILE F 169 -68.56 55.79 -72.17
C ILE F 169 -68.52 56.24 -73.62
N ILE F 170 -67.67 55.61 -74.42
CA ILE F 170 -67.57 56.00 -75.83
C ILE F 170 -68.87 55.69 -76.57
N LEU F 171 -69.52 54.57 -76.23
CA LEU F 171 -70.77 54.21 -76.89
C LEU F 171 -71.87 55.22 -76.61
N PHE F 172 -72.05 55.60 -75.34
CA PHE F 172 -73.10 56.54 -74.98
C PHE F 172 -72.78 57.95 -75.45
N ILE F 173 -71.51 58.31 -75.60
CA ILE F 173 -71.22 59.64 -76.14
C ILE F 173 -71.43 59.66 -77.65
N ILE F 174 -71.24 58.52 -78.32
CA ILE F 174 -71.33 58.54 -79.78
C ILE F 174 -72.75 58.34 -80.27
N VAL F 175 -73.54 57.46 -79.64
CA VAL F 175 -74.81 57.04 -80.22
C VAL F 175 -75.80 58.18 -80.39
N PRO F 176 -76.06 59.03 -79.39
CA PRO F 176 -77.06 60.11 -79.60
C PRO F 176 -76.73 61.03 -80.75
N ILE F 177 -75.44 61.34 -80.96
CA ILE F 177 -75.07 62.30 -81.99
C ILE F 177 -75.38 61.75 -83.37
N PHE F 178 -75.04 60.48 -83.61
CA PHE F 178 -75.44 59.86 -84.88
C PHE F 178 -76.95 59.69 -84.98
N LEU F 179 -77.62 59.45 -83.85
CA LEU F 179 -79.07 59.26 -83.90
C LEU F 179 -79.80 60.58 -84.15
N LEU F 180 -79.23 61.70 -83.70
CA LEU F 180 -79.84 63.02 -83.84
C LEU F 180 -79.25 63.79 -85.01
N LEU F 181 -78.89 63.11 -86.10
CA LEU F 181 -78.30 63.76 -87.26
C LEU F 181 -79.29 64.70 -87.94
C1 NAG G . -51.69 -20.55 -28.57
C2 NAG G . -53.14 -20.93 -28.29
C3 NAG G . -54.06 -19.78 -28.69
C4 NAG G . -53.62 -18.48 -28.03
C5 NAG G . -52.13 -18.23 -28.29
C6 NAG G . -51.59 -17.03 -27.55
C7 NAG G . -54.12 -23.18 -28.36
C8 NAG G . -54.43 -24.36 -29.22
N2 NAG G . -53.52 -22.15 -28.97
O3 NAG G . -55.40 -20.09 -28.32
O4 NAG G . -54.37 -17.40 -28.54
O5 NAG G . -51.34 -19.36 -27.87
O6 NAG G . -50.18 -17.00 -27.56
O7 NAG G . -54.39 -23.15 -27.17
C1 NAG H . -6.54 -22.39 -12.57
C2 NAG H . -6.66 -23.79 -13.18
C3 NAG H . -5.60 -24.00 -14.24
C4 NAG H . -5.64 -22.89 -15.27
C5 NAG H . -5.55 -21.53 -14.59
C6 NAG H . -5.72 -20.37 -15.54
C7 NAG H . -7.65 -25.23 -11.44
C8 NAG H . -7.37 -26.30 -10.42
N2 NAG H . -6.59 -24.82 -12.15
O3 NAG H . -5.80 -25.27 -14.87
O4 NAG H . -4.55 -23.03 -16.18
O5 NAG H . -6.60 -21.40 -13.60
O6 NAG H . -5.41 -20.76 -16.88
O7 NAG H . -8.77 -24.76 -11.62
C1 NAG I . -37.35 -14.24 -24.54
C2 NAG I . -38.59 -13.63 -23.87
C3 NAG I . -38.17 -12.69 -22.74
C4 NAG I . -37.23 -13.41 -21.80
C5 NAG I . -35.93 -13.73 -22.53
C6 NAG I . -35.38 -15.10 -22.21
C7 NAG I . -40.68 -13.31 -25.10
C8 NAG I . -41.39 -12.48 -26.12
N2 NAG I . -39.42 -12.94 -24.83
O3 NAG I . -39.33 -12.24 -22.04
O4 NAG I . -36.95 -12.59 -20.68
O5 NAG I . -36.11 -13.67 -23.96
O6 NAG I . -34.94 -15.19 -20.86
O7 NAG I . -41.22 -14.25 -24.54
C1 NAG J . -18.41 15.90 -9.56
C2 NAG J . -16.93 16.28 -9.63
C3 NAG J . -16.65 17.45 -8.71
C4 NAG J . -17.57 18.62 -9.03
C5 NAG J . -19.03 18.15 -9.03
C6 NAG J . -20.00 19.23 -9.47
C7 NAG J . -15.33 14.49 -10.15
C8 NAG J . -15.34 15.00 -11.56
N2 NAG J . -16.09 15.13 -9.27
O3 NAG J . -15.29 17.86 -8.84
O4 NAG J . -17.41 19.64 -8.06
O5 NAG J . -19.19 17.05 -9.93
O6 NAG J . -21.33 18.91 -9.10
O7 NAG J . -14.63 13.53 -9.82
C1 NAG K . -35.74 7.12 -7.70
C2 NAG K . -35.46 7.35 -9.18
C3 NAG K . -36.69 7.00 -10.01
C4 NAG K . -37.16 5.58 -9.69
C5 NAG K . -37.36 5.42 -8.19
C6 NAG K . -37.71 4.00 -7.78
C7 NAG K . -34.07 9.07 -10.27
C8 NAG K . -33.37 7.94 -10.95
N2 NAG K . -35.06 8.73 -9.43
O3 NAG K . -36.38 7.10 -11.39
O4 NAG K . -38.39 5.31 -10.35
O5 NAG K . -36.15 5.77 -7.49
O6 NAG K . -37.52 3.81 -6.39
O7 NAG K . -33.76 10.24 -10.45
C1 NAG L . -23.47 -11.18 14.56
C2 NAG L . -23.50 -11.86 15.92
C3 NAG L . -23.92 -13.32 15.79
C4 NAG L . -25.19 -13.46 14.94
C5 NAG L . -25.06 -12.67 13.65
C6 NAG L . -26.36 -12.73 12.85
C7 NAG L . -21.99 -11.01 17.62
C8 NAG L . -22.36 -11.61 18.93
N2 NAG L . -22.20 -11.78 16.54
O3 NAG L . -24.16 -13.87 17.10
O4 NAG L . -25.42 -14.83 14.65
O5 NAG L . -24.75 -11.30 13.94
O6 NAG L . -26.23 -13.72 11.81
O7 NAG L . -21.51 -9.88 17.51
C1 NAG M . -9.76 35.44 -42.99
C2 NAG M . -8.62 34.42 -43.00
C3 NAG M . -9.15 33.03 -42.63
C4 NAG M . -9.92 33.08 -41.33
C5 NAG M . -11.03 34.12 -41.42
C6 NAG M . -11.79 34.29 -40.13
C7 NAG M . -6.78 34.94 -44.54
C8 NAG M . -6.12 35.61 -43.39
N2 NAG M . -7.97 34.39 -44.30
O3 NAG M . -8.05 32.13 -42.51
O4 NAG M . -10.49 31.80 -41.05
O5 NAG M . -10.44 35.39 -41.73
O6 NAG M . -11.03 33.90 -39.01
O7 NAG M . -6.27 34.89 -45.66
C1 NAG N . -31.67 26.18 -54.75
C2 NAG N . -31.40 25.53 -53.37
C3 NAG N . -31.70 24.04 -53.42
C4 NAG N . -33.00 23.80 -54.16
C5 NAG N . -32.79 24.13 -55.64
C6 NAG N . -34.02 24.66 -56.33
C7 NAG N . -28.95 25.41 -53.63
C8 NAG N . -27.63 25.76 -53.02
N2 NAG N . -30.03 25.78 -52.95
O3 NAG N . -31.79 23.54 -52.09
O4 NAG N . -33.38 22.44 -54.04
O5 NAG N . -31.76 25.13 -55.79
O6 NAG N . -35.21 24.31 -55.62
O7 NAG N . -29.02 24.82 -54.71
C1 NAG O . -11.39 56.28 -42.75
C2 NAG O . -11.95 57.59 -42.17
C3 NAG O . -10.91 58.71 -42.32
C4 NAG O . -9.58 58.28 -41.70
C5 NAG O . -9.12 56.96 -42.31
C6 NAG O . -7.87 56.43 -41.67
C7 NAG O . -14.06 58.84 -42.33
C8 NAG O . -15.29 59.10 -43.14
N2 NAG O . -13.19 57.96 -42.84
O3 NAG O . -11.39 59.89 -41.67
O4 NAG O . -8.60 59.28 -41.96
O5 NAG O . -10.14 55.97 -42.12
O6 NAG O . -7.29 57.37 -40.77
O7 NAG O . -13.87 59.39 -41.25
C1 NAG P . -15.88 49.90 -53.49
C2 NAG P . -15.99 48.85 -54.61
C3 NAG P . -17.29 49.04 -55.39
C4 NAG P . -18.46 48.78 -54.47
C5 NAG P . -18.47 49.80 -53.33
C6 NAG P . -18.74 49.20 -51.97
C7 NAG P . -13.62 48.55 -55.16
C8 NAG P . -12.56 48.70 -56.22
N2 NAG P . -14.85 48.93 -55.52
O3 NAG P . -17.33 48.15 -56.50
O4 NAG P . -19.68 48.89 -55.20
O5 NAG P . -17.24 50.54 -53.23
O6 NAG P . -20.12 48.91 -51.79
O7 NAG P . -13.37 48.09 -54.05
C1 NAG Q . -0.17 40.50 -34.63
C2 NAG Q . 1.33 40.77 -34.78
C3 NAG Q . 2.11 39.46 -34.73
C4 NAG Q . 1.76 38.68 -33.47
C5 NAG Q . 0.25 38.48 -33.37
C6 NAG Q . -0.19 37.83 -32.09
C7 NAG Q . 2.71 42.20 -36.21
C8 NAG Q . 2.83 42.86 -37.56
N2 NAG Q . 1.60 41.47 -36.02
O3 NAG Q . 3.50 39.73 -34.75
O4 NAG Q . 2.39 37.41 -33.49
O5 NAG Q . -0.41 39.76 -33.42
O6 NAG Q . 0.06 36.43 -32.11
O7 NAG Q . 3.58 42.32 -35.36
C1 NAG R . -26.90 34.75 -24.38
C2 NAG R . -26.48 35.97 -23.58
C3 NAG R . -25.56 35.56 -22.43
C4 NAG R . -26.21 34.48 -21.59
C5 NAG R . -26.63 33.31 -22.47
C6 NAG R . -27.37 32.24 -21.72
C7 NAG R . -26.26 38.23 -24.51
C8 NAG R . -25.48 39.11 -25.43
N2 NAG R . -25.84 36.96 -24.42
O3 NAG R . -25.28 36.70 -21.62
O4 NAG R . -25.31 34.03 -20.58
O5 NAG R . -27.49 33.77 -23.51
O6 NAG R . -26.99 32.21 -20.35
O7 NAG R . -27.22 38.65 -23.87
C1 NAG S . -39.24 42.86 -14.60
C2 NAG S . -40.13 43.47 -13.54
C3 NAG S . -40.46 42.44 -12.46
C4 NAG S . -41.04 41.17 -13.08
C5 NAG S . -40.09 40.66 -14.17
C6 NAG S . -40.65 39.46 -14.92
C7 NAG S . -40.19 45.77 -12.70
C8 NAG S . -39.40 46.89 -12.10
N2 NAG S . -39.51 44.65 -12.94
O3 NAG S . -41.39 42.99 -11.54
O4 NAG S . -41.21 40.18 -12.08
O5 NAG S . -39.86 41.69 -15.14
O6 NAG S . -39.69 38.93 -15.81
O7 NAG S . -41.38 45.90 -12.97
C1 NAG T . -35.75 58.48 -17.84
C2 NAG T . -36.14 59.61 -16.90
C3 NAG T . -37.50 59.33 -16.28
C4 NAG T . -38.53 59.08 -17.38
C5 NAG T . -38.05 57.98 -18.31
C6 NAG T . -38.98 57.78 -19.49
C7 NAG T . -34.81 61.00 -15.37
C8 NAG T . -33.76 61.01 -14.31
N2 NAG T . -35.14 59.80 -15.86
O3 NAG T . -37.90 60.43 -15.47
O4 NAG T . -39.78 58.72 -16.79
O5 NAG T . -36.77 58.31 -18.84
O6 NAG T . -39.66 58.98 -19.82
O7 NAG T . -35.35 62.03 -15.78
#